data_7SUN
#
_entry.id   7SUN
#
_cell.length_a   1.00
_cell.length_b   1.00
_cell.length_c   1.00
_cell.angle_alpha   90.00
_cell.angle_beta   90.00
_cell.angle_gamma   90.00
#
_symmetry.space_group_name_H-M   'P 1'
#
_entity_poly.entity_id   1
_entity_poly.type   'polypeptide(L)'
_entity_poly.pdbx_seq_one_letter_code
;MDHAEENEIPVATQKYHVERPIFSHPVLQERLHVKDKVSESIGDKLKQAFTCTPKKIRNIIYMFLPITKWLPAYKFKEYV
LGDLVSGISTGVLQLPQGLAFAMLAAVPPVFGLYSSFYPVIMYCFFGTSRHISIGPFAVISLMIGGVAVRLVPDDIVIPG
GVNATNGTEARDALRVKVAMSVTLLSGIIQFCLGVCRFGFVAIYLTEPLVRGFTTAAAVHVFTSMLKYLFGVKTKRYSGI
FSVVYSTVAVLQNVKNLNVCSLGVGLMVFGLLLGGKEFNERFKEKLPAPIPLEFFAVVMGTGISAGFNLHESYSVDVVGT
LPLGLLPPANPDTSLFHLVYVDAIAIAIVGFSVTISMAKTLANKHGYQVDGNQELIALGICNSIGSLFQTFSISCSLSRS
LVQEGTGGKTQLAGCLASLMILLVILATGFLFESLPQAVLSAIVIVNLKGMFMQFSDLPFFWRTSKIELTIWLTTFVSSL
FLGLDYGLITAVIIALLTVIYRTQSPSYKVLGQLPDTDVYIDIDAYEEVKEIPGIKIFQINAPIYYANSDLYSNALKRKT
GVNPALIMGARRKAMRKYAKEVGNANIANAAVVKVDGEVDGENATKPEEEDDEVKYPPIVIKTTFPEELQRFMPQTENVH
TIILDFTQVNFIDSVGVKTLAVMVKEYGDVGIYVYLAGCSPQVVNDLTRNRFFENPALKELLFHSIHDAVLGSHVREAMA
EQEASAPPPQDDMEPNATPTTPEAARDPPVATMVSKGEELFTGVVPILVELDGDVNGHKFSVSGEGEGDATYGKLTLKFI
CTTGKLPVPWPTLVTTFGYGLQCFARYPDHMKQHDFFKSAMPEGYVQERTIFFKDDGNYKTRAEVKFEGDTLVNRIELKG
IDFKEDGNILGHKLEYNYNSHNVYIMADKQKNGIKVNFKIRHNIEDGSVQLADHYQQNTPIGDGPVLLPDNHYLSYQSAL
SKDPNEKRDHMVLLEFVTAAGITLGMDELYKEQKLISEEDLNMHTGHHHHHH
;
_entity_poly.pdbx_strand_id   A,B
#
# COMPACT_ATOMS: atom_id res chain seq x y z
N THR A 13 12.80 48.68 8.87
CA THR A 13 12.38 47.37 8.39
C THR A 13 11.23 47.49 7.40
N GLN A 14 11.06 46.45 6.57
CA GLN A 14 9.95 46.40 5.61
C GLN A 14 8.77 45.74 6.29
N LYS A 15 7.85 46.56 6.78
CA LYS A 15 6.65 46.04 7.45
C LYS A 15 5.75 45.33 6.44
N TYR A 16 5.09 44.29 6.93
CA TYR A 16 4.16 43.50 6.10
C TYR A 16 2.89 44.32 5.90
N HIS A 17 2.84 45.04 4.78
CA HIS A 17 1.71 45.91 4.46
C HIS A 17 1.32 45.66 3.01
N VAL A 18 0.09 45.19 2.79
CA VAL A 18 -0.42 44.92 1.45
C VAL A 18 -1.82 45.48 1.33
N GLU A 19 -2.12 46.05 0.16
CA GLU A 19 -3.43 46.62 -0.15
C GLU A 19 -3.86 46.03 -1.49
N ARG A 20 -4.63 44.95 -1.44
CA ARG A 20 -5.15 44.27 -2.61
C ARG A 20 -6.63 44.01 -2.40
N PRO A 21 -7.40 43.86 -3.46
CA PRO A 21 -8.83 43.55 -3.33
C PRO A 21 -9.02 42.09 -2.94
N ILE A 22 -10.30 41.70 -2.85
CA ILE A 22 -10.62 40.29 -2.61
C ILE A 22 -10.25 39.48 -3.84
N PHE A 23 -9.74 38.27 -3.61
CA PHE A 23 -9.19 37.44 -4.67
C PHE A 23 -9.87 36.07 -4.68
N SER A 24 -11.20 36.07 -4.68
CA SER A 24 -11.94 34.85 -4.99
C SER A 24 -11.62 34.40 -6.41
N HIS A 25 -12.02 33.16 -6.73
CA HIS A 25 -11.60 32.54 -7.98
C HIS A 25 -12.02 33.31 -9.24
N PRO A 26 -13.27 33.80 -9.39
CA PRO A 26 -13.58 34.56 -10.62
C PRO A 26 -12.82 35.87 -10.74
N VAL A 27 -12.76 36.65 -9.66
CA VAL A 27 -12.11 37.95 -9.73
C VAL A 27 -10.60 37.80 -9.88
N LEU A 28 -10.03 36.72 -9.36
CA LEU A 28 -8.60 36.46 -9.58
C LEU A 28 -8.34 35.98 -10.99
N GLN A 29 -9.21 35.11 -11.51
CA GLN A 29 -8.99 34.55 -12.85
C GLN A 29 -9.18 35.60 -13.93
N GLU A 30 -10.10 36.56 -13.71
CA GLU A 30 -10.30 37.60 -14.70
C GLU A 30 -9.10 38.54 -14.79
N ARG A 31 -8.22 38.53 -13.80
CA ARG A 31 -7.00 39.33 -13.84
C ARG A 31 -5.80 38.54 -14.35
N LEU A 32 -5.98 37.28 -14.72
CA LEU A 32 -4.92 36.43 -15.23
C LEU A 32 -5.23 35.97 -16.64
N HIS A 33 -4.18 35.68 -17.41
CA HIS A 33 -4.31 35.21 -18.78
C HIS A 33 -3.60 33.87 -18.92
N VAL A 34 -4.21 32.95 -19.68
CA VAL A 34 -3.67 31.62 -19.83
C VAL A 34 -2.39 31.68 -20.65
N LYS A 35 -1.48 30.73 -20.41
CA LYS A 35 -0.19 30.68 -21.08
C LYS A 35 -0.34 30.50 -22.59
N ASP A 36 0.82 30.55 -23.27
CA ASP A 36 0.94 29.96 -24.59
C ASP A 36 1.16 28.46 -24.50
N LYS A 37 1.54 27.95 -23.32
CA LYS A 37 1.77 26.52 -23.06
C LYS A 37 2.83 25.98 -24.02
N VAL A 38 4.07 26.43 -23.76
CA VAL A 38 5.22 26.06 -24.58
C VAL A 38 5.28 24.56 -24.81
N SER A 39 5.74 24.17 -25.99
CA SER A 39 5.61 22.80 -26.47
C SER A 39 6.56 21.88 -25.72
N GLU A 40 6.01 21.00 -24.89
CA GLU A 40 6.76 19.90 -24.27
C GLU A 40 6.24 18.61 -24.88
N SER A 41 6.92 18.12 -25.91
CA SER A 41 6.46 17.00 -26.71
C SER A 41 7.33 15.77 -26.47
N ILE A 42 6.84 14.64 -26.95
CA ILE A 42 7.57 13.38 -26.82
C ILE A 42 8.80 13.39 -27.71
N GLY A 43 8.71 14.00 -28.89
CA GLY A 43 9.84 14.03 -29.80
C GLY A 43 11.02 14.81 -29.28
N ASP A 44 10.74 15.89 -28.53
CA ASP A 44 11.83 16.69 -27.95
C ASP A 44 12.64 15.86 -26.96
N LYS A 45 11.97 15.08 -26.12
CA LYS A 45 12.67 14.16 -25.24
C LYS A 45 13.35 13.05 -26.03
N LEU A 46 12.73 12.62 -27.14
CA LEU A 46 13.26 11.50 -27.91
C LEU A 46 14.58 11.84 -28.57
N LYS A 47 14.69 13.04 -29.16
CA LYS A 47 15.93 13.38 -29.86
C LYS A 47 17.06 13.68 -28.88
N GLN A 48 16.74 14.09 -27.66
CA GLN A 48 17.75 14.33 -26.64
C GLN A 48 18.32 12.99 -26.16
N ALA A 49 19.50 13.06 -25.55
CA ALA A 49 20.22 11.90 -25.01
C ALA A 49 20.59 10.90 -26.09
N PHE A 50 20.81 11.40 -27.32
CA PHE A 50 21.31 10.55 -28.40
C PHE A 50 22.34 11.30 -29.25
N THR A 51 22.74 12.51 -28.87
CA THR A 51 23.75 13.25 -29.63
C THR A 51 25.13 12.62 -29.48
N CYS A 52 25.35 11.85 -28.41
CA CYS A 52 26.58 11.11 -28.18
C CYS A 52 27.79 12.06 -28.09
N THR A 53 27.67 13.06 -27.23
CA THR A 53 28.79 13.93 -26.92
C THR A 53 29.83 13.15 -26.10
N PRO A 54 31.10 13.57 -26.15
CA PRO A 54 32.11 12.91 -25.31
C PRO A 54 31.78 12.94 -23.83
N LYS A 55 31.19 14.05 -23.36
CA LYS A 55 30.79 14.13 -21.96
C LYS A 55 29.71 13.10 -21.64
N LYS A 56 28.75 12.91 -22.55
CA LYS A 56 27.67 11.95 -22.30
C LYS A 56 28.19 10.52 -22.27
N ILE A 57 29.05 10.16 -23.22
CA ILE A 57 29.61 8.81 -23.24
C ILE A 57 30.50 8.57 -22.03
N ARG A 58 31.26 9.60 -21.62
CA ARG A 58 32.08 9.47 -20.42
C ARG A 58 31.22 9.28 -19.18
N ASN A 59 30.09 10.00 -19.10
CA ASN A 59 29.18 9.82 -17.97
C ASN A 59 28.55 8.43 -17.96
N ILE A 60 28.18 7.92 -19.14
CA ILE A 60 27.62 6.59 -19.22
C ILE A 60 28.64 5.55 -18.79
N ILE A 61 29.89 5.70 -19.22
CA ILE A 61 30.95 4.78 -18.80
C ILE A 61 31.17 4.86 -17.29
N TYR A 62 31.16 6.07 -16.74
CA TYR A 62 31.35 6.24 -15.31
C TYR A 62 30.22 5.59 -14.52
N MET A 63 28.98 5.74 -14.98
CA MET A 63 27.84 5.17 -14.27
C MET A 63 27.83 3.65 -14.37
N PHE A 64 28.03 3.11 -15.57
CA PHE A 64 27.95 1.66 -15.75
C PHE A 64 29.17 0.97 -15.17
N LEU A 65 30.35 1.55 -15.36
CA LEU A 65 31.63 0.96 -14.94
C LEU A 65 32.32 1.97 -14.03
N PRO A 66 32.15 1.87 -12.72
CA PRO A 66 32.63 2.92 -11.81
C PRO A 66 34.08 2.78 -11.35
N ILE A 67 34.76 1.66 -11.62
CA ILE A 67 36.14 1.50 -11.14
C ILE A 67 37.05 2.55 -11.77
N THR A 68 36.79 2.95 -13.00
CA THR A 68 37.59 3.99 -13.64
C THR A 68 37.29 5.39 -13.10
N LYS A 69 36.25 5.52 -12.26
CA LYS A 69 35.87 6.83 -11.75
C LYS A 69 36.72 7.27 -10.56
N TRP A 70 36.77 6.45 -9.51
CA TRP A 70 37.37 6.87 -8.26
C TRP A 70 38.80 6.41 -8.08
N LEU A 71 39.36 5.60 -9.00
CA LEU A 71 40.78 5.29 -8.92
C LEU A 71 41.67 6.52 -9.09
N PRO A 72 41.44 7.42 -10.06
CA PRO A 72 42.20 8.68 -10.04
C PRO A 72 41.95 9.54 -8.82
N ALA A 73 40.79 9.40 -8.17
CA ALA A 73 40.49 10.14 -6.96
C ALA A 73 41.16 9.57 -5.72
N TYR A 74 41.76 8.38 -5.84
CA TYR A 74 42.42 7.76 -4.70
C TYR A 74 43.67 8.54 -4.31
N LYS A 75 43.83 8.79 -3.02
CA LYS A 75 44.94 9.57 -2.49
C LYS A 75 45.85 8.68 -1.64
N PHE A 76 47.14 8.68 -1.96
CA PHE A 76 48.08 7.86 -1.21
C PHE A 76 48.38 8.41 0.18
N LYS A 77 48.12 9.71 0.40
CA LYS A 77 48.57 10.35 1.63
C LYS A 77 47.77 9.89 2.83
N GLU A 78 46.44 9.85 2.71
CA GLU A 78 45.58 9.63 3.86
C GLU A 78 44.67 8.41 3.73
N TYR A 79 44.79 7.63 2.66
CA TYR A 79 43.95 6.46 2.47
C TYR A 79 44.68 5.14 2.60
N VAL A 80 46.01 5.12 2.43
CA VAL A 80 46.74 3.87 2.27
C VAL A 80 46.70 3.04 3.55
N LEU A 81 47.01 3.65 4.69
CA LEU A 81 47.09 2.90 5.93
C LEU A 81 45.71 2.40 6.36
N GLY A 82 44.69 3.25 6.25
CA GLY A 82 43.34 2.82 6.58
C GLY A 82 42.86 1.72 5.67
N ASP A 83 43.15 1.83 4.37
CA ASP A 83 42.74 0.80 3.43
C ASP A 83 43.45 -0.52 3.70
N LEU A 84 44.74 -0.46 4.04
CA LEU A 84 45.49 -1.68 4.35
C LEU A 84 44.94 -2.35 5.61
N VAL A 85 44.67 -1.57 6.65
CA VAL A 85 44.12 -2.14 7.89
C VAL A 85 42.75 -2.74 7.63
N SER A 86 41.91 -2.03 6.87
CA SER A 86 40.57 -2.53 6.57
C SER A 86 40.62 -3.80 5.75
N GLY A 87 41.52 -3.87 4.77
CA GLY A 87 41.66 -5.08 3.97
C GLY A 87 42.15 -6.25 4.78
N ILE A 88 43.12 -6.02 5.67
CA ILE A 88 43.62 -7.09 6.53
C ILE A 88 42.49 -7.63 7.40
N SER A 89 41.75 -6.74 8.05
CA SER A 89 40.66 -7.17 8.93
C SER A 89 39.57 -7.88 8.13
N THR A 90 39.26 -7.37 6.93
CA THR A 90 38.22 -7.97 6.11
C THR A 90 38.61 -9.38 5.68
N GLY A 91 39.86 -9.59 5.27
CA GLY A 91 40.29 -10.93 4.91
C GLY A 91 40.32 -11.87 6.10
N VAL A 92 40.79 -11.38 7.25
CA VAL A 92 40.84 -12.17 8.47
C VAL A 92 39.45 -12.65 8.85
N LEU A 93 38.45 -11.77 8.78
CA LEU A 93 37.10 -12.21 9.09
C LEU A 93 36.48 -13.01 7.95
N GLN A 94 36.92 -12.77 6.72
CA GLN A 94 36.31 -13.42 5.56
C GLN A 94 36.69 -14.88 5.46
N LEU A 95 37.87 -15.24 5.95
CA LEU A 95 38.28 -16.64 5.88
C LEU A 95 37.33 -17.57 6.65
N PRO A 96 37.21 -17.48 7.97
CA PRO A 96 36.41 -18.50 8.67
C PRO A 96 34.92 -18.32 8.49
N GLN A 97 34.45 -17.08 8.35
CA GLN A 97 33.04 -16.84 8.08
C GLN A 97 32.64 -17.40 6.71
N GLY A 98 33.51 -17.23 5.71
CA GLY A 98 33.25 -17.82 4.41
C GLY A 98 33.25 -19.33 4.45
N LEU A 99 34.22 -19.91 5.20
CA LEU A 99 34.23 -21.35 5.37
C LEU A 99 32.94 -21.84 6.05
N ALA A 100 32.46 -21.09 7.03
CA ALA A 100 31.24 -21.46 7.74
C ALA A 100 30.04 -21.44 6.82
N PHE A 101 29.89 -20.39 6.02
CA PHE A 101 28.78 -20.36 5.07
C PHE A 101 28.90 -21.49 4.05
N ALA A 102 30.12 -21.80 3.62
CA ALA A 102 30.31 -22.89 2.65
C ALA A 102 29.87 -24.22 3.24
N MET A 103 30.34 -24.55 4.44
CA MET A 103 29.96 -25.83 5.05
C MET A 103 28.51 -25.84 5.50
N LEU A 104 27.89 -24.66 5.62
CA LEU A 104 26.45 -24.61 5.86
C LEU A 104 25.67 -24.87 4.57
N ALA A 105 26.20 -24.47 3.42
CA ALA A 105 25.52 -24.63 2.14
C ALA A 105 25.62 -26.03 1.56
N ALA A 106 25.98 -27.03 2.38
CA ALA A 106 26.09 -28.42 1.95
C ALA A 106 27.08 -28.60 0.80
N VAL A 107 28.12 -27.78 0.78
CA VAL A 107 29.18 -27.87 -0.23
C VAL A 107 30.52 -27.86 0.49
N PRO A 108 31.56 -28.41 -0.14
CA PRO A 108 32.87 -28.38 0.48
C PRO A 108 33.35 -26.95 0.67
N PRO A 109 34.11 -26.69 1.75
CA PRO A 109 34.52 -25.30 2.04
C PRO A 109 35.41 -24.68 0.98
N VAL A 110 36.06 -25.48 0.13
CA VAL A 110 36.89 -24.92 -0.92
C VAL A 110 36.04 -24.11 -1.89
N PHE A 111 34.78 -24.50 -2.09
CA PHE A 111 33.90 -23.70 -2.92
C PHE A 111 33.58 -22.37 -2.26
N GLY A 112 33.51 -22.33 -0.93
CA GLY A 112 33.42 -21.05 -0.25
C GLY A 112 34.66 -20.21 -0.43
N LEU A 113 35.83 -20.85 -0.47
CA LEU A 113 37.05 -20.12 -0.77
C LEU A 113 37.01 -19.50 -2.17
N TYR A 114 36.51 -20.26 -3.15
CA TYR A 114 36.31 -19.68 -4.49
C TYR A 114 35.31 -18.54 -4.45
N SER A 115 34.22 -18.71 -3.70
CA SER A 115 33.18 -17.70 -3.59
C SER A 115 33.56 -16.56 -2.66
N SER A 116 34.78 -16.54 -2.14
CA SER A 116 35.28 -15.43 -1.36
C SER A 116 36.35 -14.63 -2.08
N PHE A 117 36.78 -15.05 -3.28
CA PHE A 117 37.85 -14.37 -4.00
C PHE A 117 37.37 -13.73 -5.30
N TYR A 118 36.80 -14.50 -6.22
CA TYR A 118 36.34 -13.94 -7.49
C TYR A 118 35.24 -12.89 -7.33
N PRO A 119 34.15 -13.13 -6.59
CA PRO A 119 33.09 -12.12 -6.55
C PRO A 119 33.52 -10.80 -5.95
N VAL A 120 34.44 -10.81 -4.99
CA VAL A 120 34.87 -9.55 -4.38
C VAL A 120 35.59 -8.68 -5.41
N ILE A 121 36.49 -9.29 -6.19
CA ILE A 121 37.21 -8.55 -7.22
C ILE A 121 36.25 -8.07 -8.30
N MET A 122 35.30 -8.92 -8.69
CA MET A 122 34.35 -8.52 -9.73
C MET A 122 33.48 -7.37 -9.27
N TYR A 123 33.06 -7.39 -8.00
CA TYR A 123 32.29 -6.27 -7.46
C TYR A 123 33.15 -5.03 -7.33
N CYS A 124 34.43 -5.19 -7.00
CA CYS A 124 35.33 -4.04 -6.98
C CYS A 124 35.41 -3.40 -8.36
N PHE A 125 35.45 -4.22 -9.40
CA PHE A 125 35.47 -3.67 -10.76
C PHE A 125 34.14 -3.03 -11.13
N PHE A 126 33.01 -3.58 -10.66
CA PHE A 126 31.72 -3.12 -11.16
C PHE A 126 30.80 -2.50 -10.11
N GLY A 127 30.96 -2.82 -8.83
CA GLY A 127 30.04 -2.30 -7.83
C GLY A 127 30.27 -0.84 -7.51
N THR A 128 29.24 -0.22 -6.93
CA THR A 128 29.25 1.20 -6.61
C THR A 128 29.61 1.48 -5.15
N SER A 129 29.01 0.74 -4.23
CA SER A 129 29.26 0.97 -2.80
C SER A 129 30.72 0.71 -2.47
N ARG A 130 31.32 1.62 -1.71
CA ARG A 130 32.75 1.56 -1.40
C ARG A 130 33.03 1.21 0.06
N HIS A 131 32.04 0.72 0.80
CA HIS A 131 32.26 0.36 2.20
C HIS A 131 31.65 -0.98 2.60
N ILE A 132 30.86 -1.62 1.74
CA ILE A 132 30.25 -2.90 2.07
C ILE A 132 31.23 -4.01 1.70
N SER A 133 31.09 -5.15 2.38
CA SER A 133 31.93 -6.31 2.10
C SER A 133 31.08 -7.35 1.37
N ILE A 134 31.61 -7.85 0.25
CA ILE A 134 30.90 -8.80 -0.60
C ILE A 134 31.44 -10.19 -0.34
N GLY A 135 30.55 -11.17 -0.30
CA GLY A 135 30.94 -12.56 -0.16
C GLY A 135 29.75 -13.45 0.04
N PRO A 136 29.94 -14.57 0.71
CA PRO A 136 28.80 -15.43 1.05
C PRO A 136 28.01 -14.83 2.20
N PHE A 137 26.71 -15.11 2.18
CA PHE A 137 25.79 -14.65 3.21
C PHE A 137 24.96 -15.83 3.70
N ALA A 138 24.44 -15.73 4.92
CA ALA A 138 23.88 -16.90 5.58
C ALA A 138 22.61 -17.39 4.89
N VAL A 139 21.57 -16.56 4.85
CA VAL A 139 20.27 -17.02 4.36
C VAL A 139 20.38 -17.45 2.91
N ILE A 140 21.29 -16.83 2.15
CA ILE A 140 21.60 -17.32 0.81
C ILE A 140 22.12 -18.75 0.87
N SER A 141 23.03 -19.01 1.82
CA SER A 141 23.55 -20.36 1.97
C SER A 141 22.48 -21.35 2.42
N LEU A 142 21.56 -20.92 3.28
CA LEU A 142 20.45 -21.78 3.66
C LEU A 142 19.57 -22.10 2.46
N MET A 143 19.28 -21.11 1.62
CA MET A 143 18.49 -21.36 0.43
C MET A 143 19.20 -22.31 -0.52
N ILE A 144 20.51 -22.12 -0.71
CA ILE A 144 21.28 -23.01 -1.58
C ILE A 144 21.28 -24.43 -1.03
N GLY A 145 21.47 -24.58 0.27
CA GLY A 145 21.46 -25.91 0.87
C GLY A 145 20.11 -26.58 0.78
N GLY A 146 19.04 -25.82 0.99
CA GLY A 146 17.71 -26.37 0.85
C GLY A 146 17.40 -26.82 -0.56
N VAL A 147 17.83 -26.02 -1.56
CA VAL A 147 17.63 -26.39 -2.96
C VAL A 147 18.42 -27.66 -3.28
N ALA A 148 19.67 -27.72 -2.83
CA ALA A 148 20.52 -28.88 -3.11
C ALA A 148 19.97 -30.13 -2.45
N VAL A 149 19.44 -30.00 -1.24
CA VAL A 149 18.82 -31.15 -0.56
C VAL A 149 17.56 -31.58 -1.29
N ARG A 150 16.73 -30.62 -1.72
CA ARG A 150 15.49 -30.96 -2.40
C ARG A 150 15.75 -31.67 -3.72
N LEU A 151 16.77 -31.23 -4.46
CA LEU A 151 17.14 -31.93 -5.68
C LEU A 151 17.86 -33.24 -5.37
N VAL A 152 18.98 -33.14 -4.66
CA VAL A 152 19.79 -34.30 -4.31
C VAL A 152 19.57 -34.57 -2.81
N PRO A 153 18.79 -35.60 -2.45
CA PRO A 153 18.54 -35.85 -1.02
C PRO A 153 19.78 -36.36 -0.32
N ASP A 154 19.63 -36.56 1.00
CA ASP A 154 20.73 -37.08 1.80
C ASP A 154 21.13 -38.48 1.36
N ASP A 155 20.15 -39.31 1.02
CA ASP A 155 20.41 -40.65 0.53
C ASP A 155 20.12 -40.69 -0.97
N ILE A 156 21.16 -40.90 -1.77
CA ILE A 156 21.05 -41.01 -3.21
C ILE A 156 21.84 -42.23 -3.67
N VAL A 157 21.48 -42.74 -4.84
CA VAL A 157 22.10 -43.93 -5.40
C VAL A 157 23.07 -43.49 -6.50
N ILE A 158 24.32 -43.90 -6.38
CA ILE A 158 25.34 -43.57 -7.36
C ILE A 158 25.92 -44.84 -7.97
N THR A 165 35.33 -46.62 1.44
CA THR A 165 34.04 -46.96 0.87
C THR A 165 32.93 -46.11 1.46
N ASN A 166 31.74 -46.18 0.85
CA ASN A 166 30.56 -45.43 1.27
C ASN A 166 30.84 -43.94 1.33
N GLY A 167 31.57 -43.44 0.34
CA GLY A 167 31.91 -42.03 0.29
C GLY A 167 30.75 -41.17 -0.18
N THR A 168 30.99 -39.86 -0.19
CA THR A 168 29.98 -38.88 -0.57
C THR A 168 30.49 -37.89 -1.61
N GLU A 169 31.59 -38.23 -2.30
CA GLU A 169 32.15 -37.30 -3.28
C GLU A 169 31.19 -37.07 -4.45
N ALA A 170 30.52 -38.12 -4.91
CA ALA A 170 29.54 -37.96 -5.98
C ALA A 170 28.35 -37.14 -5.50
N ARG A 171 27.90 -37.37 -4.26
CA ARG A 171 26.80 -36.58 -3.71
C ARG A 171 27.19 -35.10 -3.61
N ASP A 172 28.41 -34.83 -3.15
CA ASP A 172 28.87 -33.45 -3.07
C ASP A 172 29.01 -32.83 -4.46
N ALA A 173 29.42 -33.63 -5.45
CA ALA A 173 29.51 -33.14 -6.82
C ALA A 173 28.14 -32.76 -7.36
N LEU A 174 27.14 -33.60 -7.12
CA LEU A 174 25.77 -33.26 -7.55
C LEU A 174 25.26 -32.02 -6.82
N ARG A 175 25.57 -31.91 -5.53
CA ARG A 175 25.16 -30.74 -4.76
C ARG A 175 25.80 -29.47 -5.30
N VAL A 176 27.09 -29.52 -5.64
CA VAL A 176 27.73 -28.31 -6.15
C VAL A 176 27.24 -28.01 -7.57
N LYS A 177 26.88 -29.04 -8.35
CA LYS A 177 26.32 -28.77 -9.67
C LYS A 177 24.99 -28.04 -9.58
N VAL A 178 24.08 -28.52 -8.71
CA VAL A 178 22.79 -27.85 -8.58
C VAL A 178 22.96 -26.46 -7.96
N ALA A 179 23.92 -26.32 -7.03
CA ALA A 179 24.20 -25.01 -6.46
C ALA A 179 24.70 -24.04 -7.52
N MET A 180 25.60 -24.48 -8.39
CA MET A 180 26.08 -23.61 -9.46
C MET A 180 24.96 -23.27 -10.43
N SER A 181 24.08 -24.22 -10.72
CA SER A 181 22.97 -23.96 -11.63
C SER A 181 22.05 -22.88 -11.07
N VAL A 182 21.64 -23.01 -9.81
CA VAL A 182 20.73 -22.02 -9.23
C VAL A 182 21.44 -20.68 -9.05
N THR A 183 22.75 -20.71 -8.75
CA THR A 183 23.50 -19.47 -8.63
C THR A 183 23.57 -18.74 -9.96
N LEU A 184 23.84 -19.46 -11.06
CA LEU A 184 23.88 -18.83 -12.37
C LEU A 184 22.51 -18.28 -12.75
N LEU A 185 21.44 -19.04 -12.46
CA LEU A 185 20.11 -18.55 -12.75
C LEU A 185 19.80 -17.27 -11.98
N SER A 186 20.18 -17.23 -10.70
CA SER A 186 19.99 -16.01 -9.91
C SER A 186 20.79 -14.86 -10.49
N GLY A 187 22.03 -15.12 -10.92
CA GLY A 187 22.83 -14.06 -11.51
C GLY A 187 22.22 -13.50 -12.79
N ILE A 188 21.74 -14.38 -13.67
CA ILE A 188 21.14 -13.92 -14.92
C ILE A 188 19.86 -13.13 -14.65
N ILE A 189 19.02 -13.60 -13.71
CA ILE A 189 17.79 -12.86 -13.48
C ILE A 189 18.07 -11.53 -12.76
N GLN A 190 19.10 -11.48 -11.91
CA GLN A 190 19.49 -10.21 -11.32
C GLN A 190 19.99 -9.24 -12.37
N PHE A 191 20.80 -9.72 -13.31
CA PHE A 191 21.28 -8.86 -14.40
C PHE A 191 20.12 -8.38 -15.26
N CYS A 192 19.16 -9.27 -15.54
CA CYS A 192 17.99 -8.89 -16.33
C CYS A 192 17.15 -7.84 -15.61
N LEU A 193 16.97 -7.99 -14.30
CA LEU A 193 16.25 -6.98 -13.54
C LEU A 193 16.99 -5.66 -13.55
N GLY A 194 18.32 -5.70 -13.42
CA GLY A 194 19.10 -4.47 -13.42
C GLY A 194 19.06 -3.72 -14.73
N VAL A 195 19.20 -4.45 -15.86
CA VAL A 195 19.20 -3.79 -17.15
C VAL A 195 17.82 -3.29 -17.53
N CYS A 196 16.76 -3.87 -16.95
CA CYS A 196 15.40 -3.43 -17.22
C CYS A 196 14.96 -2.28 -16.31
N ARG A 197 15.93 -1.53 -15.76
CA ARG A 197 15.73 -0.35 -14.92
C ARG A 197 15.01 -0.67 -13.60
N PHE A 198 14.80 -1.94 -13.28
CA PHE A 198 14.29 -2.30 -11.96
C PHE A 198 15.39 -2.07 -10.93
N GLY A 199 15.02 -1.44 -9.82
CA GLY A 199 16.00 -1.01 -8.84
C GLY A 199 15.62 0.34 -8.29
N PHE A 200 14.57 0.94 -8.86
CA PHE A 200 13.99 2.14 -8.29
C PHE A 200 13.39 1.90 -6.92
N VAL A 201 13.08 0.64 -6.60
CA VAL A 201 12.56 0.28 -5.29
C VAL A 201 13.54 0.56 -4.16
N ALA A 202 14.79 0.91 -4.49
CA ALA A 202 15.71 1.39 -3.46
C ALA A 202 15.26 2.71 -2.87
N ILE A 203 14.38 3.45 -3.54
CA ILE A 203 13.79 4.65 -2.95
C ILE A 203 12.88 4.29 -1.77
N TYR A 204 12.38 3.06 -1.75
CA TYR A 204 11.73 2.49 -0.57
C TYR A 204 12.80 2.00 0.39
N LEU A 205 12.45 1.11 1.31
CA LEU A 205 13.38 0.55 2.28
C LEU A 205 13.91 1.64 3.22
N THR A 206 12.96 2.17 3.99
CA THR A 206 13.20 3.25 4.94
C THR A 206 14.27 2.82 5.95
N GLU A 207 14.93 3.82 6.57
CA GLU A 207 16.01 3.51 7.51
C GLU A 207 15.56 2.62 8.67
N PRO A 208 14.42 2.85 9.34
CA PRO A 208 13.92 1.82 10.26
C PRO A 208 13.67 0.48 9.59
N LEU A 209 13.19 0.50 8.34
CA LEU A 209 12.90 -0.76 7.66
C LEU A 209 14.18 -1.54 7.39
N VAL A 210 15.21 -0.88 6.88
CA VAL A 210 16.45 -1.59 6.60
C VAL A 210 17.13 -2.02 7.89
N ARG A 211 17.03 -1.21 8.95
CA ARG A 211 17.60 -1.60 10.23
C ARG A 211 16.91 -2.85 10.78
N GLY A 212 15.58 -2.89 10.70
CA GLY A 212 14.86 -4.07 11.15
C GLY A 212 15.15 -5.28 10.28
N PHE A 213 15.29 -5.08 8.97
CA PHE A 213 15.61 -6.18 8.08
C PHE A 213 16.98 -6.77 8.40
N THR A 214 17.98 -5.91 8.61
CA THR A 214 19.32 -6.40 8.96
C THR A 214 19.32 -7.09 10.31
N THR A 215 18.56 -6.56 11.28
CA THR A 215 18.48 -7.22 12.58
C THR A 215 17.83 -8.60 12.48
N ALA A 216 16.75 -8.71 11.70
CA ALA A 216 16.11 -10.01 11.51
C ALA A 216 17.03 -10.98 10.79
N ALA A 217 17.79 -10.49 9.80
CA ALA A 217 18.77 -11.33 9.14
C ALA A 217 19.83 -11.82 10.13
N ALA A 218 20.29 -10.94 11.02
CA ALA A 218 21.27 -11.33 12.02
C ALA A 218 20.72 -12.42 12.94
N VAL A 219 19.46 -12.27 13.36
CA VAL A 219 18.85 -13.29 14.22
C VAL A 219 18.71 -14.60 13.46
N HIS A 220 18.42 -14.52 12.16
CA HIS A 220 18.39 -15.73 11.34
C HIS A 220 19.74 -16.43 11.30
N VAL A 221 20.82 -15.66 11.15
CA VAL A 221 22.15 -16.27 11.14
C VAL A 221 22.45 -16.93 12.48
N PHE A 222 22.11 -16.24 13.57
CA PHE A 222 22.33 -16.79 14.91
C PHE A 222 21.59 -18.10 15.10
N THR A 223 20.31 -18.12 14.75
CA THR A 223 19.53 -19.35 14.94
C THR A 223 19.97 -20.44 13.97
N SER A 224 20.51 -20.08 12.81
CA SER A 224 20.98 -21.08 11.87
C SER A 224 22.27 -21.74 12.36
N MET A 225 23.19 -20.94 12.88
CA MET A 225 24.48 -21.47 13.31
C MET A 225 24.51 -21.90 14.77
N LEU A 226 23.40 -21.76 15.49
CA LEU A 226 23.32 -22.31 16.83
C LEU A 226 23.49 -23.83 16.80
N LYS A 227 22.88 -24.50 15.83
CA LYS A 227 23.02 -25.95 15.73
C LYS A 227 24.44 -26.35 15.36
N TYR A 228 25.14 -25.50 14.60
CA TYR A 228 26.52 -25.82 14.24
C TYR A 228 27.47 -25.57 15.41
N LEU A 229 27.15 -24.60 16.27
CA LEU A 229 27.92 -24.41 17.48
C LEU A 229 27.78 -25.61 18.41
N PHE A 230 26.57 -26.16 18.52
CA PHE A 230 26.32 -27.31 19.39
C PHE A 230 26.97 -28.59 18.87
N GLY A 231 27.44 -28.60 17.62
CA GLY A 231 28.02 -29.81 17.06
C GLY A 231 27.02 -30.92 16.83
N VAL A 232 25.82 -30.59 16.39
CA VAL A 232 24.79 -31.56 16.09
C VAL A 232 24.32 -31.36 14.66
N LYS A 233 24.05 -32.46 13.96
CA LYS A 233 23.62 -32.43 12.57
C LYS A 233 22.15 -32.81 12.51
N THR A 234 21.32 -31.90 12.00
CA THR A 234 19.89 -32.10 11.85
C THR A 234 19.49 -31.76 10.41
N LYS A 235 18.22 -31.98 10.10
CA LYS A 235 17.69 -31.59 8.81
C LYS A 235 17.59 -30.07 8.72
N ARG A 236 17.87 -29.53 7.54
CA ARG A 236 17.84 -28.10 7.32
C ARG A 236 16.45 -27.66 6.87
N TYR A 237 16.01 -26.52 7.39
CA TYR A 237 14.70 -25.96 7.09
C TYR A 237 14.85 -24.66 6.31
N SER A 238 14.16 -24.56 5.19
CA SER A 238 14.17 -23.37 4.36
C SER A 238 12.74 -23.02 3.95
N GLY A 239 12.40 -21.74 4.05
CA GLY A 239 11.07 -21.29 3.69
C GLY A 239 10.41 -20.47 4.77
N ILE A 240 9.08 -20.45 4.79
CA ILE A 240 8.35 -19.69 5.80
C ILE A 240 8.49 -20.39 7.16
N PHE A 241 8.52 -19.57 8.22
CA PHE A 241 8.69 -20.05 9.60
C PHE A 241 9.95 -20.87 9.76
N SER A 242 11.01 -20.46 9.06
CA SER A 242 12.27 -21.21 9.11
C SER A 242 12.94 -21.08 10.47
N VAL A 243 12.89 -19.88 11.06
CA VAL A 243 13.60 -19.64 12.31
C VAL A 243 13.00 -20.46 13.45
N VAL A 244 11.68 -20.53 13.54
CA VAL A 244 11.04 -21.26 14.63
C VAL A 244 11.25 -22.77 14.45
N TYR A 245 11.18 -23.25 13.21
CA TYR A 245 11.41 -24.66 12.95
C TYR A 245 12.85 -25.04 13.28
N SER A 246 13.81 -24.20 12.90
CA SER A 246 15.20 -24.48 13.21
C SER A 246 15.45 -24.46 14.71
N THR A 247 14.86 -23.50 15.42
CA THR A 247 15.02 -23.44 16.87
C THR A 247 14.41 -24.65 17.55
N VAL A 248 13.24 -25.10 17.08
CA VAL A 248 12.62 -26.30 17.63
C VAL A 248 13.47 -27.52 17.37
N ALA A 249 14.06 -27.61 16.17
CA ALA A 249 14.92 -28.73 15.84
C ALA A 249 16.17 -28.75 16.72
N VAL A 250 16.74 -27.57 17.00
CA VAL A 250 17.89 -27.50 17.89
C VAL A 250 17.49 -27.92 19.30
N LEU A 251 16.36 -27.41 19.79
CA LEU A 251 15.95 -27.67 21.17
C LEU A 251 15.59 -29.14 21.38
N GLN A 252 15.01 -29.78 20.36
CA GLN A 252 14.63 -31.18 20.49
C GLN A 252 15.84 -32.12 20.49
N ASN A 253 16.99 -31.67 20.01
CA ASN A 253 18.19 -32.49 19.93
C ASN A 253 19.29 -32.03 20.87
N VAL A 254 18.93 -31.33 21.95
CA VAL A 254 19.94 -30.97 22.94
C VAL A 254 20.34 -32.19 23.76
N LYS A 255 19.47 -33.20 23.83
CA LYS A 255 19.80 -34.42 24.55
C LYS A 255 20.95 -35.16 23.86
N ASN A 256 20.88 -35.29 22.55
CA ASN A 256 21.96 -35.88 21.77
C ASN A 256 22.98 -34.80 21.50
N LEU A 257 23.96 -34.68 22.40
CA LEU A 257 24.92 -33.59 22.35
C LEU A 257 26.31 -34.12 22.66
N ASN A 258 27.32 -33.44 22.12
CA ASN A 258 28.70 -33.67 22.52
C ASN A 258 29.18 -32.50 23.37
N VAL A 259 29.99 -32.81 24.39
CA VAL A 259 30.35 -31.81 25.37
C VAL A 259 31.63 -31.05 24.99
N CYS A 260 32.57 -31.71 24.31
CA CYS A 260 33.85 -31.08 24.06
C CYS A 260 33.76 -29.98 22.99
N SER A 261 33.00 -30.22 21.92
CA SER A 261 32.83 -29.19 20.90
C SER A 261 32.11 -27.98 21.46
N LEU A 262 31.05 -28.21 22.24
CA LEU A 262 30.34 -27.11 22.88
C LEU A 262 31.25 -26.37 23.85
N GLY A 263 32.08 -27.11 24.59
CA GLY A 263 33.00 -26.47 25.52
C GLY A 263 34.02 -25.59 24.83
N VAL A 264 34.63 -26.09 23.77
CA VAL A 264 35.63 -25.29 23.05
C VAL A 264 34.94 -24.11 22.37
N GLY A 265 33.70 -24.28 21.91
CA GLY A 265 32.96 -23.15 21.37
C GLY A 265 32.71 -22.08 22.41
N LEU A 266 32.37 -22.49 23.63
CA LEU A 266 32.15 -21.50 24.69
C LEU A 266 33.46 -20.81 25.10
N MET A 267 34.57 -21.55 25.14
CA MET A 267 35.85 -20.91 25.47
C MET A 267 36.25 -19.89 24.40
N VAL A 268 36.11 -20.25 23.12
CA VAL A 268 36.47 -19.29 22.08
C VAL A 268 35.46 -18.14 22.05
N PHE A 269 34.20 -18.40 22.39
CA PHE A 269 33.20 -17.35 22.53
C PHE A 269 33.61 -16.34 23.59
N GLY A 270 33.99 -16.83 24.77
CA GLY A 270 34.43 -15.93 25.83
C GLY A 270 35.70 -15.19 25.48
N LEU A 271 36.65 -15.88 24.84
CA LEU A 271 37.90 -15.24 24.46
C LEU A 271 37.66 -14.12 23.45
N LEU A 272 36.79 -14.36 22.46
CA LEU A 272 36.49 -13.32 21.47
C LEU A 272 35.72 -12.17 22.08
N LEU A 273 34.78 -12.46 22.98
CA LEU A 273 34.05 -11.39 23.64
C LEU A 273 34.99 -10.52 24.46
N GLY A 274 35.89 -11.15 25.21
CA GLY A 274 36.87 -10.39 25.98
C GLY A 274 37.80 -9.58 25.11
N GLY A 275 38.25 -10.17 23.98
CA GLY A 275 39.12 -9.44 23.08
C GLY A 275 38.44 -8.24 22.43
N LYS A 276 37.17 -8.42 22.03
CA LYS A 276 36.44 -7.30 21.46
C LYS A 276 36.20 -6.20 22.48
N GLU A 277 35.88 -6.58 23.73
CA GLU A 277 35.71 -5.56 24.77
C GLU A 277 37.02 -4.86 25.06
N PHE A 278 38.14 -5.57 25.02
CA PHE A 278 39.44 -4.94 25.23
C PHE A 278 39.78 -3.99 24.09
N ASN A 279 39.46 -4.39 22.85
CA ASN A 279 39.71 -3.51 21.71
C ASN A 279 38.87 -2.24 21.79
N GLU A 280 37.60 -2.37 22.20
CA GLU A 280 36.75 -1.20 22.34
C GLU A 280 37.19 -0.32 23.50
N ARG A 281 37.64 -0.93 24.60
CA ARG A 281 38.07 -0.17 25.76
C ARG A 281 39.36 0.59 25.48
N PHE A 282 40.27 -0.02 24.73
CA PHE A 282 41.55 0.59 24.39
C PHE A 282 41.59 1.13 22.96
N LYS A 283 40.47 1.67 22.49
CA LYS A 283 40.41 2.18 21.12
C LYS A 283 41.37 3.35 20.90
N GLU A 284 41.61 4.16 21.92
CA GLU A 284 42.51 5.31 21.81
C GLU A 284 43.99 4.91 21.83
N LYS A 285 44.33 3.77 22.42
CA LYS A 285 45.72 3.42 22.68
C LYS A 285 46.40 2.73 21.50
N LEU A 286 45.85 1.63 21.00
CA LEU A 286 46.47 0.93 19.89
C LEU A 286 46.37 1.76 18.61
N PRO A 287 47.41 1.73 17.77
CA PRO A 287 47.32 2.45 16.49
C PRO A 287 46.20 1.93 15.60
N ALA A 288 45.93 0.63 15.64
CA ALA A 288 44.86 0.01 14.88
C ALA A 288 44.32 -1.17 15.65
N PRO A 289 43.04 -1.50 15.49
CA PRO A 289 42.49 -2.69 16.15
C PRO A 289 43.13 -3.96 15.60
N ILE A 290 43.71 -4.74 16.50
CA ILE A 290 44.43 -5.96 16.10
C ILE A 290 43.44 -6.98 15.56
N PRO A 291 43.78 -7.72 14.50
CA PRO A 291 42.87 -8.75 13.97
C PRO A 291 42.86 -10.01 14.84
N LEU A 292 42.10 -9.94 15.93
CA LEU A 292 42.03 -11.06 16.87
C LEU A 292 41.34 -12.28 16.28
N GLU A 293 40.56 -12.11 15.20
CA GLU A 293 39.90 -13.23 14.57
C GLU A 293 40.88 -14.19 13.92
N PHE A 294 42.08 -13.73 13.57
CA PHE A 294 43.11 -14.61 13.02
C PHE A 294 43.80 -15.39 14.11
N PHE A 295 44.13 -14.73 15.22
CA PHE A 295 44.69 -15.44 16.37
C PHE A 295 43.72 -16.49 16.88
N ALA A 296 42.43 -16.16 16.90
CA ALA A 296 41.42 -17.10 17.35
C ALA A 296 41.43 -18.37 16.50
N VAL A 297 41.36 -18.22 15.18
CA VAL A 297 41.26 -19.39 14.32
C VAL A 297 42.57 -20.17 14.32
N VAL A 298 43.72 -19.47 14.40
CA VAL A 298 44.99 -20.20 14.37
C VAL A 298 45.20 -20.98 15.67
N MET A 299 44.82 -20.41 16.82
CA MET A 299 44.90 -21.18 18.06
C MET A 299 43.89 -22.32 18.07
N GLY A 300 42.70 -22.10 17.51
CA GLY A 300 41.71 -23.17 17.45
C GLY A 300 42.19 -24.35 16.62
N THR A 301 42.73 -24.08 15.44
CA THR A 301 43.21 -25.18 14.61
C THR A 301 44.48 -25.80 15.18
N GLY A 302 45.31 -25.02 15.87
CA GLY A 302 46.47 -25.60 16.53
C GLY A 302 46.08 -26.55 17.65
N ILE A 303 45.09 -26.16 18.46
CA ILE A 303 44.61 -27.05 19.52
C ILE A 303 43.95 -28.29 18.92
N SER A 304 43.18 -28.12 17.84
CA SER A 304 42.53 -29.25 17.20
C SER A 304 43.57 -30.23 16.64
N ALA A 305 44.64 -29.72 16.04
CA ALA A 305 45.68 -30.60 15.51
C ALA A 305 46.47 -31.28 16.62
N GLY A 306 46.80 -30.52 17.68
CA GLY A 306 47.62 -31.09 18.74
C GLY A 306 46.89 -32.11 19.58
N PHE A 307 45.73 -31.75 20.11
CA PHE A 307 45.00 -32.63 21.00
C PHE A 307 44.20 -33.70 20.27
N ASN A 308 44.00 -33.54 18.96
CA ASN A 308 43.38 -34.55 18.10
C ASN A 308 41.97 -34.91 18.59
N LEU A 309 41.09 -33.93 18.50
CA LEU A 309 39.69 -34.11 18.91
C LEU A 309 38.84 -34.78 17.85
N HIS A 310 39.34 -34.93 16.62
CA HIS A 310 38.50 -35.38 15.51
C HIS A 310 37.97 -36.79 15.73
N GLU A 311 38.73 -37.64 16.41
CA GLU A 311 38.26 -38.98 16.74
C GLU A 311 38.33 -39.31 18.22
N SER A 312 39.11 -38.57 19.03
CA SER A 312 39.09 -38.78 20.47
C SER A 312 37.72 -38.41 21.05
N TYR A 313 37.15 -37.30 20.60
CA TYR A 313 35.81 -36.89 21.01
C TYR A 313 34.82 -36.90 19.86
N SER A 314 35.26 -37.27 18.65
CA SER A 314 34.41 -37.37 17.46
C SER A 314 33.67 -36.07 17.18
N VAL A 315 34.37 -34.95 17.28
CA VAL A 315 33.76 -33.65 17.05
C VAL A 315 33.74 -33.38 15.55
N ASP A 316 32.85 -32.48 15.14
CA ASP A 316 32.76 -32.12 13.73
C ASP A 316 33.96 -31.29 13.30
N VAL A 317 34.53 -31.65 12.15
CA VAL A 317 35.71 -30.99 11.62
C VAL A 317 35.42 -30.59 10.17
N VAL A 318 35.94 -29.42 9.78
CA VAL A 318 35.68 -28.89 8.44
C VAL A 318 36.24 -29.81 7.37
N GLY A 319 37.28 -30.57 7.68
CA GLY A 319 37.78 -31.58 6.76
C GLY A 319 38.91 -31.09 5.88
N THR A 320 39.29 -31.97 4.95
CA THR A 320 40.38 -31.69 4.04
C THR A 320 40.03 -30.56 3.08
N LEU A 321 41.02 -29.73 2.77
CA LEU A 321 40.82 -28.54 1.94
C LEU A 321 41.68 -28.65 0.69
N PRO A 322 41.10 -28.83 -0.49
CA PRO A 322 41.90 -28.92 -1.71
C PRO A 322 42.62 -27.61 -2.02
N LEU A 323 43.78 -27.74 -2.66
CA LEU A 323 44.60 -26.60 -3.09
C LEU A 323 44.53 -26.54 -4.61
N GLY A 324 43.56 -25.79 -5.12
CA GLY A 324 43.36 -25.71 -6.55
C GLY A 324 42.70 -24.43 -6.99
N LEU A 325 42.77 -24.17 -8.29
CA LEU A 325 42.20 -23.01 -8.95
C LEU A 325 41.48 -23.44 -10.22
N LEU A 326 40.58 -24.42 -10.07
CA LEU A 326 39.91 -25.19 -11.13
C LEU A 326 39.48 -24.34 -12.32
N PRO A 327 39.59 -24.87 -13.53
CA PRO A 327 39.28 -24.10 -14.74
C PRO A 327 37.79 -23.79 -14.82
N PRO A 328 37.42 -22.76 -15.59
CA PRO A 328 35.99 -22.45 -15.76
C PRO A 328 35.23 -23.60 -16.38
N ALA A 329 33.99 -23.78 -15.94
CA ALA A 329 33.14 -24.84 -16.45
C ALA A 329 31.73 -24.28 -16.68
N ASN A 330 31.03 -24.87 -17.64
CA ASN A 330 29.66 -24.45 -17.92
C ASN A 330 28.69 -25.21 -17.02
N PRO A 331 27.84 -24.49 -16.27
CA PRO A 331 26.91 -25.18 -15.36
C PRO A 331 25.78 -25.89 -16.09
N ASP A 332 24.87 -26.50 -15.34
CA ASP A 332 23.79 -27.29 -15.90
C ASP A 332 22.60 -26.38 -16.17
N THR A 333 22.35 -26.09 -17.45
CA THR A 333 21.25 -25.22 -17.82
C THR A 333 19.90 -25.94 -17.71
N SER A 334 19.87 -27.24 -18.02
CA SER A 334 18.62 -27.97 -18.11
C SER A 334 17.84 -28.02 -16.80
N LEU A 335 18.50 -27.75 -15.67
CA LEU A 335 17.87 -27.80 -14.37
C LEU A 335 17.17 -26.49 -14.03
N PHE A 336 17.22 -25.50 -14.92
CA PHE A 336 16.59 -24.21 -14.64
C PHE A 336 15.08 -24.33 -14.48
N HIS A 337 14.47 -25.35 -15.09
CA HIS A 337 13.01 -25.47 -15.11
C HIS A 337 12.43 -25.72 -13.72
N LEU A 338 13.21 -26.25 -12.78
CA LEU A 338 12.71 -26.61 -11.47
C LEU A 338 13.16 -25.63 -10.38
N VAL A 339 14.07 -24.72 -10.68
CA VAL A 339 14.61 -23.81 -9.68
C VAL A 339 14.20 -22.37 -9.99
N TYR A 340 13.02 -22.20 -10.59
CA TYR A 340 12.51 -20.86 -10.88
C TYR A 340 12.33 -20.04 -9.61
N VAL A 341 11.41 -20.49 -8.73
CA VAL A 341 11.05 -19.70 -7.56
C VAL A 341 12.23 -19.59 -6.60
N ASP A 342 13.04 -20.65 -6.50
CA ASP A 342 14.19 -20.62 -5.61
C ASP A 342 15.22 -19.58 -6.05
N ALA A 343 15.53 -19.56 -7.35
CA ALA A 343 16.48 -18.56 -7.85
C ALA A 343 15.91 -17.16 -7.77
N ILE A 344 14.59 -17.02 -7.98
CA ILE A 344 13.95 -15.71 -7.84
C ILE A 344 14.11 -15.20 -6.41
N ALA A 345 13.83 -16.07 -5.43
CA ALA A 345 13.96 -15.68 -4.03
C ALA A 345 15.41 -15.35 -3.68
N ILE A 346 16.35 -16.15 -4.18
CA ILE A 346 17.76 -15.93 -3.88
C ILE A 346 18.21 -14.58 -4.43
N ALA A 347 17.85 -14.29 -5.68
CA ALA A 347 18.22 -13.02 -6.29
C ALA A 347 17.60 -11.85 -5.56
N ILE A 348 16.31 -11.96 -5.22
CA ILE A 348 15.63 -10.86 -4.54
C ILE A 348 16.27 -10.59 -3.18
N VAL A 349 16.53 -11.66 -2.42
CA VAL A 349 17.09 -11.48 -1.08
C VAL A 349 18.51 -10.91 -1.17
N GLY A 350 19.32 -11.41 -2.11
CA GLY A 350 20.68 -10.91 -2.24
C GLY A 350 20.72 -9.45 -2.62
N PHE A 351 19.93 -9.06 -3.62
CA PHE A 351 19.88 -7.65 -4.01
C PHE A 351 19.38 -6.78 -2.87
N SER A 352 18.35 -7.25 -2.15
CA SER A 352 17.78 -6.47 -1.07
C SER A 352 18.80 -6.25 0.04
N VAL A 353 19.50 -7.31 0.43
CA VAL A 353 20.51 -7.19 1.49
C VAL A 353 21.64 -6.27 1.05
N THR A 354 22.12 -6.43 -0.18
CA THR A 354 23.23 -5.61 -0.66
C THR A 354 22.85 -4.14 -0.70
N ILE A 355 21.68 -3.83 -1.27
CA ILE A 355 21.27 -2.42 -1.37
C ILE A 355 20.93 -1.87 0.01
N SER A 356 20.43 -2.70 0.92
CA SER A 356 20.15 -2.25 2.28
C SER A 356 21.42 -1.82 2.99
N MET A 357 22.45 -2.69 2.97
CA MET A 357 23.69 -2.34 3.66
C MET A 357 24.41 -1.20 2.96
N ALA A 358 24.32 -1.13 1.63
CA ALA A 358 24.92 -0.02 0.90
C ALA A 358 24.26 1.30 1.29
N LYS A 359 22.93 1.33 1.36
CA LYS A 359 22.24 2.55 1.76
C LYS A 359 22.53 2.92 3.21
N THR A 360 22.59 1.92 4.09
CA THR A 360 22.90 2.19 5.49
C THR A 360 24.29 2.82 5.64
N LEU A 361 25.29 2.24 4.98
CA LEU A 361 26.63 2.79 5.09
C LEU A 361 26.76 4.14 4.38
N ALA A 362 26.05 4.33 3.26
CA ALA A 362 26.09 5.61 2.58
C ALA A 362 25.48 6.71 3.44
N ASN A 363 24.36 6.42 4.12
CA ASN A 363 23.79 7.40 5.03
C ASN A 363 24.68 7.62 6.25
N LYS A 364 25.39 6.57 6.69
CA LYS A 364 26.33 6.73 7.79
C LYS A 364 27.48 7.66 7.42
N HIS A 365 27.97 7.57 6.18
CA HIS A 365 29.10 8.40 5.78
C HIS A 365 28.65 9.70 5.12
N GLY A 366 27.78 9.62 4.12
CA GLY A 366 27.25 10.83 3.52
C GLY A 366 27.02 10.76 2.02
N TYR A 367 27.66 9.83 1.34
CA TYR A 367 27.52 9.71 -0.11
C TYR A 367 26.24 8.93 -0.42
N GLN A 368 26.08 8.55 -1.68
CA GLN A 368 24.87 7.86 -2.13
C GLN A 368 25.26 6.72 -3.05
N VAL A 369 24.36 5.74 -3.17
CA VAL A 369 24.56 4.58 -4.01
C VAL A 369 23.39 4.45 -4.98
N ASP A 370 23.64 3.79 -6.11
CA ASP A 370 22.64 3.60 -7.16
C ASP A 370 22.13 2.18 -7.11
N GLY A 371 20.81 2.02 -6.94
CA GLY A 371 20.24 0.69 -6.86
C GLY A 371 20.37 -0.10 -8.15
N ASN A 372 20.15 0.57 -9.29
CA ASN A 372 20.26 -0.10 -10.58
C ASN A 372 21.68 -0.60 -10.82
N GLN A 373 22.67 0.25 -10.52
CA GLN A 373 24.06 -0.15 -10.71
C GLN A 373 24.44 -1.30 -9.78
N GLU A 374 23.99 -1.25 -8.53
CA GLU A 374 24.25 -2.34 -7.60
C GLU A 374 23.65 -3.64 -8.10
N LEU A 375 22.41 -3.59 -8.60
CA LEU A 375 21.76 -4.80 -9.09
C LEU A 375 22.47 -5.36 -10.32
N ILE A 376 22.85 -4.49 -11.25
CA ILE A 376 23.57 -4.94 -12.44
C ILE A 376 24.91 -5.57 -12.06
N ALA A 377 25.66 -4.90 -11.18
CA ALA A 377 26.96 -5.40 -10.78
C ALA A 377 26.84 -6.74 -10.08
N LEU A 378 25.88 -6.86 -9.16
CA LEU A 378 25.69 -8.13 -8.46
C LEU A 378 25.27 -9.24 -9.42
N GLY A 379 24.38 -8.93 -10.36
CA GLY A 379 23.93 -9.95 -11.29
C GLY A 379 25.05 -10.44 -12.19
N ILE A 380 25.80 -9.52 -12.79
CA ILE A 380 26.90 -9.94 -13.67
C ILE A 380 28.00 -10.61 -12.87
N CYS A 381 28.22 -10.17 -11.64
CA CYS A 381 29.22 -10.78 -10.78
C CYS A 381 28.87 -12.23 -10.47
N ASN A 382 27.61 -12.47 -10.09
CA ASN A 382 27.17 -13.83 -9.81
C ASN A 382 27.20 -14.68 -11.07
N SER A 383 26.80 -14.11 -12.21
CA SER A 383 26.77 -14.87 -13.45
C SER A 383 28.17 -15.32 -13.87
N ILE A 384 29.15 -14.41 -13.81
CA ILE A 384 30.50 -14.78 -14.19
C ILE A 384 31.13 -15.70 -13.15
N GLY A 385 30.88 -15.45 -11.87
CA GLY A 385 31.48 -16.26 -10.82
C GLY A 385 30.90 -17.66 -10.74
N SER A 386 29.68 -17.86 -11.25
CA SER A 386 29.11 -19.20 -11.28
C SER A 386 29.91 -20.12 -12.19
N LEU A 387 30.53 -19.56 -13.23
CA LEU A 387 31.46 -20.35 -14.04
C LEU A 387 32.71 -20.71 -13.28
N PHE A 388 33.00 -20.04 -12.18
CA PHE A 388 34.20 -20.26 -11.39
C PHE A 388 33.95 -21.14 -10.16
N GLN A 389 32.87 -21.94 -10.20
CA GLN A 389 32.49 -22.84 -9.11
C GLN A 389 32.29 -22.08 -7.80
N THR A 390 31.47 -21.03 -7.87
CA THR A 390 31.12 -20.23 -6.69
C THR A 390 29.60 -20.16 -6.58
N PHE A 391 29.10 -20.28 -5.35
CA PHE A 391 27.66 -20.19 -5.14
C PHE A 391 27.24 -18.72 -5.08
N SER A 392 25.95 -18.50 -4.82
CA SER A 392 25.40 -17.14 -4.86
C SER A 392 25.98 -16.30 -3.74
N ILE A 393 26.18 -15.01 -4.02
CA ILE A 393 26.80 -14.09 -3.09
C ILE A 393 25.77 -13.05 -2.66
N SER A 394 26.17 -12.24 -1.69
CA SER A 394 25.40 -11.10 -1.19
C SER A 394 26.36 -10.25 -0.36
N CYS A 395 25.81 -9.26 0.34
CA CYS A 395 26.61 -8.45 1.24
C CYS A 395 26.66 -9.09 2.61
N SER A 396 27.87 -9.30 3.14
CA SER A 396 28.04 -9.83 4.48
C SER A 396 27.90 -8.67 5.47
N LEU A 397 26.88 -8.72 6.31
CA LEU A 397 26.56 -7.59 7.19
C LEU A 397 27.63 -7.40 8.25
N SER A 398 28.06 -8.49 8.90
CA SER A 398 29.06 -8.38 9.95
C SER A 398 30.39 -7.88 9.39
N ARG A 399 30.81 -8.42 8.25
CA ARG A 399 32.03 -7.94 7.60
C ARG A 399 31.90 -6.49 7.17
N SER A 400 30.71 -6.09 6.72
CA SER A 400 30.51 -4.70 6.31
C SER A 400 30.62 -3.75 7.49
N LEU A 401 30.02 -4.10 8.63
CA LEU A 401 30.16 -3.24 9.81
C LEU A 401 31.59 -3.21 10.32
N VAL A 402 32.29 -4.34 10.29
CA VAL A 402 33.65 -4.28 10.82
C VAL A 402 34.54 -3.50 9.87
N GLN A 403 34.28 -3.55 8.55
CA GLN A 403 35.01 -2.71 7.61
C GLN A 403 34.71 -1.24 7.83
N GLU A 404 33.45 -0.90 8.11
CA GLU A 404 33.10 0.48 8.42
C GLU A 404 33.79 0.95 9.70
N GLY A 405 33.78 0.11 10.73
CA GLY A 405 34.37 0.50 12.00
C GLY A 405 35.88 0.65 11.95
N THR A 406 36.56 -0.26 11.26
CA THR A 406 38.01 -0.20 11.20
C THR A 406 38.52 0.96 10.36
N GLY A 407 37.65 1.60 9.58
CA GLY A 407 38.06 2.77 8.82
C GLY A 407 38.23 2.52 7.34
N GLY A 408 37.37 1.69 6.75
CA GLY A 408 37.39 1.50 5.31
C GLY A 408 37.00 2.76 4.57
N LYS A 409 37.66 3.01 3.45
CA LYS A 409 37.40 4.22 2.68
C LYS A 409 37.19 3.92 1.20
N THR A 410 37.79 2.83 0.72
CA THR A 410 37.67 2.42 -0.67
C THR A 410 37.34 0.94 -0.74
N GLN A 411 37.11 0.46 -1.97
CA GLN A 411 36.84 -0.96 -2.20
C GLN A 411 38.09 -1.79 -2.33
N LEU A 412 39.29 -1.18 -2.31
CA LEU A 412 40.51 -1.95 -2.40
C LEU A 412 40.76 -2.79 -1.15
N ALA A 413 40.05 -2.51 -0.05
CA ALA A 413 40.11 -3.38 1.11
C ALA A 413 39.58 -4.77 0.78
N GLY A 414 38.50 -4.83 0.01
CA GLY A 414 38.03 -6.11 -0.49
C GLY A 414 39.04 -6.79 -1.39
N CYS A 415 39.76 -6.01 -2.18
CA CYS A 415 40.81 -6.58 -3.03
C CYS A 415 41.92 -7.20 -2.18
N LEU A 416 42.32 -6.51 -1.11
CA LEU A 416 43.32 -7.07 -0.20
C LEU A 416 42.79 -8.32 0.50
N ALA A 417 41.51 -8.31 0.85
CA ALA A 417 40.89 -9.50 1.44
C ALA A 417 40.94 -10.69 0.48
N SER A 418 40.64 -10.42 -0.80
CA SER A 418 40.71 -11.48 -1.81
C SER A 418 42.13 -11.97 -2.01
N LEU A 419 43.11 -11.06 -1.98
CA LEU A 419 44.50 -11.47 -2.08
C LEU A 419 44.91 -12.35 -0.91
N MET A 420 44.46 -12.00 0.30
CA MET A 420 44.74 -12.85 1.46
C MET A 420 44.08 -14.22 1.33
N ILE A 421 42.85 -14.25 0.81
CA ILE A 421 42.15 -15.52 0.60
C ILE A 421 42.91 -16.37 -0.40
N LEU A 422 43.40 -15.76 -1.49
CA LEU A 422 44.20 -16.48 -2.47
C LEU A 422 45.49 -17.01 -1.86
N LEU A 423 46.16 -16.20 -1.04
CA LEU A 423 47.39 -16.66 -0.39
C LEU A 423 47.12 -17.83 0.53
N VAL A 424 45.95 -17.85 1.18
CA VAL A 424 45.56 -19.01 1.98
C VAL A 424 45.31 -20.21 1.08
N ILE A 425 44.62 -20.01 -0.05
CA ILE A 425 44.21 -21.11 -0.91
C ILE A 425 45.44 -21.83 -1.48
N LEU A 426 46.40 -21.06 -2.02
CA LEU A 426 47.49 -21.69 -2.74
C LEU A 426 48.48 -22.37 -1.79
N ALA A 427 48.74 -21.78 -0.62
CA ALA A 427 49.78 -22.29 0.26
C ALA A 427 49.24 -22.75 1.61
N THR A 428 48.47 -21.91 2.30
CA THR A 428 48.10 -22.16 3.69
C THR A 428 46.87 -23.05 3.80
N GLY A 429 46.27 -23.45 2.67
CA GLY A 429 45.00 -24.16 2.69
C GLY A 429 45.03 -25.47 3.45
N PHE A 430 46.15 -26.19 3.41
CA PHE A 430 46.24 -27.47 4.12
C PHE A 430 46.41 -27.31 5.62
N LEU A 431 46.60 -26.09 6.12
CA LEU A 431 46.72 -25.86 7.55
C LEU A 431 45.37 -25.94 8.27
N PHE A 432 44.27 -25.69 7.57
CA PHE A 432 42.95 -25.64 8.19
C PHE A 432 42.21 -26.96 8.08
N GLU A 433 42.89 -28.06 7.77
CA GLU A 433 42.21 -29.35 7.68
C GLU A 433 41.65 -29.77 9.03
N SER A 434 42.39 -29.50 10.12
CA SER A 434 41.93 -29.82 11.47
C SER A 434 41.42 -28.53 12.12
N LEU A 435 40.19 -28.17 11.75
CA LEU A 435 39.55 -26.96 12.26
C LEU A 435 38.12 -27.29 12.66
N PRO A 436 37.78 -27.22 13.94
CA PRO A 436 36.42 -27.56 14.37
C PRO A 436 35.42 -26.53 13.88
N GLN A 437 34.24 -27.01 13.47
CA GLN A 437 33.19 -26.13 12.99
C GLN A 437 32.58 -25.30 14.09
N ALA A 438 32.70 -25.73 15.35
CA ALA A 438 32.19 -24.93 16.47
C ALA A 438 32.95 -23.61 16.59
N VAL A 439 34.25 -23.62 16.29
CA VAL A 439 35.04 -22.39 16.31
C VAL A 439 34.53 -21.43 15.24
N LEU A 440 34.25 -21.95 14.03
CA LEU A 440 33.72 -21.11 12.97
C LEU A 440 32.36 -20.53 13.35
N SER A 441 31.50 -21.36 13.93
CA SER A 441 30.20 -20.87 14.36
C SER A 441 30.35 -19.78 15.42
N ALA A 442 31.21 -20.00 16.41
CA ALA A 442 31.38 -19.02 17.48
C ALA A 442 31.99 -17.72 16.98
N ILE A 443 32.94 -17.79 16.04
CA ILE A 443 33.53 -16.57 15.53
C ILE A 443 32.50 -15.81 14.69
N VAL A 444 31.62 -16.53 13.98
CA VAL A 444 30.53 -15.85 13.29
C VAL A 444 29.62 -15.14 14.28
N ILE A 445 29.27 -15.80 15.39
CA ILE A 445 28.39 -15.16 16.38
C ILE A 445 29.06 -13.94 17.01
N VAL A 446 30.35 -14.04 17.35
CA VAL A 446 30.99 -12.92 18.03
C VAL A 446 31.14 -11.73 17.08
N ASN A 447 31.41 -11.98 15.80
CA ASN A 447 31.51 -10.86 14.88
C ASN A 447 30.15 -10.39 14.40
N LEU A 448 29.09 -11.16 14.67
CA LEU A 448 27.73 -10.74 14.38
C LEU A 448 27.06 -10.05 15.55
N LYS A 449 27.63 -10.19 16.76
CA LYS A 449 27.06 -9.53 17.93
C LYS A 449 27.05 -8.01 17.80
N GLY A 450 27.83 -7.46 16.86
CA GLY A 450 27.86 -6.03 16.65
C GLY A 450 26.58 -5.45 16.08
N MET A 451 25.74 -6.27 15.45
CA MET A 451 24.44 -5.82 14.98
C MET A 451 23.34 -5.90 16.03
N PHE A 452 23.55 -6.63 17.12
CA PHE A 452 22.53 -6.64 18.15
C PHE A 452 22.48 -5.32 18.91
N MET A 453 23.50 -4.47 18.76
CA MET A 453 23.42 -3.10 19.24
C MET A 453 22.50 -2.22 18.39
N GLN A 454 22.10 -2.69 17.20
CA GLN A 454 21.13 -1.95 16.41
C GLN A 454 19.74 -1.98 17.03
N PHE A 455 19.51 -2.81 18.05
CA PHE A 455 18.27 -2.77 18.80
C PHE A 455 18.10 -1.48 19.59
N SER A 456 19.16 -0.67 19.71
CA SER A 456 19.11 0.57 20.48
C SER A 456 18.18 1.61 19.88
N ASP A 457 17.74 1.42 18.64
CA ASP A 457 16.79 2.37 18.04
C ASP A 457 15.36 2.13 18.51
N LEU A 458 15.07 1.01 19.18
CA LEU A 458 13.74 0.79 19.73
C LEU A 458 13.35 1.84 20.77
N PRO A 459 14.17 2.15 21.78
CA PRO A 459 13.83 3.30 22.64
C PRO A 459 14.07 4.63 21.94
N PHE A 460 14.91 4.66 20.91
CA PHE A 460 15.09 5.87 20.12
C PHE A 460 13.87 6.16 19.27
N PHE A 461 13.01 5.15 19.07
CA PHE A 461 11.79 5.35 18.29
C PHE A 461 10.53 5.32 19.15
N TRP A 462 10.60 4.80 20.37
CA TRP A 462 9.41 4.81 21.22
C TRP A 462 9.06 6.22 21.68
N ARG A 463 10.03 6.91 22.28
CA ARG A 463 9.83 8.29 22.73
C ARG A 463 9.91 9.30 21.60
N THR A 464 10.13 8.85 20.37
CA THR A 464 10.36 9.75 19.25
C THR A 464 9.80 9.12 17.99
N SER A 465 8.66 9.65 17.51
CA SER A 465 8.05 9.23 16.24
C SER A 465 7.70 7.74 16.25
N LYS A 466 6.71 7.41 17.08
CA LYS A 466 6.26 6.03 17.25
C LYS A 466 5.86 5.36 15.95
N ILE A 467 5.61 6.12 14.89
CA ILE A 467 5.35 5.51 13.58
C ILE A 467 6.58 4.77 13.08
N GLU A 468 7.76 5.36 13.27
CA GLU A 468 8.98 4.65 12.95
C GLU A 468 9.14 3.42 13.83
N LEU A 469 8.69 3.51 15.08
CA LEU A 469 8.72 2.35 15.96
C LEU A 469 7.88 1.21 15.42
N THR A 470 6.66 1.51 14.98
CA THR A 470 5.79 0.44 14.51
C THR A 470 6.23 -0.09 13.14
N ILE A 471 6.82 0.76 12.30
CA ILE A 471 7.34 0.25 11.03
C ILE A 471 8.56 -0.64 11.29
N TRP A 472 9.39 -0.29 12.28
CA TRP A 472 10.52 -1.13 12.64
C TRP A 472 10.04 -2.47 13.18
N LEU A 473 9.07 -2.46 14.08
CA LEU A 473 8.55 -3.71 14.64
C LEU A 473 7.89 -4.56 13.57
N THR A 474 7.11 -3.94 12.68
CA THR A 474 6.46 -4.70 11.62
C THR A 474 7.48 -5.35 10.69
N THR A 475 8.50 -4.59 10.29
CA THR A 475 9.54 -5.14 9.42
C THR A 475 10.28 -6.28 10.11
N PHE A 476 10.66 -6.08 11.38
CA PHE A 476 11.42 -7.10 12.08
C PHE A 476 10.60 -8.37 12.29
N VAL A 477 9.32 -8.22 12.66
CA VAL A 477 8.49 -9.39 12.92
C VAL A 477 8.20 -10.14 11.62
N SER A 478 7.81 -9.41 10.56
CA SER A 478 7.50 -10.06 9.30
C SER A 478 8.75 -10.58 8.60
N SER A 479 9.94 -10.12 8.99
CA SER A 479 11.18 -10.56 8.38
C SER A 479 11.87 -11.67 9.17
N LEU A 480 11.58 -11.81 10.45
CA LEU A 480 12.17 -12.86 11.26
C LEU A 480 11.32 -14.13 11.24
N PHE A 481 10.05 -14.01 11.63
CA PHE A 481 9.12 -15.14 11.69
C PHE A 481 8.63 -15.59 10.33
N LEU A 482 9.20 -15.05 9.25
CA LEU A 482 8.78 -15.39 7.90
C LEU A 482 9.98 -15.20 6.99
N GLY A 483 9.98 -15.92 5.88
CA GLY A 483 11.13 -15.90 4.98
C GLY A 483 11.38 -14.52 4.42
N LEU A 484 12.65 -14.21 4.18
CA LEU A 484 13.04 -12.86 3.79
C LEU A 484 12.45 -12.49 2.43
N ASP A 485 12.33 -13.46 1.52
CA ASP A 485 11.84 -13.17 0.19
C ASP A 485 10.40 -12.64 0.20
N TYR A 486 9.53 -13.19 1.04
CA TYR A 486 8.22 -12.59 1.24
C TYR A 486 8.17 -11.65 2.43
N GLY A 487 9.08 -11.81 3.39
CA GLY A 487 9.07 -10.94 4.55
C GLY A 487 9.38 -9.50 4.19
N LEU A 488 10.35 -9.28 3.30
CA LEU A 488 10.66 -7.91 2.93
C LEU A 488 9.57 -7.29 2.08
N ILE A 489 8.94 -8.08 1.20
CA ILE A 489 7.89 -7.49 0.36
C ILE A 489 6.67 -7.14 1.22
N THR A 490 6.35 -7.96 2.22
CA THR A 490 5.24 -7.58 3.08
C THR A 490 5.62 -6.44 4.02
N ALA A 491 6.89 -6.38 4.46
CA ALA A 491 7.33 -5.25 5.25
C ALA A 491 7.21 -3.96 4.47
N VAL A 492 7.57 -3.99 3.18
CA VAL A 492 7.38 -2.84 2.30
C VAL A 492 5.90 -2.52 2.14
N ILE A 493 5.05 -3.54 2.04
CA ILE A 493 3.62 -3.30 1.84
C ILE A 493 3.03 -2.55 3.04
N ILE A 494 3.27 -3.05 4.26
CA ILE A 494 2.79 -2.31 5.43
C ILE A 494 3.53 -0.99 5.60
N ALA A 495 4.79 -0.90 5.16
CA ALA A 495 5.51 0.37 5.22
C ALA A 495 4.83 1.44 4.38
N LEU A 496 4.37 1.07 3.18
CA LEU A 496 3.71 2.03 2.32
C LEU A 496 2.26 2.27 2.72
N LEU A 497 1.59 1.27 3.30
CA LEU A 497 0.26 1.50 3.85
C LEU A 497 0.30 2.32 5.13
N THR A 498 1.47 2.46 5.74
CA THR A 498 1.61 3.36 6.88
C THR A 498 1.31 4.80 6.49
N VAL A 499 1.71 5.19 5.28
CA VAL A 499 1.36 6.52 4.79
C VAL A 499 -0.16 6.66 4.66
N ILE A 500 -0.82 5.59 4.21
CA ILE A 500 -2.28 5.61 4.12
C ILE A 500 -2.90 5.80 5.48
N TYR A 501 -2.39 5.07 6.48
CA TYR A 501 -2.92 5.21 7.84
C TYR A 501 -2.69 6.61 8.37
N ARG A 502 -1.49 7.16 8.14
CA ARG A 502 -1.19 8.51 8.59
C ARG A 502 -2.09 9.53 7.91
N THR A 503 -2.50 9.27 6.68
CA THR A 503 -3.51 10.10 6.02
C THR A 503 -4.87 9.95 6.68
N GLN A 504 -5.25 8.71 7.02
CA GLN A 504 -6.58 8.44 7.56
C GLN A 504 -6.80 9.00 8.95
N SER A 505 -5.76 9.51 9.61
CA SER A 505 -5.88 10.18 10.91
C SER A 505 -5.31 11.59 10.75
N PRO A 506 -6.09 12.52 10.18
CA PRO A 506 -5.58 13.88 9.98
C PRO A 506 -5.50 14.67 11.27
N SER A 507 -5.15 15.95 11.16
CA SER A 507 -5.19 16.83 12.33
C SER A 507 -6.61 17.06 12.79
N TYR A 508 -7.52 17.36 11.85
CA TYR A 508 -8.92 17.64 12.13
C TYR A 508 -9.08 18.74 13.19
N LYS A 509 -8.60 19.92 12.86
CA LYS A 509 -8.60 21.04 13.79
C LYS A 509 -9.50 22.16 13.27
N VAL A 510 -10.40 22.63 14.13
CA VAL A 510 -11.17 23.84 13.87
C VAL A 510 -10.35 25.02 14.37
N LEU A 511 -10.25 26.07 13.56
CA LEU A 511 -9.29 27.12 13.79
C LEU A 511 -9.93 28.50 13.64
N GLY A 512 -9.44 29.44 14.45
CA GLY A 512 -9.86 30.83 14.36
C GLY A 512 -8.69 31.72 14.00
N GLN A 513 -8.78 33.02 14.26
CA GLN A 513 -7.71 33.95 13.96
C GLN A 513 -7.44 34.86 15.14
N LEU A 514 -6.18 35.31 15.25
CA LEU A 514 -5.99 36.35 16.25
C LEU A 514 -6.07 37.72 15.58
N PRO A 515 -6.55 38.74 16.30
CA PRO A 515 -6.98 39.98 15.62
C PRO A 515 -5.84 40.71 14.92
N ASP A 516 -6.21 41.41 13.84
CA ASP A 516 -5.34 42.33 13.10
C ASP A 516 -4.17 41.58 12.46
N THR A 517 -4.45 40.35 12.00
CA THR A 517 -3.42 39.52 11.37
C THR A 517 -4.05 38.67 10.27
N ASP A 518 -3.18 38.11 9.42
CA ASP A 518 -3.58 37.12 8.44
C ASP A 518 -3.49 35.70 8.96
N VAL A 519 -2.92 35.49 10.15
CA VAL A 519 -2.68 34.13 10.62
C VAL A 519 -3.99 33.51 11.07
N TYR A 520 -4.13 32.22 10.81
CA TYR A 520 -5.28 31.44 11.27
C TYR A 520 -4.75 30.19 11.96
N ILE A 521 -5.05 30.07 13.24
CA ILE A 521 -4.45 29.05 14.11
C ILE A 521 -5.58 28.35 14.85
N ASP A 522 -5.31 27.09 15.22
CA ASP A 522 -6.27 26.28 15.98
C ASP A 522 -6.80 27.03 17.19
N ILE A 523 -8.11 26.91 17.41
CA ILE A 523 -8.73 27.53 18.58
C ILE A 523 -8.16 26.95 19.88
N ASP A 524 -7.80 25.67 19.87
CA ASP A 524 -7.12 25.04 20.99
C ASP A 524 -5.61 25.11 20.81
N ALA A 525 -5.06 26.29 20.59
CA ALA A 525 -3.62 26.44 20.49
C ALA A 525 -3.03 27.45 21.46
N TYR A 526 -3.51 28.69 21.45
CA TYR A 526 -2.70 29.75 22.05
C TYR A 526 -3.44 30.82 22.84
N GLU A 527 -4.77 30.73 23.02
CA GLU A 527 -5.63 31.53 23.89
C GLU A 527 -5.97 32.95 23.40
N GLU A 528 -5.44 33.44 22.27
CA GLU A 528 -5.94 34.71 21.73
C GLU A 528 -6.39 34.62 20.28
N VAL A 529 -6.51 33.43 19.72
CA VAL A 529 -7.05 33.27 18.36
C VAL A 529 -8.56 33.20 18.49
N LYS A 530 -9.18 34.36 18.58
CA LYS A 530 -10.62 34.45 18.83
C LYS A 530 -11.38 34.01 17.59
N GLU A 531 -12.36 33.12 17.78
CA GLU A 531 -13.21 32.70 16.67
C GLU A 531 -14.07 33.87 16.18
N ILE A 532 -14.13 34.02 14.87
CA ILE A 532 -15.02 35.02 14.28
C ILE A 532 -16.46 34.58 14.46
N PRO A 533 -17.34 35.40 15.04
CA PRO A 533 -18.72 34.95 15.31
C PRO A 533 -19.48 34.74 14.01
N GLY A 534 -20.08 33.56 13.88
CA GLY A 534 -20.75 33.18 12.66
C GLY A 534 -19.87 32.52 11.62
N ILE A 535 -18.59 32.31 11.92
CA ILE A 535 -17.63 31.73 10.98
C ILE A 535 -17.05 30.48 11.62
N LYS A 536 -17.06 29.37 10.90
CA LYS A 536 -16.44 28.13 11.33
C LYS A 536 -15.46 27.67 10.27
N ILE A 537 -14.21 27.47 10.66
CA ILE A 537 -13.13 27.13 9.73
C ILE A 537 -12.62 25.74 10.09
N PHE A 538 -12.65 24.83 9.13
CA PHE A 538 -12.25 23.44 9.33
C PHE A 538 -11.07 23.13 8.44
N GLN A 539 -10.03 22.53 9.02
CA GLN A 539 -8.79 22.23 8.31
C GLN A 539 -8.45 20.76 8.43
N ILE A 540 -7.98 20.17 7.33
CA ILE A 540 -7.60 18.76 7.28
C ILE A 540 -6.17 18.67 6.74
N ASN A 541 -5.33 17.91 7.42
CA ASN A 541 -3.97 17.62 6.95
C ASN A 541 -3.93 16.27 6.24
N ALA A 542 -4.75 16.14 5.20
CA ALA A 542 -4.86 14.90 4.45
C ALA A 542 -5.36 15.23 3.05
N PRO A 543 -5.06 14.39 2.06
CA PRO A 543 -5.49 14.68 0.69
C PRO A 543 -6.93 14.29 0.37
N ILE A 544 -7.76 14.09 1.39
CA ILE A 544 -9.22 13.94 1.31
C ILE A 544 -9.68 13.11 0.11
N TYR A 545 -9.08 11.94 -0.06
CA TYR A 545 -9.49 11.01 -1.10
C TYR A 545 -10.53 10.04 -0.52
N TYR A 546 -10.78 8.94 -1.23
CA TYR A 546 -11.93 8.07 -0.92
C TYR A 546 -11.85 7.48 0.49
N ALA A 547 -10.65 7.10 0.93
CA ALA A 547 -10.54 6.38 2.20
C ALA A 547 -10.78 7.27 3.41
N ASN A 548 -10.88 8.59 3.23
CA ASN A 548 -11.14 9.47 4.36
C ASN A 548 -12.16 10.55 4.06
N SER A 549 -12.90 10.46 2.94
CA SER A 549 -13.89 11.49 2.64
C SER A 549 -15.05 11.45 3.64
N ASP A 550 -15.56 10.25 3.93
CA ASP A 550 -16.62 10.13 4.92
C ASP A 550 -16.12 10.53 6.31
N LEU A 551 -14.87 10.18 6.62
CA LEU A 551 -14.28 10.58 7.90
C LEU A 551 -14.19 12.10 8.00
N TYR A 552 -13.80 12.76 6.92
CA TYR A 552 -13.72 14.22 6.90
C TYR A 552 -15.10 14.84 7.08
N SER A 553 -16.11 14.29 6.40
CA SER A 553 -17.46 14.81 6.54
C SER A 553 -17.96 14.65 7.97
N ASN A 554 -17.74 13.48 8.57
CA ASN A 554 -18.17 13.25 9.95
C ASN A 554 -17.42 14.16 10.92
N ALA A 555 -16.12 14.35 10.70
CA ALA A 555 -15.35 15.21 11.58
C ALA A 555 -15.82 16.66 11.49
N LEU A 556 -16.14 17.13 10.28
CA LEU A 556 -16.68 18.47 10.14
C LEU A 556 -18.04 18.60 10.82
N LYS A 557 -18.90 17.60 10.64
CA LYS A 557 -20.22 17.66 11.25
C LYS A 557 -20.17 17.56 12.76
N ARG A 558 -19.11 16.95 13.31
CA ARG A 558 -19.02 16.76 14.76
C ARG A 558 -18.29 17.91 15.45
N LYS A 559 -17.07 18.22 15.01
CA LYS A 559 -16.23 19.17 15.73
C LYS A 559 -16.76 20.59 15.65
N THR A 560 -17.30 20.98 14.50
CA THR A 560 -17.84 22.33 14.36
C THR A 560 -19.22 22.47 14.98
N GLY A 561 -19.86 21.36 15.37
CA GLY A 561 -21.16 21.44 16.00
C GLY A 561 -22.30 21.82 15.07
N VAL A 562 -22.08 21.72 13.76
CA VAL A 562 -23.10 22.06 12.77
C VAL A 562 -23.37 20.78 11.99
N ASN A 563 -24.47 20.10 12.32
CA ASN A 563 -24.87 18.88 11.63
C ASN A 563 -26.13 19.16 10.82
N PRO A 564 -26.05 19.19 9.49
CA PRO A 564 -27.25 19.51 8.69
C PRO A 564 -28.41 18.57 8.92
N ALA A 565 -28.15 17.27 9.08
CA ALA A 565 -29.23 16.33 9.35
C ALA A 565 -29.88 16.62 10.70
N LEU A 566 -29.07 16.92 11.71
CA LEU A 566 -29.62 17.27 13.02
C LEU A 566 -30.39 18.58 12.96
N ILE A 567 -29.91 19.54 12.17
CA ILE A 567 -30.62 20.81 12.03
C ILE A 567 -31.98 20.59 11.37
N MET A 568 -32.03 19.76 10.32
CA MET A 568 -33.31 19.48 9.67
C MET A 568 -34.25 18.73 10.60
N GLY A 569 -33.71 17.79 11.39
CA GLY A 569 -34.54 17.08 12.35
C GLY A 569 -35.11 18.00 13.41
N ALA A 570 -34.27 18.93 13.92
CA ALA A 570 -34.74 19.89 14.90
C ALA A 570 -35.80 20.82 14.31
N ARG A 571 -35.62 21.23 13.05
CA ARG A 571 -36.62 22.06 12.40
C ARG A 571 -37.94 21.31 12.22
N ARG A 572 -37.87 20.03 11.85
CA ARG A 572 -39.09 19.25 11.69
C ARG A 572 -39.79 19.05 13.02
N LYS A 573 -39.03 18.78 14.09
CA LYS A 573 -39.66 18.60 15.39
C LYS A 573 -40.22 19.90 15.96
N ALA A 574 -39.58 21.04 15.70
CA ALA A 574 -40.17 22.33 16.04
C ALA A 574 -41.44 22.58 15.23
N MET A 575 -41.46 22.18 13.95
CA MET A 575 -42.65 22.33 13.14
C MET A 575 -43.82 21.52 13.69
N ARG A 576 -43.57 20.26 14.08
CA ARG A 576 -44.65 19.45 14.63
C ARG A 576 -45.05 19.92 16.02
N LYS A 577 -44.11 20.49 16.79
CA LYS A 577 -44.47 21.11 18.06
C LYS A 577 -45.39 22.30 17.85
N TYR A 578 -45.10 23.14 16.85
CA TYR A 578 -45.90 24.33 16.58
C TYR A 578 -47.18 24.03 15.82
N ALA A 579 -47.36 22.80 15.34
CA ALA A 579 -48.55 22.46 14.56
C ALA A 579 -49.83 22.49 15.40
N LYS A 580 -49.72 22.37 16.72
CA LYS A 580 -50.88 22.37 17.59
C LYS A 580 -51.11 23.74 18.22
N VAL A 614 -29.18 26.05 -19.37
CA VAL A 614 -29.88 25.45 -18.25
C VAL A 614 -29.79 26.39 -17.04
N LYS A 615 -30.87 26.44 -16.25
CA LYS A 615 -30.92 27.25 -15.04
C LYS A 615 -31.13 26.34 -13.85
N TYR A 616 -30.27 26.50 -12.84
CA TYR A 616 -30.34 25.71 -11.62
C TYR A 616 -30.89 26.55 -10.47
N PRO A 617 -31.55 25.93 -9.49
CA PRO A 617 -31.99 26.68 -8.31
C PRO A 617 -30.80 27.15 -7.51
N PRO A 618 -30.96 28.20 -6.70
CA PRO A 618 -29.84 28.67 -5.86
C PRO A 618 -29.36 27.57 -4.93
N ILE A 619 -28.04 27.53 -4.73
CA ILE A 619 -27.45 26.46 -3.92
C ILE A 619 -27.89 26.59 -2.47
N VAL A 620 -27.86 27.81 -1.94
CA VAL A 620 -28.25 28.06 -0.56
C VAL A 620 -29.61 28.73 -0.54
N ILE A 621 -30.58 28.07 0.07
CA ILE A 621 -31.94 28.59 0.19
C ILE A 621 -32.05 29.33 1.52
N LYS A 622 -32.75 30.46 1.50
CA LYS A 622 -32.94 31.25 2.70
C LYS A 622 -33.92 30.53 3.62
N THR A 623 -33.81 30.81 4.92
CA THR A 623 -34.71 30.19 5.89
C THR A 623 -36.14 30.67 5.69
N THR A 624 -37.05 29.72 5.45
CA THR A 624 -38.44 30.04 5.17
C THR A 624 -39.34 29.94 6.39
N PHE A 625 -38.81 29.53 7.53
CA PHE A 625 -39.63 29.40 8.72
C PHE A 625 -39.89 30.77 9.32
N PRO A 626 -41.15 31.14 9.54
CA PRO A 626 -41.46 32.49 10.03
C PRO A 626 -41.13 32.64 11.51
N GLU A 627 -41.22 33.89 11.98
CA GLU A 627 -40.95 34.19 13.37
C GLU A 627 -41.92 33.48 14.32
N GLU A 628 -43.14 33.19 13.86
CA GLU A 628 -44.09 32.46 14.68
C GLU A 628 -43.58 31.09 15.05
N LEU A 629 -43.06 30.34 14.07
CA LEU A 629 -42.45 29.04 14.35
C LEU A 629 -41.06 29.17 14.95
N GLN A 630 -40.33 30.23 14.59
CA GLN A 630 -38.98 30.44 15.08
C GLN A 630 -38.94 30.82 16.56
N ARG A 631 -40.09 31.12 17.16
CA ARG A 631 -40.12 31.48 18.58
C ARG A 631 -39.69 30.32 19.47
N PHE A 632 -40.06 29.10 19.10
CA PHE A 632 -39.71 27.90 19.87
C PHE A 632 -38.71 27.10 19.04
N MET A 633 -37.43 27.43 19.19
CA MET A 633 -36.35 26.77 18.48
C MET A 633 -35.18 26.54 19.43
N PRO A 634 -34.37 25.50 19.18
CA PRO A 634 -33.10 25.37 19.92
C PRO A 634 -32.05 26.30 19.34
N GLN A 635 -32.10 27.56 19.76
CA GLN A 635 -31.27 28.60 19.17
C GLN A 635 -29.79 28.35 19.44
N THR A 636 -28.98 28.51 18.41
CA THR A 636 -27.54 28.28 18.49
C THR A 636 -26.80 29.53 18.01
N GLU A 637 -25.48 29.40 17.80
CA GLU A 637 -24.72 30.50 17.24
C GLU A 637 -25.23 30.90 15.87
N ASN A 638 -25.80 29.95 15.12
CA ASN A 638 -26.34 30.17 13.79
C ASN A 638 -25.29 30.78 12.86
N VAL A 639 -24.21 30.02 12.66
CA VAL A 639 -23.13 30.48 11.81
C VAL A 639 -23.64 30.59 10.37
N HIS A 640 -23.45 31.76 9.77
CA HIS A 640 -23.95 31.98 8.43
C HIS A 640 -23.11 31.28 7.36
N THR A 641 -21.81 31.09 7.61
CA THR A 641 -20.96 30.39 6.66
C THR A 641 -20.07 29.43 7.43
N ILE A 642 -19.65 28.38 6.75
CA ILE A 642 -18.52 27.56 7.16
C ILE A 642 -17.55 27.49 5.99
N ILE A 643 -16.27 27.66 6.27
CA ILE A 643 -15.24 27.67 5.23
C ILE A 643 -14.27 26.54 5.51
N LEU A 644 -13.97 25.76 4.47
CA LEU A 644 -13.12 24.59 4.56
C LEU A 644 -11.87 24.85 3.74
N ASP A 645 -10.81 25.29 4.40
CA ASP A 645 -9.59 25.64 3.67
C ASP A 645 -8.94 24.39 3.10
N PHE A 646 -8.48 24.49 1.86
CA PHE A 646 -7.86 23.39 1.15
C PHE A 646 -6.37 23.68 0.88
N THR A 647 -5.75 24.45 1.76
CA THR A 647 -4.32 24.72 1.60
C THR A 647 -3.48 23.49 1.86
N GLN A 648 -3.91 22.63 2.79
CA GLN A 648 -3.14 21.47 3.19
C GLN A 648 -3.45 20.22 2.39
N VAL A 649 -4.48 20.23 1.56
CA VAL A 649 -4.81 19.05 0.77
C VAL A 649 -3.90 19.03 -0.45
N ASN A 650 -3.68 17.84 -1.01
CA ASN A 650 -2.85 17.68 -2.19
C ASN A 650 -3.64 17.39 -3.46
N PHE A 651 -4.74 16.66 -3.34
CA PHE A 651 -5.54 16.31 -4.50
C PHE A 651 -6.95 15.99 -4.04
N ILE A 652 -7.86 15.79 -5.00
CA ILE A 652 -9.23 15.40 -4.71
C ILE A 652 -9.54 14.15 -5.54
N ASP A 653 -10.10 13.14 -4.89
CA ASP A 653 -10.54 11.96 -5.61
C ASP A 653 -11.99 12.13 -6.05
N SER A 654 -12.46 11.21 -6.91
CA SER A 654 -13.84 11.28 -7.39
C SER A 654 -14.83 11.13 -6.25
N VAL A 655 -14.57 10.19 -5.32
CA VAL A 655 -15.41 10.06 -4.13
C VAL A 655 -15.33 11.33 -3.30
N GLY A 656 -14.16 11.94 -3.24
CA GLY A 656 -14.03 13.22 -2.56
C GLY A 656 -14.86 14.31 -3.20
N VAL A 657 -14.88 14.34 -4.54
CA VAL A 657 -15.71 15.33 -5.25
C VAL A 657 -17.18 15.11 -4.94
N LYS A 658 -17.62 13.84 -4.96
CA LYS A 658 -19.02 13.55 -4.66
C LYS A 658 -19.39 13.94 -3.24
N THR A 659 -18.51 13.63 -2.28
CA THR A 659 -18.76 14.00 -0.89
C THR A 659 -18.81 15.51 -0.72
N LEU A 660 -17.89 16.24 -1.36
CA LEU A 660 -17.91 17.69 -1.27
C LEU A 660 -19.17 18.28 -1.88
N ALA A 661 -19.61 17.73 -3.02
CA ALA A 661 -20.82 18.23 -3.67
C ALA A 661 -22.05 17.99 -2.81
N VAL A 662 -22.18 16.78 -2.25
CA VAL A 662 -23.34 16.50 -1.42
C VAL A 662 -23.29 17.30 -0.12
N MET A 663 -22.08 17.59 0.38
CA MET A 663 -21.93 18.42 1.55
C MET A 663 -22.40 19.84 1.28
N VAL A 664 -21.97 20.41 0.15
CA VAL A 664 -22.40 21.75 -0.23
C VAL A 664 -23.91 21.79 -0.42
N LYS A 665 -24.47 20.76 -1.06
CA LYS A 665 -25.90 20.70 -1.26
C LYS A 665 -26.67 20.64 0.05
N GLU A 666 -26.20 19.82 0.99
CA GLU A 666 -26.88 19.70 2.28
C GLU A 666 -26.81 21.00 3.07
N TYR A 667 -25.63 21.63 3.11
CA TYR A 667 -25.50 22.87 3.85
C TYR A 667 -26.30 24.00 3.21
N GLY A 668 -26.41 24.00 1.87
CA GLY A 668 -27.28 24.96 1.22
C GLY A 668 -28.75 24.71 1.50
N ASP A 669 -29.14 23.44 1.58
CA ASP A 669 -30.52 23.10 1.93
C ASP A 669 -30.86 23.58 3.33
N VAL A 670 -29.92 23.40 4.27
CA VAL A 670 -30.10 23.98 5.59
C VAL A 670 -30.11 25.51 5.51
N GLY A 671 -29.25 26.07 4.67
CA GLY A 671 -29.17 27.51 4.51
C GLY A 671 -27.83 28.06 4.94
N ILE A 672 -26.78 27.27 4.76
CA ILE A 672 -25.44 27.61 5.22
C ILE A 672 -24.52 27.70 4.01
N TYR A 673 -23.91 28.87 3.82
CA TYR A 673 -22.94 29.04 2.74
C TYR A 673 -21.66 28.27 3.05
N VAL A 674 -21.08 27.67 2.02
CA VAL A 674 -19.84 26.92 2.15
C VAL A 674 -18.83 27.51 1.17
N TYR A 675 -17.66 27.88 1.67
CA TYR A 675 -16.59 28.43 0.85
C TYR A 675 -15.36 27.55 0.95
N LEU A 676 -14.57 27.55 -0.13
CA LEU A 676 -13.32 26.82 -0.20
C LEU A 676 -12.17 27.82 -0.22
N ALA A 677 -11.24 27.67 0.71
CA ALA A 677 -10.17 28.64 0.89
C ALA A 677 -8.83 28.02 0.49
N GLY A 678 -8.09 28.74 -0.35
CA GLY A 678 -6.73 28.34 -0.70
C GLY A 678 -6.62 27.02 -1.40
N CYS A 679 -7.52 26.73 -2.34
CA CYS A 679 -7.41 25.52 -3.13
C CYS A 679 -6.22 25.63 -4.08
N SER A 680 -5.39 24.58 -4.09
CA SER A 680 -4.24 24.55 -4.98
C SER A 680 -4.73 24.43 -6.42
N PRO A 681 -3.91 24.87 -7.39
CA PRO A 681 -4.31 24.72 -8.79
C PRO A 681 -4.58 23.27 -9.19
N GLN A 682 -3.89 22.31 -8.58
CA GLN A 682 -4.21 20.91 -8.83
C GLN A 682 -5.58 20.56 -8.28
N VAL A 683 -5.95 21.12 -7.12
CA VAL A 683 -7.27 20.86 -6.55
C VAL A 683 -8.36 21.48 -7.42
N VAL A 684 -8.13 22.70 -7.92
CA VAL A 684 -9.10 23.33 -8.81
C VAL A 684 -9.22 22.54 -10.10
N ASN A 685 -8.09 22.01 -10.61
CA ASN A 685 -8.13 21.17 -11.79
C ASN A 685 -8.90 19.88 -11.53
N ASP A 686 -8.77 19.32 -10.33
CA ASP A 686 -9.49 18.09 -9.99
C ASP A 686 -10.98 18.37 -9.79
N LEU A 687 -11.32 19.60 -9.38
CA LEU A 687 -12.73 19.95 -9.22
C LEU A 687 -13.39 20.19 -10.57
N THR A 688 -12.78 21.01 -11.43
CA THR A 688 -13.32 21.21 -12.76
C THR A 688 -13.20 19.98 -13.64
N ARG A 689 -12.31 19.05 -13.26
CA ARG A 689 -12.22 17.77 -13.96
C ARG A 689 -13.52 17.00 -13.87
N ASN A 690 -14.10 16.92 -12.68
CA ASN A 690 -15.36 16.21 -12.46
C ASN A 690 -16.52 17.15 -12.83
N ARG A 691 -17.74 16.73 -12.50
CA ARG A 691 -18.93 17.51 -12.76
C ARG A 691 -19.29 18.43 -11.60
N PHE A 692 -18.30 18.81 -10.78
CA PHE A 692 -18.54 19.72 -9.67
C PHE A 692 -18.85 21.13 -10.14
N PHE A 693 -18.26 21.57 -11.24
CA PHE A 693 -18.45 22.91 -11.76
C PHE A 693 -19.43 22.95 -12.92
N GLU A 694 -20.34 21.98 -13.00
CA GLU A 694 -21.41 22.07 -13.98
C GLU A 694 -22.30 23.27 -13.72
N ASN A 695 -22.59 23.53 -12.44
CA ASN A 695 -23.30 24.74 -12.04
C ASN A 695 -22.29 25.88 -12.02
N PRO A 696 -22.44 26.92 -12.84
CA PRO A 696 -21.46 28.01 -12.85
C PRO A 696 -21.50 28.88 -11.60
N ALA A 697 -22.51 28.74 -10.74
CA ALA A 697 -22.60 29.50 -9.51
C ALA A 697 -21.86 28.85 -8.35
N LEU A 698 -20.90 27.96 -8.64
CA LEU A 698 -20.03 27.41 -7.62
C LEU A 698 -18.59 27.90 -7.74
N LYS A 699 -18.27 28.65 -8.79
CA LYS A 699 -16.92 29.17 -8.94
C LYS A 699 -16.62 30.28 -7.93
N GLU A 700 -17.65 30.90 -7.36
CA GLU A 700 -17.47 31.99 -6.41
C GLU A 700 -17.37 31.51 -4.97
N LEU A 701 -17.43 30.20 -4.74
CA LEU A 701 -17.18 29.62 -3.42
C LEU A 701 -15.71 29.33 -3.20
N LEU A 702 -14.86 29.67 -4.17
CA LEU A 702 -13.43 29.39 -4.10
C LEU A 702 -12.69 30.67 -3.75
N PHE A 703 -11.80 30.58 -2.76
CA PHE A 703 -11.05 31.74 -2.30
C PHE A 703 -9.57 31.39 -2.20
N HIS A 704 -8.72 32.39 -2.42
CA HIS A 704 -7.28 32.17 -2.45
C HIS A 704 -6.69 31.97 -1.06
N SER A 705 -7.39 32.41 -0.01
CA SER A 705 -6.85 32.29 1.35
C SER A 705 -8.01 32.26 2.32
N ILE A 706 -7.69 31.84 3.55
CA ILE A 706 -8.70 31.81 4.60
C ILE A 706 -9.19 33.21 4.91
N HIS A 707 -8.27 34.16 5.02
CA HIS A 707 -8.65 35.55 5.28
C HIS A 707 -9.46 36.11 4.11
N ASP A 708 -9.13 35.71 2.88
CA ASP A 708 -9.92 36.13 1.74
C ASP A 708 -11.35 35.62 1.83
N ALA A 709 -11.53 34.36 2.22
CA ALA A 709 -12.87 33.81 2.38
C ALA A 709 -13.64 34.51 3.49
N VAL A 710 -12.96 34.80 4.61
CA VAL A 710 -13.62 35.48 5.72
C VAL A 710 -14.07 36.87 5.29
N LEU A 711 -13.20 37.61 4.60
CA LEU A 711 -13.55 38.94 4.15
C LEU A 711 -14.65 38.91 3.11
N GLY A 712 -14.64 37.91 2.22
CA GLY A 712 -15.72 37.77 1.27
C GLY A 712 -17.06 37.50 1.94
N SER A 713 -17.04 36.65 2.97
CA SER A 713 -18.26 36.39 3.73
C SER A 713 -18.75 37.66 4.41
N HIS A 714 -17.83 38.44 4.97
CA HIS A 714 -18.20 39.70 5.61
C HIS A 714 -18.81 40.67 4.60
N VAL A 715 -18.22 40.77 3.42
CA VAL A 715 -18.74 41.67 2.39
C VAL A 715 -20.12 41.22 1.93
N ARG A 716 -20.32 39.91 1.75
CA ARG A 716 -21.62 39.42 1.33
C ARG A 716 -22.67 39.65 2.40
N GLU A 717 -22.30 39.48 3.68
CA GLU A 717 -23.24 39.77 4.77
C GLU A 717 -23.60 41.24 4.81
N ALA A 718 -22.62 42.12 4.62
CA ALA A 718 -22.89 43.56 4.61
C ALA A 718 -23.78 43.94 3.44
N MET A 719 -23.54 43.34 2.27
CA MET A 719 -24.38 43.61 1.11
C MET A 719 -25.80 43.12 1.31
N ALA A 720 -25.96 41.94 1.92
CA ALA A 720 -27.29 41.41 2.20
C ALA A 720 -28.03 42.31 3.18
N GLU A 721 -27.33 42.78 4.22
CA GLU A 721 -27.97 43.69 5.19
C GLU A 721 -28.35 45.02 4.54
N GLN A 722 -27.48 45.54 3.67
CA GLN A 722 -27.80 46.79 2.97
C GLN A 722 -29.00 46.62 2.05
N GLU A 723 -29.07 45.48 1.34
CA GLU A 723 -30.21 45.22 0.47
C GLU A 723 -31.49 45.07 1.28
N ALA A 724 -31.42 44.41 2.44
CA ALA A 724 -32.59 44.26 3.30
C ALA A 724 -33.06 45.62 3.82
N SER A 725 -32.11 46.47 4.22
CA SER A 725 -32.48 47.79 4.71
C SER A 725 -32.85 48.73 3.56
N ALA A 726 -31.92 48.94 2.63
CA ALA A 726 -32.16 49.81 1.48
C ALA A 726 -32.59 49.01 0.26
N THR B 13 -17.39 48.04 0.24
CA THR B 13 -16.85 46.71 0.47
C THR B 13 -15.71 46.75 1.48
N GLN B 14 -15.42 45.61 2.09
CA GLN B 14 -14.32 45.47 3.04
C GLN B 14 -13.07 45.07 2.26
N LYS B 15 -12.24 46.06 1.94
CA LYS B 15 -11.02 45.78 1.20
C LYS B 15 -10.04 44.98 2.06
N TYR B 16 -9.28 44.12 1.40
CA TYR B 16 -8.28 43.29 2.07
C TYR B 16 -7.09 44.15 2.43
N HIS B 17 -7.09 44.67 3.66
CA HIS B 17 -6.05 45.55 4.15
C HIS B 17 -5.62 45.08 5.53
N VAL B 18 -4.35 44.69 5.66
CA VAL B 18 -3.81 44.23 6.92
C VAL B 18 -2.46 44.89 7.17
N GLU B 19 -2.21 45.26 8.42
CA GLU B 19 -0.95 45.87 8.85
C GLU B 19 -0.46 45.09 10.05
N ARG B 20 0.41 44.12 9.81
CA ARG B 20 1.00 43.29 10.84
C ARG B 20 2.50 43.21 10.59
N PRO B 21 3.29 42.94 11.62
CA PRO B 21 4.74 42.79 11.44
C PRO B 21 5.07 41.46 10.79
N ILE B 22 6.37 41.21 10.63
CA ILE B 22 6.83 39.92 10.14
C ILE B 22 6.53 38.86 11.19
N PHE B 23 6.15 37.67 10.73
CA PHE B 23 5.69 36.60 11.62
C PHE B 23 6.49 35.32 11.38
N SER B 24 7.81 35.44 11.39
CA SER B 24 8.66 34.27 11.47
C SER B 24 8.41 33.53 12.78
N HIS B 25 8.93 32.30 12.86
CA HIS B 25 8.58 31.43 13.98
C HIS B 25 8.93 31.99 15.36
N PRO B 26 10.14 32.55 15.61
CA PRO B 26 10.39 33.09 16.96
C PRO B 26 9.51 34.28 17.32
N VAL B 27 9.36 35.24 16.40
CA VAL B 27 8.59 36.43 16.71
C VAL B 27 7.11 36.12 16.82
N LEU B 28 6.64 35.10 16.10
CA LEU B 28 5.25 34.68 16.25
C LEU B 28 5.05 33.91 17.55
N GLN B 29 6.00 33.04 17.91
CA GLN B 29 5.84 32.24 19.11
C GLN B 29 5.95 33.08 20.37
N GLU B 30 6.77 34.14 20.34
CA GLU B 30 6.88 35.00 21.51
C GLU B 30 5.60 35.79 21.78
N ARG B 31 4.71 35.88 20.79
CA ARG B 31 3.42 36.54 20.96
C ARG B 31 2.31 35.56 21.31
N LEU B 32 2.61 34.26 21.44
CA LEU B 32 1.63 33.25 21.77
C LEU B 32 2.01 32.56 23.07
N HIS B 33 1.00 32.04 23.77
CA HIS B 33 1.18 31.33 25.04
C HIS B 33 0.60 29.93 24.91
N VAL B 34 1.30 28.96 25.49
CA VAL B 34 0.89 27.56 25.38
C VAL B 34 -0.39 27.35 26.19
N LYS B 35 -1.20 26.38 25.78
CA LYS B 35 -2.47 26.10 26.41
C LYS B 35 -2.31 25.65 27.86
N ASP B 36 -3.44 25.46 28.53
CA ASP B 36 -3.49 24.63 29.71
C ASP B 36 -3.58 23.15 29.35
N LYS B 37 -3.92 22.84 28.09
CA LYS B 37 -4.02 21.47 27.57
C LYS B 37 -5.02 20.66 28.40
N VAL B 38 -6.28 21.03 28.22
CA VAL B 38 -7.40 20.41 28.95
C VAL B 38 -7.31 18.89 28.89
N SER B 39 -7.71 18.25 29.98
CA SER B 39 -7.45 16.83 30.19
C SER B 39 -8.33 15.99 29.27
N GLU B 40 -7.71 15.33 28.31
CA GLU B 40 -8.35 14.30 27.49
C GLU B 40 -7.71 12.97 27.85
N SER B 41 -8.34 12.24 28.76
CA SER B 41 -7.76 11.04 29.34
C SER B 41 -8.51 9.80 28.87
N ILE B 42 -7.90 8.64 29.13
CA ILE B 42 -8.52 7.37 28.77
C ILE B 42 -9.75 7.11 29.63
N GLY B 43 -9.69 7.48 30.91
CA GLY B 43 -10.81 7.24 31.80
C GLY B 43 -12.06 7.99 31.42
N ASP B 44 -11.90 9.21 30.89
CA ASP B 44 -13.05 9.99 30.47
C ASP B 44 -13.80 9.31 29.33
N LYS B 45 -13.06 8.76 28.36
CA LYS B 45 -13.69 7.95 27.32
C LYS B 45 -14.25 6.65 27.89
N LEU B 46 -13.58 6.08 28.90
CA LEU B 46 -14.00 4.79 29.43
C LEU B 46 -15.35 4.89 30.15
N LYS B 47 -15.56 5.93 30.95
CA LYS B 47 -16.81 6.03 31.69
C LYS B 47 -17.98 6.38 30.78
N GLN B 48 -17.70 7.05 29.65
CA GLN B 48 -18.75 7.38 28.70
C GLN B 48 -19.19 6.11 27.96
N ALA B 49 -20.39 6.18 27.36
CA ALA B 49 -20.99 5.07 26.61
C ALA B 49 -21.26 3.86 27.50
N PHE B 50 -21.50 4.09 28.78
CA PHE B 50 -21.93 3.03 29.68
C PHE B 50 -23.00 3.49 30.65
N THR B 51 -23.53 4.71 30.50
CA THR B 51 -24.59 5.19 31.37
C THR B 51 -25.90 4.48 31.11
N CYS B 52 -26.07 3.91 29.91
CA CYS B 52 -27.23 3.12 29.53
C CYS B 52 -28.52 3.93 29.61
N THR B 53 -28.50 5.09 28.95
CA THR B 53 -29.70 5.90 28.80
C THR B 53 -30.66 5.20 27.84
N PRO B 54 -31.96 5.47 27.96
CA PRO B 54 -32.92 4.89 27.01
C PRO B 54 -32.61 5.23 25.56
N LYS B 55 -32.13 6.45 25.31
CA LYS B 55 -31.74 6.82 23.95
C LYS B 55 -30.58 5.97 23.45
N LYS B 56 -29.60 5.71 24.31
CA LYS B 56 -28.45 4.92 23.90
C LYS B 56 -28.82 3.48 23.61
N ILE B 57 -29.64 2.87 24.47
CA ILE B 57 -30.07 1.50 24.23
C ILE B 57 -30.95 1.41 22.98
N ARG B 58 -31.80 2.42 22.77
CA ARG B 58 -32.62 2.44 21.57
C ARG B 58 -31.75 2.56 20.32
N ASN B 59 -30.71 3.38 20.38
CA ASN B 59 -29.79 3.51 19.24
C ASN B 59 -29.04 2.22 18.99
N ILE B 60 -28.61 1.53 20.05
CA ILE B 60 -27.92 0.25 19.88
C ILE B 60 -28.84 -0.78 19.24
N ILE B 61 -30.10 -0.83 19.70
CA ILE B 61 -31.07 -1.75 19.11
C ILE B 61 -31.31 -1.41 17.64
N TYR B 62 -31.42 -0.11 17.32
CA TYR B 62 -31.63 0.30 15.94
C TYR B 62 -30.47 -0.09 15.06
N MET B 63 -29.23 0.09 15.55
CA MET B 63 -28.06 -0.22 14.74
C MET B 63 -27.90 -1.72 14.57
N PHE B 64 -28.04 -2.49 15.65
CA PHE B 64 -27.82 -3.94 15.55
C PHE B 64 -28.98 -4.63 14.84
N LEU B 65 -30.21 -4.21 15.13
CA LEU B 65 -31.42 -4.83 14.60
C LEU B 65 -32.22 -3.73 13.89
N PRO B 66 -32.05 -3.57 12.57
CA PRO B 66 -32.64 -2.43 11.88
C PRO B 66 -34.06 -2.61 11.38
N ILE B 67 -34.63 -3.82 11.44
CA ILE B 67 -36.00 -4.01 10.93
C ILE B 67 -37.01 -3.19 11.73
N THR B 68 -36.77 -3.00 13.02
CA THR B 68 -37.65 -2.17 13.84
C THR B 68 -37.48 -0.69 13.56
N LYS B 69 -36.48 -0.29 12.78
CA LYS B 69 -36.23 1.12 12.53
C LYS B 69 -37.12 1.68 11.43
N TRP B 70 -37.11 1.06 10.25
CA TRP B 70 -37.76 1.65 9.09
C TRP B 70 -39.16 1.10 8.81
N LEU B 71 -39.61 0.09 9.56
CA LEU B 71 -41.00 -0.33 9.43
C LEU B 71 -42.00 0.75 9.81
N PRO B 72 -41.85 1.48 10.93
CA PRO B 72 -42.72 2.64 11.15
C PRO B 72 -42.57 3.73 10.10
N ALA B 73 -41.40 3.83 9.45
CA ALA B 73 -41.19 4.81 8.40
C ALA B 73 -41.81 4.40 7.07
N TYR B 74 -42.31 3.17 6.96
CA TYR B 74 -42.91 2.72 5.71
C TYR B 74 -44.23 3.43 5.47
N LYS B 75 -44.43 3.90 4.24
CA LYS B 75 -45.61 4.66 3.87
C LYS B 75 -46.43 3.86 2.86
N PHE B 76 -47.72 3.69 3.17
CA PHE B 76 -48.59 2.93 2.27
C PHE B 76 -48.96 3.71 1.01
N LYS B 77 -48.82 5.03 1.03
CA LYS B 77 -49.34 5.85 -0.06
C LYS B 77 -48.51 5.71 -1.32
N GLU B 78 -47.18 5.78 -1.20
CA GLU B 78 -46.32 5.85 -2.37
C GLU B 78 -45.30 4.71 -2.46
N TYR B 79 -45.33 3.74 -1.55
CA TYR B 79 -44.38 2.64 -1.58
C TYR B 79 -44.99 1.30 -1.96
N VAL B 80 -46.31 1.13 -1.81
CA VAL B 80 -46.92 -0.19 -1.88
C VAL B 80 -46.81 -0.77 -3.30
N LEU B 81 -47.19 0.02 -4.30
CA LEU B 81 -47.21 -0.50 -5.66
C LEU B 81 -45.79 -0.77 -6.17
N GLY B 82 -44.85 0.13 -5.90
CA GLY B 82 -43.48 -0.09 -6.29
C GLY B 82 -42.87 -1.30 -5.60
N ASP B 83 -43.16 -1.47 -4.31
CA ASP B 83 -42.65 -2.61 -3.57
C ASP B 83 -43.24 -3.91 -4.09
N LEU B 84 -44.53 -3.91 -4.42
CA LEU B 84 -45.17 -5.11 -4.96
C LEU B 84 -44.57 -5.49 -6.31
N VAL B 85 -44.39 -4.50 -7.19
CA VAL B 85 -43.80 -4.79 -8.50
C VAL B 85 -42.38 -5.30 -8.36
N SER B 86 -41.59 -4.66 -7.47
CA SER B 86 -40.21 -5.07 -7.26
C SER B 86 -40.14 -6.48 -6.69
N GLY B 87 -41.02 -6.80 -5.74
CA GLY B 87 -41.03 -8.15 -5.19
C GLY B 87 -41.42 -9.20 -6.21
N ILE B 88 -42.41 -8.90 -7.05
CA ILE B 88 -42.81 -9.83 -8.09
C ILE B 88 -41.66 -10.10 -9.03
N SER B 89 -41.01 -9.02 -9.51
CA SER B 89 -39.89 -9.19 -10.43
C SER B 89 -38.73 -9.92 -9.78
N THR B 90 -38.45 -9.61 -8.51
CA THR B 90 -37.36 -10.26 -7.80
C THR B 90 -37.61 -11.75 -7.65
N GLY B 91 -38.83 -12.16 -7.29
CA GLY B 91 -39.13 -13.58 -7.18
C GLY B 91 -39.08 -14.27 -8.53
N VAL B 92 -39.61 -13.62 -9.57
CA VAL B 92 -39.60 -14.18 -10.91
C VAL B 92 -38.17 -14.44 -11.38
N LEU B 93 -37.26 -13.50 -11.14
CA LEU B 93 -35.88 -13.74 -11.51
C LEU B 93 -35.17 -14.69 -10.53
N GLN B 94 -35.62 -14.73 -9.27
CA GLN B 94 -34.93 -15.51 -8.25
C GLN B 94 -35.18 -16.99 -8.43
N LEU B 95 -36.32 -17.37 -8.99
CA LEU B 95 -36.61 -18.79 -9.19
C LEU B 95 -35.58 -19.46 -10.10
N PRO B 96 -35.47 -19.12 -11.40
CA PRO B 96 -34.60 -19.91 -12.27
C PRO B 96 -33.13 -19.63 -12.04
N GLN B 97 -32.77 -18.40 -11.67
CA GLN B 97 -31.39 -18.08 -11.34
C GLN B 97 -30.93 -18.84 -10.10
N GLY B 98 -31.79 -18.94 -9.09
CA GLY B 98 -31.46 -19.74 -7.92
C GLY B 98 -31.33 -21.22 -8.25
N LEU B 99 -32.24 -21.73 -9.09
CA LEU B 99 -32.13 -23.11 -9.54
C LEU B 99 -30.81 -23.34 -10.28
N ALA B 100 -30.40 -22.37 -11.10
CA ALA B 100 -29.17 -22.50 -11.86
C ALA B 100 -27.95 -22.53 -10.94
N PHE B 101 -27.90 -21.64 -9.95
CA PHE B 101 -26.79 -21.69 -9.01
C PHE B 101 -26.79 -22.99 -8.22
N ALA B 102 -27.97 -23.49 -7.86
CA ALA B 102 -28.04 -24.74 -7.12
C ALA B 102 -27.49 -25.90 -7.94
N MET B 103 -27.94 -26.05 -9.19
CA MET B 103 -27.46 -27.14 -10.01
C MET B 103 -26.01 -26.92 -10.46
N LEU B 104 -25.50 -25.70 -10.35
CA LEU B 104 -24.08 -25.48 -10.55
C LEU B 104 -23.26 -25.89 -9.33
N ALA B 105 -23.83 -25.78 -8.14
CA ALA B 105 -23.12 -26.09 -6.90
C ALA B 105 -23.07 -27.59 -6.60
N ALA B 106 -23.34 -28.44 -7.58
CA ALA B 106 -23.32 -29.89 -7.43
C ALA B 106 -24.28 -30.37 -6.34
N VAL B 107 -25.40 -29.68 -6.17
CA VAL B 107 -26.43 -30.06 -5.20
C VAL B 107 -27.78 -30.03 -5.91
N PRO B 108 -28.75 -30.79 -5.42
CA PRO B 108 -30.07 -30.76 -6.03
C PRO B 108 -30.67 -29.37 -5.96
N PRO B 109 -31.46 -28.99 -6.97
CA PRO B 109 -32.01 -27.63 -7.00
C PRO B 109 -32.94 -27.28 -5.85
N VAL B 110 -33.51 -28.30 -5.18
CA VAL B 110 -34.38 -28.02 -4.04
C VAL B 110 -33.60 -27.33 -2.93
N PHE B 111 -32.31 -27.63 -2.79
CA PHE B 111 -31.49 -26.92 -1.82
C PHE B 111 -31.30 -25.47 -2.22
N GLY B 112 -31.25 -25.17 -3.52
CA GLY B 112 -31.29 -23.78 -3.95
C GLY B 112 -32.60 -23.11 -3.63
N LEU B 113 -33.70 -23.86 -3.72
CA LEU B 113 -34.99 -23.32 -3.28
C LEU B 113 -34.98 -22.97 -1.80
N TYR B 114 -34.41 -23.85 -0.97
CA TYR B 114 -34.26 -23.51 0.44
C TYR B 114 -33.36 -22.29 0.63
N SER B 115 -32.27 -22.22 -0.13
CA SER B 115 -31.33 -21.10 -0.04
C SER B 115 -31.82 -19.86 -0.75
N SER B 116 -33.04 -19.86 -1.26
CA SER B 116 -33.66 -18.67 -1.82
C SER B 116 -34.79 -18.12 -0.98
N PHE B 117 -35.16 -18.80 0.12
CA PHE B 117 -36.29 -18.36 0.94
C PHE B 117 -35.86 -17.93 2.34
N TYR B 118 -35.21 -18.80 3.11
CA TYR B 118 -34.80 -18.45 4.46
C TYR B 118 -33.80 -17.29 4.52
N PRO B 119 -32.69 -17.29 3.75
CA PRO B 119 -31.73 -16.19 3.91
C PRO B 119 -32.29 -14.83 3.56
N VAL B 120 -33.22 -14.74 2.61
CA VAL B 120 -33.77 -13.44 2.24
C VAL B 120 -34.56 -12.85 3.41
N ILE B 121 -35.39 -13.67 4.05
CA ILE B 121 -36.17 -13.21 5.19
C ILE B 121 -35.25 -12.86 6.35
N MET B 122 -34.21 -13.67 6.59
CA MET B 122 -33.30 -13.38 7.69
C MET B 122 -32.54 -12.08 7.46
N TYR B 123 -32.13 -11.83 6.21
CA TYR B 123 -31.47 -10.56 5.89
C TYR B 123 -32.45 -9.40 5.99
N CYS B 124 -33.71 -9.62 5.63
CA CYS B 124 -34.72 -8.58 5.82
C CYS B 124 -34.85 -8.22 7.29
N PHE B 125 -34.80 -9.22 8.16
CA PHE B 125 -34.85 -8.95 9.60
C PHE B 125 -33.59 -8.25 10.09
N PHE B 126 -32.42 -8.60 9.54
CA PHE B 126 -31.16 -8.12 10.12
C PHE B 126 -30.33 -7.23 9.22
N GLY B 127 -30.46 -7.32 7.90
CA GLY B 127 -29.61 -6.55 7.02
C GLY B 127 -29.98 -5.07 6.97
N THR B 128 -29.02 -4.26 6.52
CA THR B 128 -29.16 -2.82 6.48
C THR B 128 -29.55 -2.31 5.09
N SER B 129 -28.89 -2.79 4.05
CA SER B 129 -29.18 -2.33 2.69
C SER B 129 -30.62 -2.66 2.31
N ARG B 130 -31.31 -1.69 1.72
CA ARG B 130 -32.73 -1.82 1.39
C ARG B 130 -32.99 -1.92 -0.10
N HIS B 131 -31.96 -2.16 -0.91
CA HIS B 131 -32.16 -2.29 -2.36
C HIS B 131 -31.44 -3.46 -2.99
N ILE B 132 -30.58 -4.17 -2.27
CA ILE B 132 -29.87 -5.30 -2.83
C ILE B 132 -30.73 -6.55 -2.67
N SER B 133 -30.49 -7.53 -3.55
CA SER B 133 -31.20 -8.79 -3.50
C SER B 133 -30.26 -9.87 -2.97
N ILE B 134 -30.73 -10.61 -1.97
CA ILE B 134 -29.92 -11.63 -1.30
C ILE B 134 -30.34 -12.99 -1.83
N GLY B 135 -29.36 -13.87 -2.03
CA GLY B 135 -29.62 -15.22 -2.43
C GLY B 135 -28.35 -15.95 -2.78
N PRO B 136 -28.44 -16.94 -3.67
CA PRO B 136 -27.24 -17.61 -4.15
C PRO B 136 -26.51 -16.74 -5.15
N PHE B 137 -25.19 -16.90 -5.18
CA PHE B 137 -24.33 -16.16 -6.10
C PHE B 137 -23.41 -17.15 -6.78
N ALA B 138 -22.90 -16.77 -7.96
CA ALA B 138 -22.24 -17.74 -8.83
C ALA B 138 -20.92 -18.23 -8.24
N VAL B 139 -19.96 -17.32 -8.04
CA VAL B 139 -18.62 -17.75 -7.62
C VAL B 139 -18.67 -18.45 -6.27
N ILE B 140 -19.64 -18.08 -5.43
CA ILE B 140 -19.88 -18.83 -4.21
C ILE B 140 -20.28 -20.26 -4.53
N SER B 141 -21.16 -20.43 -5.53
CA SER B 141 -21.55 -21.77 -5.93
C SER B 141 -20.40 -22.55 -6.54
N LEU B 142 -19.53 -21.88 -7.30
CA LEU B 142 -18.34 -22.54 -7.83
C LEU B 142 -17.42 -23.01 -6.71
N MET B 143 -17.23 -22.17 -5.69
CA MET B 143 -16.40 -22.57 -4.55
C MET B 143 -17.02 -23.74 -3.81
N ILE B 144 -18.33 -23.71 -3.60
CA ILE B 144 -19.01 -24.81 -2.92
C ILE B 144 -18.87 -26.10 -3.71
N GLY B 145 -19.07 -26.03 -5.03
CA GLY B 145 -18.95 -27.21 -5.86
C GLY B 145 -17.53 -27.75 -5.88
N GLY B 146 -16.54 -26.87 -5.95
CA GLY B 146 -15.15 -27.31 -5.91
C GLY B 146 -14.80 -27.98 -4.58
N VAL B 147 -15.28 -27.42 -3.47
CA VAL B 147 -15.05 -28.03 -2.17
C VAL B 147 -15.71 -29.40 -2.09
N ALA B 148 -16.96 -29.50 -2.55
CA ALA B 148 -17.68 -30.76 -2.49
C ALA B 148 -17.02 -31.81 -3.37
N VAL B 149 -16.52 -31.41 -4.54
CA VAL B 149 -15.81 -32.34 -5.41
C VAL B 149 -14.51 -32.78 -4.77
N ARG B 150 -13.77 -31.85 -4.15
CA ARG B 150 -12.48 -32.20 -3.56
C ARG B 150 -12.67 -33.16 -2.39
N LEU B 151 -13.72 -32.95 -1.59
CA LEU B 151 -14.00 -33.91 -0.52
C LEU B 151 -14.60 -35.18 -1.06
N VAL B 152 -15.74 -35.07 -1.76
CA VAL B 152 -16.44 -36.22 -2.33
C VAL B 152 -16.21 -36.19 -3.84
N PRO B 153 -15.34 -37.04 -4.39
CA PRO B 153 -15.07 -37.00 -5.83
C PRO B 153 -16.28 -37.49 -6.63
N ASP B 154 -16.12 -37.43 -7.96
CA ASP B 154 -17.18 -37.88 -8.85
C ASP B 154 -17.44 -39.37 -8.68
N ASP B 155 -16.38 -40.17 -8.50
CA ASP B 155 -16.50 -41.59 -8.27
C ASP B 155 -16.19 -41.87 -6.80
N ILE B 156 -17.21 -42.32 -6.06
CA ILE B 156 -17.07 -42.69 -4.66
C ILE B 156 -17.74 -44.04 -4.45
N VAL B 157 -17.32 -44.73 -3.40
CA VAL B 157 -17.83 -46.06 -3.06
C VAL B 157 -18.82 -45.92 -1.92
N ILE B 158 -20.03 -46.42 -2.12
CA ILE B 158 -21.06 -46.37 -1.10
C ILE B 158 -21.51 -47.78 -0.74
N THR B 165 -30.82 -48.65 -10.39
CA THR B 165 -29.49 -48.98 -9.88
C THR B 165 -28.47 -47.93 -10.30
N ASN B 166 -27.27 -48.01 -9.70
CA ASN B 166 -26.17 -47.08 -9.96
C ASN B 166 -26.59 -45.64 -9.74
N GLY B 167 -27.36 -45.39 -8.69
CA GLY B 167 -27.82 -44.06 -8.38
C GLY B 167 -26.74 -43.20 -7.74
N THR B 168 -27.11 -41.94 -7.50
CA THR B 168 -26.19 -40.96 -6.93
C THR B 168 -26.78 -40.24 -5.73
N GLU B 169 -27.84 -40.80 -5.12
CA GLU B 169 -28.47 -40.13 -3.99
C GLU B 169 -27.53 -40.02 -2.80
N ALA B 170 -26.76 -41.08 -2.53
CA ALA B 170 -25.78 -41.02 -1.45
C ALA B 170 -24.68 -40.02 -1.75
N ARG B 171 -24.23 -39.97 -3.00
CA ARG B 171 -23.21 -38.99 -3.39
C ARG B 171 -23.74 -37.57 -3.23
N ASP B 172 -24.98 -37.32 -3.63
CA ASP B 172 -25.58 -36.00 -3.45
C ASP B 172 -25.76 -35.67 -1.98
N ALA B 173 -26.07 -36.68 -1.16
CA ALA B 173 -26.20 -36.46 0.28
C ALA B 173 -24.86 -36.06 0.89
N LEU B 174 -23.79 -36.75 0.51
CA LEU B 174 -22.47 -36.37 1.01
C LEU B 174 -22.07 -34.97 0.53
N ARG B 175 -22.40 -34.65 -0.73
CA ARG B 175 -22.11 -33.33 -1.27
C ARG B 175 -22.87 -32.24 -0.50
N VAL B 176 -24.14 -32.48 -0.18
CA VAL B 176 -24.88 -31.44 0.54
C VAL B 176 -24.42 -31.37 1.99
N LYS B 177 -23.96 -32.48 2.57
CA LYS B 177 -23.40 -32.42 3.93
C LYS B 177 -22.14 -31.56 3.97
N VAL B 178 -21.21 -31.78 3.04
CA VAL B 178 -19.99 -30.98 3.05
C VAL B 178 -20.30 -29.53 2.70
N ALA B 179 -21.27 -29.31 1.81
CA ALA B 179 -21.67 -27.95 1.48
C ALA B 179 -22.25 -27.24 2.71
N MET B 180 -23.10 -27.92 3.47
CA MET B 180 -23.65 -27.32 4.68
C MET B 180 -22.57 -27.06 5.72
N SER B 181 -21.59 -27.96 5.81
CA SER B 181 -20.50 -27.76 6.76
C SER B 181 -19.69 -26.52 6.43
N VAL B 182 -19.29 -26.37 5.16
CA VAL B 182 -18.48 -25.21 4.79
C VAL B 182 -19.31 -23.94 4.85
N THR B 183 -20.61 -24.03 4.55
CA THR B 183 -21.48 -22.87 4.66
C THR B 183 -21.61 -22.41 6.11
N LEU B 184 -21.79 -23.35 7.04
CA LEU B 184 -21.88 -22.97 8.45
C LEU B 184 -20.56 -22.38 8.93
N LEU B 185 -19.43 -22.96 8.50
CA LEU B 185 -18.14 -22.41 8.91
C LEU B 185 -17.97 -20.99 8.39
N SER B 186 -18.37 -20.74 7.14
CA SER B 186 -18.30 -19.40 6.58
C SER B 186 -19.20 -18.44 7.36
N GLY B 187 -20.40 -18.89 7.74
CA GLY B 187 -21.29 -18.05 8.51
C GLY B 187 -20.73 -17.69 9.86
N ILE B 188 -20.16 -18.66 10.57
CA ILE B 188 -19.59 -18.40 11.89
C ILE B 188 -18.39 -17.44 11.77
N ILE B 189 -17.52 -17.65 10.78
CA ILE B 189 -16.36 -16.77 10.69
C ILE B 189 -16.78 -15.37 10.24
N GLN B 190 -17.81 -15.26 9.41
CA GLN B 190 -18.33 -13.94 9.04
C GLN B 190 -18.91 -13.23 10.26
N PHE B 191 -19.66 -13.95 11.09
CA PHE B 191 -20.20 -13.35 12.31
C PHE B 191 -19.08 -12.94 13.25
N CYS B 192 -18.04 -13.77 13.38
CA CYS B 192 -16.91 -13.44 14.23
C CYS B 192 -16.18 -12.20 13.73
N LEU B 193 -15.99 -12.08 12.41
CA LEU B 193 -15.38 -10.89 11.85
C LEU B 193 -16.25 -9.66 12.11
N GLY B 194 -17.57 -9.80 11.97
CA GLY B 194 -18.46 -8.68 12.18
C GLY B 194 -18.48 -8.19 13.62
N VAL B 195 -18.53 -9.12 14.58
CA VAL B 195 -18.59 -8.72 15.99
C VAL B 195 -17.25 -8.16 16.46
N CYS B 196 -16.15 -8.52 15.79
CA CYS B 196 -14.83 -8.01 16.14
C CYS B 196 -14.52 -6.68 15.47
N ARG B 197 -15.55 -5.94 15.06
CA ARG B 197 -15.47 -4.62 14.45
C ARG B 197 -14.74 -4.61 13.11
N PHE B 198 -14.41 -5.77 12.56
CA PHE B 198 -13.89 -5.82 11.20
C PHE B 198 -15.01 -5.51 10.22
N GLY B 199 -14.71 -4.66 9.25
CA GLY B 199 -15.74 -4.14 8.37
C GLY B 199 -15.50 -2.69 8.07
N PHE B 200 -14.50 -2.11 8.76
CA PHE B 200 -14.04 -0.77 8.43
C PHE B 200 -13.43 -0.70 7.04
N VAL B 201 -13.02 -1.85 6.48
CA VAL B 201 -12.47 -1.90 5.13
C VAL B 201 -13.49 -1.51 4.07
N ALA B 202 -14.76 -1.34 4.44
CA ALA B 202 -15.73 -0.77 3.53
C ALA B 202 -15.41 0.68 3.19
N ILE B 203 -14.59 1.36 3.99
CA ILE B 203 -14.13 2.70 3.64
C ILE B 203 -13.20 2.65 2.43
N TYR B 204 -12.59 1.50 2.17
CA TYR B 204 -11.90 1.21 0.93
C TYR B 204 -12.93 0.82 -0.12
N LEU B 205 -12.50 0.15 -1.20
CA LEU B 205 -13.40 -0.31 -2.26
C LEU B 205 -14.03 0.89 -2.98
N THR B 206 -13.15 1.64 -3.64
CA THR B 206 -13.50 2.85 -4.36
C THR B 206 -14.53 2.52 -5.44
N GLU B 207 -15.29 3.54 -5.87
CA GLU B 207 -16.34 3.32 -6.86
C GLU B 207 -15.82 2.70 -8.16
N PRO B 208 -14.71 3.16 -8.77
CA PRO B 208 -14.13 2.37 -9.87
C PRO B 208 -13.74 0.97 -9.45
N LEU B 209 -13.25 0.80 -8.22
CA LEU B 209 -12.84 -0.53 -7.78
C LEU B 209 -14.03 -1.47 -7.67
N VAL B 210 -15.13 -1.02 -7.06
CA VAL B 210 -16.29 -1.89 -6.93
C VAL B 210 -16.94 -2.13 -8.28
N ARG B 211 -16.93 -1.13 -9.16
CA ARG B 211 -17.47 -1.32 -10.50
C ARG B 211 -16.68 -2.38 -11.26
N GLY B 212 -15.35 -2.30 -11.19
CA GLY B 212 -14.52 -3.31 -11.83
C GLY B 212 -14.69 -4.69 -11.22
N PHE B 213 -14.83 -4.74 -9.89
CA PHE B 213 -15.05 -6.02 -9.22
C PHE B 213 -16.35 -6.67 -9.65
N THR B 214 -17.43 -5.88 -9.72
CA THR B 214 -18.71 -6.42 -10.15
C THR B 214 -18.66 -6.84 -11.61
N THR B 215 -17.97 -6.08 -12.47
CA THR B 215 -17.84 -6.46 -13.87
C THR B 215 -17.07 -7.77 -14.01
N ALA B 216 -15.98 -7.92 -13.26
CA ALA B 216 -15.21 -9.17 -13.31
C ALA B 216 -16.03 -10.34 -12.80
N ALA B 217 -16.82 -10.11 -11.74
CA ALA B 217 -17.72 -11.16 -11.25
C ALA B 217 -18.73 -11.55 -12.32
N ALA B 218 -19.27 -10.56 -13.03
CA ALA B 218 -20.23 -10.86 -14.10
C ALA B 218 -19.58 -11.69 -15.20
N VAL B 219 -18.36 -11.36 -15.58
CA VAL B 219 -17.66 -12.12 -16.61
C VAL B 219 -17.39 -13.54 -16.11
N HIS B 220 -17.10 -13.68 -14.81
CA HIS B 220 -16.93 -15.01 -14.22
C HIS B 220 -18.22 -15.83 -14.33
N VAL B 221 -19.37 -15.21 -14.04
CA VAL B 221 -20.64 -15.93 -14.16
C VAL B 221 -20.88 -16.35 -15.60
N PHE B 222 -20.62 -15.44 -16.54
CA PHE B 222 -20.80 -15.74 -17.96
C PHE B 222 -19.95 -16.93 -18.40
N THR B 223 -18.66 -16.90 -18.04
CA THR B 223 -17.78 -17.99 -18.44
C THR B 223 -18.09 -19.28 -17.70
N SER B 224 -18.65 -19.19 -16.49
CA SER B 224 -19.02 -20.39 -15.77
C SER B 224 -20.24 -21.06 -16.38
N MET B 225 -21.25 -20.27 -16.76
CA MET B 225 -22.49 -20.83 -17.27
C MET B 225 -22.49 -20.98 -18.79
N LEU B 226 -21.40 -20.60 -19.47
CA LEU B 226 -21.30 -20.89 -20.89
C LEU B 226 -21.31 -22.40 -21.16
N LYS B 227 -20.63 -23.18 -20.31
CA LYS B 227 -20.63 -24.62 -20.48
C LYS B 227 -22.00 -25.21 -20.20
N TYR B 228 -22.78 -24.60 -19.30
CA TYR B 228 -24.12 -25.10 -19.02
C TYR B 228 -25.10 -24.73 -20.13
N LEU B 229 -24.87 -23.58 -20.78
CA LEU B 229 -25.68 -23.25 -21.96
C LEU B 229 -25.43 -24.24 -23.09
N PHE B 230 -24.18 -24.65 -23.29
CA PHE B 230 -23.83 -25.59 -24.35
C PHE B 230 -24.36 -26.99 -24.08
N GLY B 231 -24.82 -27.28 -22.88
CA GLY B 231 -25.26 -28.62 -22.54
C GLY B 231 -24.17 -29.65 -22.51
N VAL B 232 -22.99 -29.30 -22.01
CA VAL B 232 -21.86 -30.22 -21.90
C VAL B 232 -21.41 -30.24 -20.44
N LYS B 233 -21.04 -31.42 -19.96
CA LYS B 233 -20.59 -31.60 -18.59
C LYS B 233 -19.10 -31.85 -18.58
N THR B 234 -18.35 -30.96 -17.92
CA THR B 234 -16.90 -31.07 -17.79
C THR B 234 -16.53 -30.97 -16.32
N LYS B 235 -15.24 -31.11 -16.04
CA LYS B 235 -14.73 -30.92 -14.70
C LYS B 235 -14.77 -29.44 -14.32
N ARG B 236 -15.09 -29.17 -13.06
CA ARG B 236 -15.19 -27.79 -12.58
C ARG B 236 -13.85 -27.32 -12.04
N TYR B 237 -13.52 -26.07 -12.34
CA TYR B 237 -12.26 -25.46 -11.93
C TYR B 237 -12.53 -24.35 -10.93
N SER B 238 -11.83 -24.40 -9.79
CA SER B 238 -11.95 -23.38 -8.76
C SER B 238 -10.56 -22.99 -8.29
N GLY B 239 -10.33 -21.69 -8.14
CA GLY B 239 -9.05 -21.18 -7.69
C GLY B 239 -8.49 -20.11 -8.59
N ILE B 240 -7.16 -19.97 -8.60
CA ILE B 240 -6.52 -18.97 -9.45
C ILE B 240 -6.61 -19.41 -10.90
N PHE B 241 -6.73 -18.42 -11.80
CA PHE B 241 -6.86 -18.64 -13.24
C PHE B 241 -8.05 -19.54 -13.57
N SER B 242 -9.13 -19.37 -12.81
CA SER B 242 -10.30 -20.21 -13.01
C SER B 242 -11.01 -19.89 -14.33
N VAL B 243 -11.08 -18.61 -14.68
CA VAL B 243 -11.81 -18.20 -15.87
C VAL B 243 -11.15 -18.73 -17.14
N VAL B 244 -9.83 -18.66 -17.23
CA VAL B 244 -9.14 -19.11 -18.44
C VAL B 244 -9.19 -20.63 -18.54
N TYR B 245 -9.07 -21.34 -17.41
CA TYR B 245 -9.18 -22.79 -17.42
C TYR B 245 -10.57 -23.24 -17.83
N SER B 246 -11.60 -22.58 -17.30
CA SER B 246 -12.96 -22.92 -17.67
C SER B 246 -13.23 -22.65 -19.15
N THR B 247 -12.73 -21.51 -19.66
CA THR B 247 -12.92 -21.20 -21.07
C THR B 247 -12.21 -22.21 -21.96
N VAL B 248 -10.99 -22.62 -21.57
CA VAL B 248 -10.26 -23.63 -22.33
C VAL B 248 -11.01 -24.95 -22.31
N ALA B 249 -11.56 -25.32 -21.15
CA ALA B 249 -12.32 -26.56 -21.05
C ALA B 249 -13.56 -26.53 -21.93
N VAL B 250 -14.24 -25.39 -21.98
CA VAL B 250 -15.41 -25.26 -22.86
C VAL B 250 -14.98 -25.36 -24.32
N LEU B 251 -13.91 -24.67 -24.69
CA LEU B 251 -13.49 -24.64 -26.10
C LEU B 251 -13.00 -26.00 -26.57
N GLN B 252 -12.36 -26.76 -25.68
CA GLN B 252 -11.85 -28.07 -26.08
C GLN B 252 -12.95 -29.10 -26.25
N ASN B 253 -14.13 -28.85 -25.69
CA ASN B 253 -15.25 -29.78 -25.79
C ASN B 253 -16.40 -29.26 -26.64
N VAL B 254 -16.12 -28.34 -27.56
CA VAL B 254 -17.17 -27.90 -28.48
C VAL B 254 -17.47 -28.98 -29.51
N LYS B 255 -16.50 -29.87 -29.77
CA LYS B 255 -16.73 -30.96 -30.70
C LYS B 255 -17.79 -31.93 -30.17
N ASN B 256 -17.69 -32.29 -28.90
CA ASN B 256 -18.71 -33.12 -28.25
C ASN B 256 -19.83 -32.19 -27.80
N LEU B 257 -20.82 -32.01 -28.66
CA LEU B 257 -21.88 -31.04 -28.41
C LEU B 257 -23.21 -31.63 -28.84
N ASN B 258 -24.27 -31.17 -28.19
CA ASN B 258 -25.64 -31.44 -28.63
C ASN B 258 -26.23 -30.19 -29.25
N VAL B 259 -27.01 -30.38 -30.32
CA VAL B 259 -27.48 -29.25 -31.11
C VAL B 259 -28.82 -28.71 -30.61
N CYS B 260 -29.68 -29.55 -30.05
CA CYS B 260 -31.03 -29.11 -29.70
C CYS B 260 -31.03 -28.23 -28.46
N SER B 261 -30.23 -28.59 -27.44
CA SER B 261 -30.15 -27.75 -26.25
C SER B 261 -29.55 -26.39 -26.56
N LEU B 262 -28.48 -26.38 -27.36
CA LEU B 262 -27.88 -25.11 -27.78
C LEU B 262 -28.87 -24.29 -28.61
N GLY B 263 -29.64 -24.96 -29.48
CA GLY B 263 -30.61 -24.25 -30.28
C GLY B 263 -31.71 -23.60 -29.45
N VAL B 264 -32.26 -24.36 -28.49
CA VAL B 264 -33.32 -23.79 -27.65
C VAL B 264 -32.74 -22.70 -26.75
N GLY B 265 -31.49 -22.85 -26.33
CA GLY B 265 -30.85 -21.78 -25.58
C GLY B 265 -30.71 -20.51 -26.40
N LEU B 266 -30.35 -20.64 -27.67
CA LEU B 266 -30.24 -19.46 -28.52
C LEU B 266 -31.60 -18.83 -28.80
N MET B 267 -32.64 -19.66 -28.99
CA MET B 267 -33.98 -19.08 -29.21
C MET B 267 -34.46 -18.33 -27.98
N VAL B 268 -34.28 -18.90 -26.79
CA VAL B 268 -34.71 -18.19 -25.59
C VAL B 268 -33.81 -16.99 -25.33
N PHE B 269 -32.53 -17.06 -25.70
CA PHE B 269 -31.64 -15.91 -25.64
C PHE B 269 -32.17 -14.76 -26.49
N GLY B 270 -32.50 -15.05 -27.75
CA GLY B 270 -33.02 -14.02 -28.63
C GLY B 270 -34.37 -13.48 -28.16
N LEU B 271 -35.23 -14.36 -27.67
CA LEU B 271 -36.54 -13.93 -27.17
C LEU B 271 -36.40 -12.98 -25.98
N LEU B 272 -35.50 -13.33 -25.05
CA LEU B 272 -35.29 -12.47 -23.88
C LEU B 272 -34.63 -11.16 -24.25
N LEU B 273 -33.68 -11.19 -25.18
CA LEU B 273 -33.05 -9.94 -25.63
C LEU B 273 -34.08 -9.03 -26.29
N GLY B 274 -34.93 -9.59 -27.14
CA GLY B 274 -35.99 -8.80 -27.76
C GLY B 274 -36.98 -8.25 -26.75
N GLY B 275 -37.36 -9.08 -25.77
CA GLY B 275 -38.29 -8.62 -24.75
C GLY B 275 -37.71 -7.51 -23.90
N LYS B 276 -36.44 -7.63 -23.52
CA LYS B 276 -35.80 -6.58 -22.73
C LYS B 276 -35.67 -5.29 -23.53
N GLU B 277 -35.33 -5.39 -24.83
CA GLU B 277 -35.26 -4.20 -25.66
C GLU B 277 -36.65 -3.57 -25.83
N PHE B 278 -37.69 -4.39 -25.94
CA PHE B 278 -39.05 -3.85 -26.03
C PHE B 278 -39.47 -3.17 -24.74
N ASN B 279 -39.09 -3.75 -23.59
CA ASN B 279 -39.42 -3.13 -22.31
C ASN B 279 -38.70 -1.80 -22.14
N GLU B 280 -37.43 -1.74 -22.55
CA GLU B 280 -36.69 -0.48 -22.47
C GLU B 280 -37.23 0.56 -23.45
N ARG B 281 -37.62 0.13 -24.65
CA ARG B 281 -38.14 1.05 -25.66
C ARG B 281 -39.49 1.62 -25.24
N PHE B 282 -40.34 0.80 -24.62
CA PHE B 282 -41.66 1.20 -24.19
C PHE B 282 -41.74 1.46 -22.69
N LYS B 283 -40.67 2.01 -22.11
CA LYS B 283 -40.65 2.26 -20.68
C LYS B 283 -41.71 3.26 -20.25
N GLU B 284 -42.03 4.23 -21.10
CA GLU B 284 -43.03 5.24 -20.78
C GLU B 284 -44.46 4.72 -20.89
N LYS B 285 -44.70 3.69 -21.68
CA LYS B 285 -46.06 3.25 -22.02
C LYS B 285 -46.66 2.31 -20.99
N LEU B 286 -46.00 1.17 -20.70
CA LEU B 286 -46.54 0.23 -19.74
C LEU B 286 -46.51 0.82 -18.33
N PRO B 287 -47.53 0.53 -17.52
CA PRO B 287 -47.49 1.00 -16.12
C PRO B 287 -46.33 0.44 -15.33
N ALA B 288 -45.94 -0.80 -15.62
CA ALA B 288 -44.81 -1.44 -14.97
C ALA B 288 -44.17 -2.41 -15.96
N PRO B 289 -42.86 -2.64 -15.84
CA PRO B 289 -42.20 -3.63 -16.72
C PRO B 289 -42.72 -5.03 -16.42
N ILE B 290 -43.24 -5.68 -17.46
CA ILE B 290 -43.84 -7.02 -17.28
C ILE B 290 -42.74 -8.02 -16.94
N PRO B 291 -43.00 -8.97 -16.04
CA PRO B 291 -41.99 -9.99 -15.70
C PRO B 291 -41.88 -11.06 -16.79
N LEU B 292 -41.13 -10.73 -17.84
CA LEU B 292 -40.97 -11.63 -18.97
C LEU B 292 -40.15 -12.87 -18.61
N GLU B 293 -39.40 -12.83 -17.52
CA GLU B 293 -38.62 -13.99 -17.10
C GLU B 293 -39.50 -15.15 -16.64
N PHE B 294 -40.73 -14.87 -16.22
CA PHE B 294 -41.67 -15.92 -15.86
C PHE B 294 -42.30 -16.55 -17.09
N PHE B 295 -42.70 -15.73 -18.06
CA PHE B 295 -43.21 -16.26 -19.32
C PHE B 295 -42.15 -17.10 -20.01
N ALA B 296 -40.89 -16.65 -19.96
CA ALA B 296 -39.80 -17.40 -20.56
C ALA B 296 -39.69 -18.80 -19.98
N VAL B 297 -39.61 -18.89 -18.64
CA VAL B 297 -39.40 -20.19 -18.01
C VAL B 297 -40.64 -21.07 -18.17
N VAL B 298 -41.84 -20.49 -18.13
CA VAL B 298 -43.03 -21.32 -18.25
C VAL B 298 -43.18 -21.86 -19.67
N MET B 299 -42.87 -21.05 -20.70
CA MET B 299 -42.89 -21.58 -22.06
C MET B 299 -41.77 -22.60 -22.27
N GLY B 300 -40.61 -22.38 -21.66
CA GLY B 300 -39.52 -23.34 -21.80
C GLY B 300 -39.88 -24.69 -21.21
N THR B 301 -40.44 -24.70 -20.00
CA THR B 301 -40.80 -25.97 -19.39
C THR B 301 -42.01 -26.60 -20.07
N GLY B 302 -42.91 -25.78 -20.62
CA GLY B 302 -44.02 -26.34 -21.40
C GLY B 302 -43.55 -27.02 -22.66
N ILE B 303 -42.62 -26.40 -23.38
CA ILE B 303 -42.06 -27.03 -24.58
C ILE B 303 -41.29 -28.28 -24.21
N SER B 304 -40.53 -28.24 -23.11
CA SER B 304 -39.78 -29.42 -22.69
C SER B 304 -40.70 -30.58 -22.33
N ALA B 305 -41.81 -30.28 -21.66
CA ALA B 305 -42.76 -31.34 -21.31
C ALA B 305 -43.49 -31.87 -22.54
N GLY B 306 -43.90 -30.97 -23.44
CA GLY B 306 -44.69 -31.40 -24.58
C GLY B 306 -43.87 -32.18 -25.60
N PHE B 307 -42.75 -31.62 -26.04
CA PHE B 307 -41.95 -32.24 -27.08
C PHE B 307 -41.04 -33.35 -26.56
N ASN B 308 -40.85 -33.42 -25.23
CA ASN B 308 -40.12 -34.50 -24.57
C ASN B 308 -38.69 -34.64 -25.11
N LEU B 309 -37.90 -33.60 -24.83
CA LEU B 309 -36.51 -33.58 -25.26
C LEU B 309 -35.58 -34.35 -24.33
N HIS B 310 -36.05 -34.78 -23.16
CA HIS B 310 -35.16 -35.33 -22.15
C HIS B 310 -34.51 -36.63 -22.61
N GLU B 311 -35.19 -37.41 -23.45
CA GLU B 311 -34.59 -38.61 -24.02
C GLU B 311 -34.66 -38.66 -25.54
N SER B 312 -35.50 -37.87 -26.20
CA SER B 312 -35.47 -37.80 -27.65
C SER B 312 -34.15 -37.21 -28.14
N TYR B 313 -33.68 -36.14 -27.49
CA TYR B 313 -32.40 -35.54 -27.81
C TYR B 313 -31.40 -35.67 -26.67
N SER B 314 -31.79 -36.29 -25.55
CA SER B 314 -30.92 -36.54 -24.40
C SER B 314 -30.29 -35.25 -23.88
N VAL B 315 -31.11 -34.21 -23.78
CA VAL B 315 -30.61 -32.92 -23.29
C VAL B 315 -30.61 -32.93 -21.77
N ASP B 316 -29.81 -32.04 -21.20
CA ASP B 316 -29.73 -31.94 -19.74
C ASP B 316 -31.01 -31.33 -19.18
N VAL B 317 -31.52 -31.95 -18.11
CA VAL B 317 -32.76 -31.51 -17.47
C VAL B 317 -32.49 -31.37 -15.99
N VAL B 318 -33.11 -30.34 -15.38
CA VAL B 318 -32.89 -30.05 -13.96
C VAL B 318 -33.35 -31.20 -13.08
N GLY B 319 -34.32 -31.98 -13.55
CA GLY B 319 -34.72 -33.18 -12.84
C GLY B 319 -35.87 -32.98 -11.88
N THR B 320 -36.16 -34.05 -11.14
CA THR B 320 -37.28 -34.04 -10.20
C THR B 320 -37.01 -33.08 -9.05
N LEU B 321 -38.07 -32.43 -8.59
CA LEU B 321 -37.98 -31.41 -7.55
C LEU B 321 -38.82 -31.82 -6.35
N PRO B 322 -38.20 -32.17 -5.22
CA PRO B 322 -38.98 -32.54 -4.04
C PRO B 322 -39.81 -31.40 -3.50
N LEU B 323 -40.96 -31.75 -2.91
CA LEU B 323 -41.87 -30.79 -2.29
C LEU B 323 -41.79 -31.01 -0.78
N GLY B 324 -40.90 -30.27 -0.13
CA GLY B 324 -40.68 -30.46 1.30
C GLY B 324 -40.15 -29.21 1.96
N LEU B 325 -40.24 -29.21 3.29
CA LEU B 325 -39.76 -28.15 4.16
C LEU B 325 -38.99 -28.73 5.33
N LEU B 326 -38.01 -29.58 5.02
CA LEU B 326 -37.26 -30.46 5.91
C LEU B 326 -36.88 -29.82 7.25
N PRO B 327 -36.95 -30.58 8.35
CA PRO B 327 -36.70 -30.01 9.67
C PRO B 327 -35.24 -29.58 9.82
N PRO B 328 -34.95 -28.69 10.77
CA PRO B 328 -33.57 -28.28 11.00
C PRO B 328 -32.69 -29.45 11.41
N ALA B 329 -31.45 -29.43 10.95
CA ALA B 329 -30.48 -30.47 11.26
C ALA B 329 -29.15 -29.84 11.61
N ASN B 330 -28.38 -30.53 12.44
CA ASN B 330 -27.06 -30.05 12.82
C ASN B 330 -26.03 -30.52 11.78
N PRO B 331 -25.25 -29.62 11.19
CA PRO B 331 -24.28 -30.03 10.17
C PRO B 331 -23.07 -30.75 10.77
N ASP B 332 -22.12 -31.12 9.92
CA ASP B 332 -20.96 -31.90 10.34
C ASP B 332 -19.86 -30.93 10.78
N THR B 333 -19.63 -30.88 12.10
CA THR B 333 -18.60 -29.99 12.64
C THR B 333 -17.20 -30.55 12.39
N SER B 334 -17.05 -31.87 12.46
CA SER B 334 -15.72 -32.49 12.42
C SER B 334 -14.97 -32.22 11.14
N LEU B 335 -15.66 -31.82 10.07
CA LEU B 335 -15.04 -31.56 8.79
C LEU B 335 -14.47 -30.13 8.70
N PHE B 336 -14.60 -29.35 9.76
CA PHE B 336 -14.09 -27.97 9.74
C PHE B 336 -12.58 -27.92 9.56
N HIS B 337 -11.87 -28.97 9.98
CA HIS B 337 -10.42 -28.96 9.97
C HIS B 337 -9.83 -28.88 8.57
N LEU B 338 -10.57 -29.30 7.56
CA LEU B 338 -10.05 -29.36 6.20
C LEU B 338 -10.58 -28.25 5.31
N VAL B 339 -11.58 -27.49 5.77
CA VAL B 339 -12.21 -26.47 4.95
C VAL B 339 -11.94 -25.09 5.53
N TYR B 340 -10.77 -24.92 6.15
CA TYR B 340 -10.38 -23.61 6.69
C TYR B 340 -10.29 -22.56 5.60
N VAL B 341 -9.35 -22.74 4.66
CA VAL B 341 -9.08 -21.72 3.66
C VAL B 341 -10.27 -21.55 2.72
N ASP B 342 -10.98 -22.64 2.42
CA ASP B 342 -12.14 -22.55 1.54
C ASP B 342 -13.24 -21.72 2.16
N ALA B 343 -13.56 -21.96 3.44
CA ALA B 343 -14.58 -21.18 4.11
C ALA B 343 -14.14 -19.73 4.29
N ILE B 344 -12.85 -19.51 4.54
CA ILE B 344 -12.34 -18.15 4.65
C ILE B 344 -12.55 -17.39 3.34
N ALA B 345 -12.19 -18.03 2.22
CA ALA B 345 -12.38 -17.41 0.91
C ALA B 345 -13.86 -17.16 0.63
N ILE B 346 -14.72 -18.12 0.96
CA ILE B 346 -16.15 -17.98 0.69
C ILE B 346 -16.71 -16.81 1.48
N ALA B 347 -16.37 -16.72 2.76
CA ALA B 347 -16.85 -15.63 3.60
C ALA B 347 -16.36 -14.28 3.11
N ILE B 348 -15.06 -14.21 2.75
CA ILE B 348 -14.49 -12.94 2.30
C ILE B 348 -15.17 -12.49 1.01
N VAL B 349 -15.34 -13.40 0.06
CA VAL B 349 -15.93 -13.05 -1.22
C VAL B 349 -17.39 -12.64 -1.04
N GLY B 350 -18.13 -13.38 -0.22
CA GLY B 350 -19.54 -13.04 -0.01
C GLY B 350 -19.72 -11.68 0.64
N PHE B 351 -18.95 -11.41 1.70
CA PHE B 351 -19.03 -10.11 2.35
C PHE B 351 -18.62 -9.00 1.39
N SER B 352 -17.56 -9.23 0.61
CA SER B 352 -17.08 -8.21 -0.31
C SER B 352 -18.12 -7.88 -1.37
N VAL B 353 -18.74 -8.91 -1.96
CA VAL B 353 -19.76 -8.68 -2.98
C VAL B 353 -20.96 -7.97 -2.39
N THR B 354 -21.41 -8.41 -1.21
CA THR B 354 -22.58 -7.80 -0.59
C THR B 354 -22.34 -6.33 -0.27
N ILE B 355 -21.20 -6.03 0.36
CA ILE B 355 -20.93 -4.64 0.71
C ILE B 355 -20.67 -3.80 -0.54
N SER B 356 -20.10 -4.41 -1.58
CA SER B 356 -19.87 -3.69 -2.83
C SER B 356 -21.19 -3.26 -3.46
N MET B 357 -22.12 -4.19 -3.60
CA MET B 357 -23.38 -3.84 -4.23
C MET B 357 -24.21 -2.92 -3.33
N ALA B 358 -24.11 -3.10 -2.01
CA ALA B 358 -24.81 -2.20 -1.10
C ALA B 358 -24.29 -0.78 -1.23
N LYS B 359 -22.96 -0.61 -1.29
CA LYS B 359 -22.39 0.72 -1.44
C LYS B 359 -22.73 1.32 -2.80
N THR B 360 -22.71 0.51 -3.86
CA THR B 360 -23.06 1.01 -5.18
C THR B 360 -24.50 1.52 -5.22
N LEU B 361 -25.43 0.73 -4.69
CA LEU B 361 -26.83 1.17 -4.71
C LEU B 361 -27.08 2.33 -3.75
N ALA B 362 -26.37 2.38 -2.62
CA ALA B 362 -26.52 3.51 -1.71
C ALA B 362 -26.02 4.81 -2.34
N ASN B 363 -24.89 4.75 -3.05
CA ASN B 363 -24.42 5.93 -3.76
C ASN B 363 -25.34 6.28 -4.93
N LYS B 364 -25.96 5.27 -5.56
CA LYS B 364 -26.92 5.55 -6.62
C LYS B 364 -28.14 6.28 -6.09
N HIS B 365 -28.62 5.91 -4.90
CA HIS B 365 -29.81 6.55 -4.35
C HIS B 365 -29.48 7.73 -3.46
N GLY B 366 -28.59 7.56 -2.49
CA GLY B 366 -28.17 8.67 -1.67
C GLY B 366 -27.92 8.36 -0.20
N TYR B 367 -28.48 7.26 0.29
CA TYR B 367 -28.30 6.88 1.69
C TYR B 367 -26.96 6.19 1.87
N GLN B 368 -26.74 5.59 3.03
CA GLN B 368 -25.47 4.95 3.35
C GLN B 368 -25.74 3.62 4.05
N VAL B 369 -24.76 2.73 3.98
CA VAL B 369 -24.84 1.41 4.59
C VAL B 369 -23.64 1.22 5.52
N ASP B 370 -23.82 0.35 6.51
CA ASP B 370 -22.81 0.06 7.50
C ASP B 370 -22.16 -1.29 7.19
N GLY B 371 -20.84 -1.29 7.03
CA GLY B 371 -20.14 -2.52 6.69
C GLY B 371 -20.19 -3.54 7.82
N ASN B 372 -20.01 -3.08 9.06
CA ASN B 372 -20.06 -3.98 10.21
C ASN B 372 -21.42 -4.64 10.33
N GLN B 373 -22.49 -3.86 10.19
CA GLN B 373 -23.83 -4.42 10.29
C GLN B 373 -24.10 -5.40 9.17
N GLU B 374 -23.67 -5.08 7.95
CA GLU B 374 -23.84 -6.00 6.83
C GLU B 374 -23.11 -7.31 7.08
N LEU B 375 -21.88 -7.24 7.60
CA LEU B 375 -21.11 -8.44 7.85
C LEU B 375 -21.76 -9.29 8.95
N ILE B 376 -22.22 -8.64 10.03
CA ILE B 376 -22.88 -9.38 11.11
C ILE B 376 -24.15 -10.05 10.60
N ALA B 377 -24.97 -9.29 9.86
CA ALA B 377 -26.23 -9.83 9.36
C ALA B 377 -25.99 -10.99 8.42
N LEU B 378 -25.02 -10.86 7.51
CA LEU B 378 -24.72 -11.95 6.57
C LEU B 378 -24.20 -13.17 7.32
N GLY B 379 -23.33 -12.96 8.31
CA GLY B 379 -22.78 -14.09 9.04
C GLY B 379 -23.83 -14.85 9.82
N ILE B 380 -24.66 -14.13 10.57
CA ILE B 380 -25.70 -14.80 11.36
C ILE B 380 -26.75 -15.42 10.44
N CYS B 381 -27.02 -14.76 9.30
CA CYS B 381 -27.97 -15.30 8.34
C CYS B 381 -27.48 -16.62 7.77
N ASN B 382 -26.21 -16.68 7.36
CA ASN B 382 -25.64 -17.92 6.84
C ASN B 382 -25.60 -18.98 7.91
N SER B 383 -25.23 -18.61 9.14
CA SER B 383 -25.12 -19.58 10.23
C SER B 383 -26.47 -20.22 10.53
N ILE B 384 -27.52 -19.41 10.64
CA ILE B 384 -28.83 -19.97 10.94
C ILE B 384 -29.38 -20.74 9.74
N GLY B 385 -29.17 -20.22 8.53
CA GLY B 385 -29.71 -20.89 7.35
C GLY B 385 -28.99 -22.18 7.01
N SER B 386 -27.75 -22.35 7.48
CA SER B 386 -27.05 -23.62 7.27
C SER B 386 -27.76 -24.76 7.98
N LEU B 387 -28.43 -24.47 9.10
CA LEU B 387 -29.26 -25.48 9.75
C LEU B 387 -30.50 -25.82 8.92
N PHE B 388 -30.85 -24.97 7.96
CA PHE B 388 -32.04 -25.16 7.13
C PHE B 388 -31.71 -25.77 5.78
N GLN B 389 -30.57 -26.46 5.67
CA GLN B 389 -30.11 -27.09 4.43
C GLN B 389 -30.00 -26.09 3.28
N THR B 390 -29.27 -25.00 3.55
CA THR B 390 -29.01 -23.97 2.55
C THR B 390 -27.51 -23.74 2.45
N PHE B 391 -27.01 -23.57 1.24
CA PHE B 391 -25.60 -23.31 1.06
C PHE B 391 -25.31 -21.82 1.29
N SER B 392 -24.05 -21.44 1.08
CA SER B 392 -23.63 -20.07 1.37
C SER B 392 -24.30 -19.09 0.42
N ILE B 393 -24.61 -17.90 0.95
CA ILE B 393 -25.33 -16.88 0.20
C ILE B 393 -24.41 -15.69 -0.04
N SER B 394 -24.89 -14.76 -0.84
CA SER B 394 -24.23 -13.48 -1.10
C SER B 394 -25.27 -12.58 -1.77
N CYS B 395 -24.83 -11.43 -2.27
CA CYS B 395 -25.71 -10.55 -3.01
C CYS B 395 -25.71 -10.93 -4.48
N SER B 396 -26.90 -11.14 -5.04
CA SER B 396 -27.03 -11.42 -6.47
C SER B 396 -27.02 -10.10 -7.22
N LEU B 397 -25.99 -9.89 -8.05
CA LEU B 397 -25.80 -8.60 -8.70
C LEU B 397 -26.89 -8.30 -9.71
N SER B 398 -27.22 -9.29 -10.56
CA SER B 398 -28.24 -9.08 -11.58
C SER B 398 -29.61 -8.83 -10.94
N ARG B 399 -29.96 -9.60 -9.92
CA ARG B 399 -31.22 -9.38 -9.22
C ARG B 399 -31.21 -8.02 -8.52
N SER B 400 -30.06 -7.60 -7.99
CA SER B 400 -29.99 -6.31 -7.33
C SER B 400 -30.20 -5.16 -8.31
N LEU B 401 -29.58 -5.23 -9.50
CA LEU B 401 -29.81 -4.18 -10.48
C LEU B 401 -31.25 -4.18 -10.99
N VAL B 402 -31.84 -5.37 -11.19
CA VAL B 402 -33.20 -5.35 -11.70
C VAL B 402 -34.17 -4.84 -10.63
N GLN B 403 -33.88 -5.12 -9.35
CA GLN B 403 -34.67 -4.54 -8.27
C GLN B 403 -34.52 -3.03 -8.22
N GLU B 404 -33.29 -2.53 -8.42
CA GLU B 404 -33.07 -1.09 -8.46
C GLU B 404 -33.82 -0.45 -9.64
N GLY B 405 -33.75 -1.08 -10.81
CA GLY B 405 -34.38 -0.51 -11.98
C GLY B 405 -35.90 -0.52 -11.91
N THR B 406 -36.48 -1.61 -11.41
CA THR B 406 -37.94 -1.69 -11.36
C THR B 406 -38.54 -0.76 -10.30
N GLY B 407 -37.73 -0.20 -9.42
CA GLY B 407 -38.23 0.76 -8.46
C GLY B 407 -38.37 0.22 -7.05
N GLY B 408 -37.42 -0.61 -6.62
CA GLY B 408 -37.42 -1.06 -5.25
C GLY B 408 -37.13 0.07 -4.28
N LYS B 409 -37.81 0.04 -3.13
CA LYS B 409 -37.65 1.11 -2.15
C LYS B 409 -37.40 0.54 -0.76
N THR B 410 -37.89 -0.66 -0.49
CA THR B 410 -37.72 -1.30 0.80
C THR B 410 -37.24 -2.74 0.60
N GLN B 411 -36.97 -3.41 1.71
CA GLN B 411 -36.56 -4.81 1.68
C GLN B 411 -37.73 -5.78 1.65
N LEU B 412 -38.97 -5.29 1.73
CA LEU B 412 -40.12 -6.18 1.66
C LEU B 412 -40.30 -6.79 0.27
N ALA B 413 -39.64 -6.23 -0.74
CA ALA B 413 -39.62 -6.87 -2.05
C ALA B 413 -38.96 -8.24 -1.97
N GLY B 414 -37.87 -8.34 -1.22
CA GLY B 414 -37.27 -9.65 -0.98
C GLY B 414 -38.21 -10.58 -0.23
N CYS B 415 -39.00 -10.03 0.70
CA CYS B 415 -39.98 -10.84 1.42
C CYS B 415 -41.04 -11.39 0.46
N LEU B 416 -41.50 -10.56 -0.47
CA LEU B 416 -42.45 -11.04 -1.47
C LEU B 416 -41.82 -12.08 -2.38
N ALA B 417 -40.54 -11.89 -2.72
CA ALA B 417 -39.83 -12.89 -3.52
C ALA B 417 -39.75 -14.22 -2.79
N SER B 418 -39.47 -14.17 -1.49
CA SER B 418 -39.43 -15.39 -0.69
C SER B 418 -40.80 -16.05 -0.60
N LEU B 419 -41.86 -15.25 -0.47
CA LEU B 419 -43.21 -15.80 -0.46
C LEU B 419 -43.53 -16.48 -1.77
N MET B 420 -43.14 -15.87 -2.90
CA MET B 420 -43.35 -16.51 -4.19
C MET B 420 -42.55 -17.82 -4.31
N ILE B 421 -41.32 -17.82 -3.80
CA ILE B 421 -40.52 -19.04 -3.82
C ILE B 421 -41.17 -20.14 -3.00
N LEU B 422 -41.71 -19.78 -1.83
CA LEU B 422 -42.42 -20.74 -1.00
C LEU B 422 -43.66 -21.28 -1.71
N LEU B 423 -44.42 -20.39 -2.37
CA LEU B 423 -45.60 -20.83 -3.10
C LEU B 423 -45.24 -21.78 -4.22
N VAL B 424 -44.08 -21.56 -4.86
CA VAL B 424 -43.59 -22.51 -5.85
C VAL B 424 -43.22 -23.84 -5.19
N ILE B 425 -42.54 -23.77 -4.04
CA ILE B 425 -42.03 -24.98 -3.40
C ILE B 425 -43.17 -25.90 -2.98
N LEU B 426 -44.19 -25.34 -2.32
CA LEU B 426 -45.22 -26.19 -1.74
C LEU B 426 -46.14 -26.78 -2.80
N ALA B 427 -46.46 -26.01 -3.84
CA ALA B 427 -47.47 -26.44 -4.81
C ALA B 427 -46.89 -26.59 -6.22
N THR B 428 -46.21 -25.57 -6.74
CA THR B 428 -45.84 -25.53 -8.14
C THR B 428 -44.52 -26.25 -8.41
N GLY B 429 -43.89 -26.79 -7.37
CA GLY B 429 -42.55 -27.37 -7.50
C GLY B 429 -42.47 -28.51 -8.50
N PHE B 430 -43.52 -29.33 -8.61
CA PHE B 430 -43.49 -30.44 -9.53
C PHE B 430 -43.70 -30.04 -10.98
N LEU B 431 -44.01 -28.76 -11.24
CA LEU B 431 -44.16 -28.29 -12.62
C LEU B 431 -42.82 -28.11 -13.33
N PHE B 432 -41.74 -27.89 -12.58
CA PHE B 432 -40.43 -27.60 -13.16
C PHE B 432 -39.56 -28.83 -13.30
N GLU B 433 -40.14 -30.03 -13.21
CA GLU B 433 -39.34 -31.25 -13.36
C GLU B 433 -38.76 -31.35 -14.76
N SER B 434 -39.53 -30.97 -15.78
CA SER B 434 -39.07 -30.98 -17.17
C SER B 434 -38.67 -29.55 -17.55
N LEU B 435 -37.48 -29.15 -17.12
CA LEU B 435 -36.96 -27.81 -17.39
C LEU B 435 -35.51 -27.92 -17.83
N PRO B 436 -35.20 -27.60 -19.09
CA PRO B 436 -33.81 -27.71 -19.54
C PRO B 436 -32.90 -26.70 -18.87
N GLN B 437 -31.69 -27.14 -18.56
CA GLN B 437 -30.72 -26.27 -17.90
C GLN B 437 -30.20 -25.18 -18.82
N ALA B 438 -30.29 -25.39 -20.15
CA ALA B 438 -29.88 -24.35 -21.08
C ALA B 438 -30.75 -23.12 -20.96
N VAL B 439 -32.04 -23.31 -20.68
CA VAL B 439 -32.94 -22.17 -20.47
C VAL B 439 -32.52 -21.38 -19.24
N LEU B 440 -32.17 -22.08 -18.16
CA LEU B 440 -31.72 -21.41 -16.95
C LEU B 440 -30.43 -20.65 -17.21
N SER B 441 -29.49 -21.27 -17.93
CA SER B 441 -28.24 -20.58 -18.25
C SER B 441 -28.51 -19.33 -19.07
N ALA B 442 -29.36 -19.45 -20.10
CA ALA B 442 -29.63 -18.31 -20.98
C ALA B 442 -30.35 -17.19 -20.25
N ILE B 443 -31.28 -17.52 -19.35
CA ILE B 443 -31.97 -16.47 -18.61
C ILE B 443 -31.02 -15.78 -17.64
N VAL B 444 -30.06 -16.54 -17.08
CA VAL B 444 -29.03 -15.91 -16.26
C VAL B 444 -28.20 -14.94 -17.09
N ILE B 445 -27.80 -15.35 -18.30
CA ILE B 445 -27.01 -14.46 -19.15
C ILE B 445 -27.79 -13.21 -19.55
N VAL B 446 -29.06 -13.37 -19.91
CA VAL B 446 -29.81 -12.20 -20.38
C VAL B 446 -30.06 -11.22 -19.23
N ASN B 447 -30.30 -11.74 -18.02
CA ASN B 447 -30.50 -10.83 -16.90
C ASN B 447 -29.18 -10.32 -16.33
N LEU B 448 -28.06 -10.92 -16.74
CA LEU B 448 -26.74 -10.44 -16.36
C LEU B 448 -26.15 -9.48 -17.38
N LYS B 449 -26.71 -9.45 -18.59
CA LYS B 449 -26.21 -8.53 -19.62
C LYS B 449 -26.35 -7.07 -19.20
N GLY B 450 -27.17 -6.78 -18.19
CA GLY B 450 -27.33 -5.43 -17.70
C GLY B 450 -26.11 -4.84 -17.03
N MET B 451 -25.19 -5.68 -16.56
CA MET B 451 -23.92 -5.20 -16.01
C MET B 451 -22.84 -4.99 -17.04
N PHE B 452 -22.99 -5.52 -18.25
CA PHE B 452 -21.98 -5.24 -19.27
C PHE B 452 -22.06 -3.80 -19.76
N MET B 453 -23.16 -3.10 -19.46
CA MET B 453 -23.21 -1.66 -19.68
C MET B 453 -22.38 -0.88 -18.68
N GLN B 454 -21.92 -1.51 -17.59
CA GLN B 454 -21.01 -0.84 -16.66
C GLN B 454 -19.62 -0.62 -17.26
N PHE B 455 -19.34 -1.22 -18.42
CA PHE B 455 -18.11 -0.93 -19.15
C PHE B 455 -18.07 0.49 -19.69
N SER B 456 -19.20 1.20 -19.66
CA SER B 456 -19.27 2.56 -20.18
C SER B 456 -18.45 3.55 -19.38
N ASP B 457 -17.97 3.18 -18.19
CA ASP B 457 -17.12 4.09 -17.43
C ASP B 457 -15.67 4.08 -17.93
N LEU B 458 -15.29 3.13 -18.78
CA LEU B 458 -13.95 3.15 -19.35
C LEU B 458 -13.67 4.40 -20.18
N PRO B 459 -14.52 4.82 -21.13
CA PRO B 459 -14.30 6.13 -21.75
C PRO B 459 -14.66 7.28 -20.82
N PHE B 460 -15.49 7.03 -19.80
CA PHE B 460 -15.77 8.06 -18.80
C PHE B 460 -14.57 8.29 -17.90
N PHE B 461 -13.62 7.35 -17.89
CA PHE B 461 -12.41 7.51 -17.08
C PHE B 461 -11.17 7.77 -17.92
N TRP B 462 -11.20 7.49 -19.22
CA TRP B 462 -10.03 7.76 -20.05
C TRP B 462 -9.82 9.26 -20.23
N ARG B 463 -10.85 9.96 -20.69
CA ARG B 463 -10.78 11.40 -20.89
C ARG B 463 -10.95 12.18 -19.58
N THR B 464 -11.11 11.48 -18.45
CA THR B 464 -11.41 12.14 -17.19
C THR B 464 -10.79 11.34 -16.06
N SER B 465 -9.70 11.87 -15.48
CA SER B 465 -9.04 11.28 -14.31
C SER B 465 -8.56 9.87 -14.59
N LYS B 466 -7.54 9.79 -15.47
CA LYS B 466 -6.96 8.51 -15.89
C LYS B 466 -6.49 7.64 -14.73
N ILE B 467 -6.30 8.22 -13.55
CA ILE B 467 -5.96 7.41 -12.37
C ILE B 467 -7.12 6.48 -12.03
N GLU B 468 -8.35 6.98 -12.11
CA GLU B 468 -9.51 6.11 -11.94
C GLU B 468 -9.56 5.06 -13.03
N LEU B 469 -9.13 5.41 -14.25
CA LEU B 469 -9.06 4.44 -15.34
C LEU B 469 -8.11 3.31 -14.99
N THR B 470 -6.91 3.63 -14.49
CA THR B 470 -5.94 2.58 -14.23
C THR B 470 -6.32 1.77 -12.99
N ILE B 471 -6.98 2.39 -12.00
CA ILE B 471 -7.44 1.61 -10.86
C ILE B 471 -8.56 0.66 -11.29
N TRP B 472 -9.43 1.12 -12.20
CA TRP B 472 -10.48 0.25 -12.73
C TRP B 472 -9.90 -0.93 -13.50
N LEU B 473 -8.93 -0.65 -14.38
CA LEU B 473 -8.31 -1.71 -15.15
C LEU B 473 -7.55 -2.69 -14.25
N THR B 474 -6.82 -2.17 -13.26
CA THR B 474 -6.09 -3.05 -12.35
C THR B 474 -7.05 -3.95 -11.58
N THR B 475 -8.13 -3.37 -11.05
CA THR B 475 -9.10 -4.18 -10.30
C THR B 475 -9.75 -5.23 -11.20
N PHE B 476 -10.15 -4.84 -12.40
CA PHE B 476 -10.82 -5.78 -13.30
C PHE B 476 -9.89 -6.91 -13.73
N VAL B 477 -8.63 -6.58 -14.06
CA VAL B 477 -7.70 -7.59 -14.52
C VAL B 477 -7.33 -8.53 -13.38
N SER B 478 -6.99 -7.98 -12.21
CA SER B 478 -6.61 -8.83 -11.09
C SER B 478 -7.80 -9.58 -10.51
N SER B 479 -9.03 -9.17 -10.81
CA SER B 479 -10.22 -9.83 -10.31
C SER B 479 -10.82 -10.83 -11.28
N LEU B 480 -10.51 -10.70 -12.58
CA LEU B 480 -11.01 -11.64 -13.57
C LEU B 480 -10.05 -12.80 -13.78
N PHE B 481 -8.80 -12.50 -14.13
CA PHE B 481 -7.77 -13.50 -14.40
C PHE B 481 -7.23 -14.14 -13.14
N LEU B 482 -7.84 -13.87 -11.98
CA LEU B 482 -7.37 -14.42 -10.72
C LEU B 482 -8.58 -14.52 -9.80
N GLY B 483 -8.50 -15.43 -8.82
CA GLY B 483 -9.63 -15.68 -7.96
C GLY B 483 -10.00 -14.45 -7.15
N LEU B 484 -11.30 -14.33 -6.87
CA LEU B 484 -11.81 -13.11 -6.23
C LEU B 484 -11.25 -12.94 -4.83
N ASP B 485 -11.03 -14.05 -4.11
CA ASP B 485 -10.54 -13.97 -2.75
C ASP B 485 -9.17 -13.31 -2.64
N TYR B 486 -8.26 -13.61 -3.57
CA TYR B 486 -7.01 -12.86 -3.64
C TYR B 486 -7.06 -11.71 -4.63
N GLY B 487 -7.95 -11.78 -5.62
CA GLY B 487 -8.06 -10.71 -6.59
C GLY B 487 -8.48 -9.40 -5.98
N LEU B 488 -9.46 -9.44 -5.07
CA LEU B 488 -9.91 -8.20 -4.45
C LEU B 488 -8.85 -7.65 -3.49
N ILE B 489 -8.15 -8.52 -2.76
CA ILE B 489 -7.15 -8.01 -1.83
C ILE B 489 -5.98 -7.40 -2.59
N THR B 490 -5.59 -7.98 -3.73
CA THR B 490 -4.53 -7.33 -4.50
C THR B 490 -5.03 -6.09 -5.21
N ALA B 491 -6.30 -6.07 -5.63
CA ALA B 491 -6.85 -4.85 -6.21
C ALA B 491 -6.85 -3.73 -5.20
N VAL B 492 -7.19 -4.03 -3.94
CA VAL B 492 -7.10 -3.05 -2.87
C VAL B 492 -5.65 -2.62 -2.63
N ILE B 493 -4.71 -3.57 -2.72
CA ILE B 493 -3.31 -3.23 -2.47
C ILE B 493 -2.80 -2.23 -3.50
N ILE B 494 -3.01 -2.51 -4.79
CA ILE B 494 -2.61 -1.52 -5.80
C ILE B 494 -3.48 -0.26 -5.72
N ALA B 495 -4.74 -0.38 -5.29
CA ALA B 495 -5.56 0.81 -5.12
C ALA B 495 -4.98 1.76 -4.08
N LEU B 496 -4.48 1.21 -2.98
CA LEU B 496 -3.90 2.07 -1.95
C LEU B 496 -2.49 2.51 -2.29
N LEU B 497 -1.74 1.70 -3.04
CA LEU B 497 -0.43 2.15 -3.52
C LEU B 497 -0.56 3.19 -4.62
N THR B 498 -1.76 3.33 -5.21
CA THR B 498 -1.98 4.40 -6.17
C THR B 498 -1.82 5.77 -5.52
N VAL B 499 -2.24 5.89 -4.25
CA VAL B 499 -2.01 7.13 -3.51
C VAL B 499 -0.51 7.39 -3.35
N ILE B 500 0.25 6.32 -3.09
CA ILE B 500 1.71 6.45 -2.99
C ILE B 500 2.30 6.95 -4.31
N TYR B 501 1.85 6.37 -5.42
CA TYR B 501 2.34 6.81 -6.72
C TYR B 501 1.98 8.27 -6.99
N ARG B 502 0.74 8.65 -6.67
CA ARG B 502 0.30 10.02 -6.86
C ARG B 502 1.11 10.99 -6.00
N THR B 503 1.56 10.53 -4.83
CA THR B 503 2.49 11.32 -4.02
C THR B 503 3.86 11.42 -4.69
N GLN B 504 4.35 10.32 -5.25
CA GLN B 504 5.69 10.27 -5.81
C GLN B 504 5.84 11.10 -7.09
N SER B 505 4.75 11.62 -7.64
CA SER B 505 4.79 12.53 -8.78
C SER B 505 4.10 13.82 -8.38
N PRO B 506 4.79 14.70 -7.64
CA PRO B 506 4.15 15.95 -7.19
C PRO B 506 3.99 16.95 -8.32
N SER B 507 3.52 18.15 -7.97
CA SER B 507 3.46 19.23 -8.96
C SER B 507 4.86 19.67 -9.36
N TYR B 508 5.74 19.89 -8.37
CA TYR B 508 7.11 20.34 -8.57
C TYR B 508 7.15 21.61 -9.41
N LYS B 509 6.57 22.68 -8.86
CA LYS B 509 6.45 23.95 -9.57
C LYS B 509 7.26 25.02 -8.85
N VAL B 510 8.09 25.73 -9.60
CA VAL B 510 8.75 26.94 -9.12
C VAL B 510 7.82 28.11 -9.40
N LEU B 511 7.63 28.97 -8.39
CA LEU B 511 6.57 29.96 -8.44
C LEU B 511 7.08 31.34 -8.03
N GLY B 512 6.50 32.36 -8.65
CA GLY B 512 6.79 33.74 -8.30
C GLY B 512 5.53 34.44 -7.79
N GLN B 513 5.51 35.76 -7.81
CA GLN B 513 4.35 36.51 -7.34
C GLN B 513 3.99 37.60 -8.34
N LEU B 514 2.69 37.95 -8.37
CA LEU B 514 2.40 39.13 -9.17
C LEU B 514 2.36 40.35 -8.25
N PRO B 515 2.72 41.53 -8.75
CA PRO B 515 3.04 42.66 -7.87
C PRO B 515 1.85 43.13 -7.05
N ASP B 516 2.17 43.65 -5.85
CA ASP B 516 1.22 44.33 -4.96
C ASP B 516 0.14 43.37 -4.47
N THR B 517 0.52 42.11 -4.25
CA THR B 517 -0.41 41.08 -3.79
C THR B 517 0.31 40.11 -2.87
N ASP B 518 -0.50 39.33 -2.15
CA ASP B 518 0.00 38.20 -1.36
C ASP B 518 0.04 36.90 -2.14
N VAL B 519 -0.52 36.87 -3.35
CA VAL B 519 -0.63 35.61 -4.07
C VAL B 519 0.73 35.20 -4.62
N TYR B 520 0.99 33.90 -4.60
CA TYR B 520 2.20 33.33 -5.19
C TYR B 520 1.78 32.19 -6.10
N ILE B 521 2.08 32.34 -7.39
CA ILE B 521 1.57 31.45 -8.42
C ILE B 521 2.75 31.01 -9.27
N ASP B 522 2.60 29.82 -9.88
CA ASP B 522 3.62 29.26 -10.77
C ASP B 522 4.07 30.27 -11.82
N ILE B 523 5.38 30.32 -12.05
CA ILE B 523 5.93 31.20 -13.08
C ILE B 523 5.41 30.82 -14.46
N ASP B 524 5.17 29.53 -14.69
CA ASP B 524 4.54 29.05 -15.92
C ASP B 524 3.03 28.95 -15.74
N ALA B 525 2.37 30.01 -15.31
CA ALA B 525 0.92 30.00 -15.19
C ALA B 525 0.23 31.12 -15.96
N TYR B 526 0.59 32.38 -15.72
CA TYR B 526 -0.32 33.45 -16.11
C TYR B 526 0.31 34.71 -16.69
N GLU B 527 1.63 34.79 -16.87
CA GLU B 527 2.41 35.80 -17.57
C GLU B 527 2.63 37.13 -16.82
N GLU B 528 2.07 37.36 -15.63
CA GLU B 528 2.45 38.54 -14.86
C GLU B 528 2.91 38.23 -13.44
N VAL B 529 3.16 36.96 -13.11
CA VAL B 529 3.71 36.61 -11.79
C VAL B 529 5.24 36.71 -11.92
N LYS B 530 5.74 37.93 -11.81
CA LYS B 530 7.16 38.18 -12.01
C LYS B 530 7.97 37.59 -10.87
N GLU B 531 9.02 36.86 -11.22
CA GLU B 531 9.93 36.33 -10.20
C GLU B 531 10.67 37.45 -9.50
N ILE B 532 10.74 37.36 -8.18
CA ILE B 532 11.53 38.32 -7.41
C ILE B 532 13.02 38.05 -7.64
N PRO B 533 13.80 39.04 -8.07
CA PRO B 533 15.21 38.78 -8.40
C PRO B 533 16.00 38.41 -7.16
N GLY B 534 16.71 37.28 -7.24
CA GLY B 534 17.42 36.74 -6.11
C GLY B 534 16.62 35.82 -5.21
N ILE B 535 15.36 35.56 -5.56
CA ILE B 535 14.47 34.73 -4.76
C ILE B 535 14.00 33.57 -5.63
N LYS B 536 14.13 32.35 -5.12
CA LYS B 536 13.62 31.16 -5.78
C LYS B 536 12.70 30.42 -4.82
N ILE B 537 11.47 30.18 -5.25
CA ILE B 537 10.43 29.57 -4.41
C ILE B 537 10.04 28.24 -5.04
N PHE B 538 10.18 27.16 -4.26
CA PHE B 538 9.91 25.81 -4.73
C PHE B 538 8.77 25.22 -3.91
N GLN B 539 7.78 24.64 -4.60
CA GLN B 539 6.58 24.11 -3.97
C GLN B 539 6.38 22.66 -4.36
N ILE B 540 5.98 21.83 -3.40
CA ILE B 540 5.73 20.41 -3.62
C ILE B 540 4.32 20.09 -3.11
N ASN B 541 3.55 19.39 -3.93
CA ASN B 541 2.23 18.88 -3.53
C ASN B 541 2.33 17.43 -3.08
N ALA B 542 3.17 17.19 -2.08
CA ALA B 542 3.40 15.85 -1.57
C ALA B 542 3.88 15.95 -0.14
N PRO B 543 3.67 14.92 0.67
CA PRO B 543 4.09 14.99 2.08
C PRO B 543 5.55 14.68 2.34
N ILE B 544 6.40 14.75 1.30
CA ILE B 544 7.86 14.74 1.37
C ILE B 544 8.41 13.75 2.39
N TYR B 545 7.92 12.50 2.33
CA TYR B 545 8.44 11.44 3.19
C TYR B 545 9.55 10.70 2.45
N TYR B 546 9.91 9.51 2.95
CA TYR B 546 11.13 8.84 2.48
C TYR B 546 11.09 8.51 0.99
N ALA B 547 9.93 8.11 0.48
CA ALA B 547 9.88 7.64 -0.91
C ALA B 547 10.01 8.76 -1.93
N ASN B 548 9.99 10.01 -1.50
CA ASN B 548 10.17 11.10 -2.46
C ASN B 548 11.08 12.21 -1.93
N SER B 549 11.83 11.99 -0.86
CA SER B 549 12.73 13.02 -0.35
C SER B 549 13.87 13.28 -1.34
N ASP B 550 14.49 12.21 -1.84
CA ASP B 550 15.55 12.38 -2.84
C ASP B 550 15.00 12.97 -4.12
N LEU B 551 13.79 12.58 -4.51
CA LEU B 551 13.15 13.15 -5.69
C LEU B 551 12.92 14.64 -5.52
N TYR B 552 12.47 15.06 -4.33
CA TYR B 552 12.27 16.47 -4.05
C TYR B 552 13.58 17.24 -4.10
N SER B 553 14.64 16.67 -3.52
CA SER B 553 15.94 17.34 -3.55
C SER B 553 16.44 17.49 -4.97
N ASN B 554 16.31 16.44 -5.79
CA ASN B 554 16.75 16.51 -7.17
C ASN B 554 15.92 17.51 -7.97
N ALA B 555 14.60 17.53 -7.74
CA ALA B 555 13.74 18.48 -8.45
C ALA B 555 14.08 19.91 -8.08
N LEU B 556 14.36 20.17 -6.80
CA LEU B 556 14.77 21.51 -6.41
C LEU B 556 16.11 21.88 -7.03
N LYS B 557 17.07 20.96 -7.04
CA LYS B 557 18.38 21.25 -7.62
C LYS B 557 18.30 21.44 -9.13
N ARG B 558 17.31 20.85 -9.79
CA ARG B 558 17.21 20.92 -11.25
C ARG B 558 16.38 22.11 -11.71
N LYS B 559 15.14 22.21 -11.23
CA LYS B 559 14.20 23.19 -11.79
C LYS B 559 14.60 24.61 -11.42
N THR B 560 15.11 24.84 -10.22
CA THR B 560 15.53 26.18 -9.83
C THR B 560 16.90 26.56 -10.39
N GLY B 561 17.63 25.62 -10.99
CA GLY B 561 18.91 25.94 -11.57
C GLY B 561 20.00 26.23 -10.58
N VAL B 562 19.81 25.87 -9.31
CA VAL B 562 20.81 26.11 -8.27
C VAL B 562 21.21 24.74 -7.74
N ASN B 563 22.36 24.25 -8.19
CA ASN B 563 22.88 22.96 -7.74
C ASN B 563 24.11 23.20 -6.88
N PRO B 564 24.05 22.96 -5.57
CA PRO B 564 25.20 23.25 -4.71
C PRO B 564 26.46 22.48 -5.10
N ALA B 565 26.32 21.21 -5.50
CA ALA B 565 27.49 20.46 -5.93
C ALA B 565 28.09 21.05 -7.20
N LEU B 566 27.24 21.45 -8.15
CA LEU B 566 27.74 22.08 -9.36
C LEU B 566 28.39 23.43 -9.05
N ILE B 567 27.83 24.18 -8.10
CA ILE B 567 28.43 25.46 -7.72
C ILE B 567 29.80 25.25 -7.10
N MET B 568 29.93 24.26 -6.22
CA MET B 568 31.24 23.97 -5.63
C MET B 568 32.23 23.49 -6.67
N GLY B 569 31.78 22.68 -7.63
CA GLY B 569 32.67 22.24 -8.69
C GLY B 569 33.13 23.40 -9.57
N ALA B 570 32.22 24.31 -9.89
CA ALA B 570 32.57 25.49 -10.68
C ALA B 570 33.55 26.38 -9.91
N ARG B 571 33.34 26.53 -8.61
CA ARG B 571 34.26 27.31 -7.80
C ARG B 571 35.64 26.68 -7.76
N ARG B 572 35.71 25.35 -7.62
CA ARG B 572 36.99 24.67 -7.61
C ARG B 572 37.71 24.79 -8.95
N LYS B 573 36.96 24.65 -10.06
CA LYS B 573 37.59 24.77 -11.36
C LYS B 573 38.02 26.20 -11.67
N ALA B 574 37.28 27.21 -11.21
CA ALA B 574 37.75 28.59 -11.29
C ALA B 574 38.99 28.82 -10.45
N MET B 575 39.06 28.18 -9.27
CA MET B 575 40.25 28.29 -8.44
C MET B 575 41.47 27.71 -9.13
N ARG B 576 41.33 26.52 -9.74
CA ARG B 576 42.49 25.93 -10.42
C ARG B 576 42.83 26.69 -11.70
N LYS B 577 41.83 27.30 -12.35
CA LYS B 577 42.11 28.18 -13.48
C LYS B 577 42.93 29.39 -13.04
N TYR B 578 42.56 30.00 -11.91
CA TYR B 578 43.25 31.19 -11.43
C TYR B 578 44.57 30.86 -10.72
N ALA B 579 44.86 29.59 -10.47
CA ALA B 579 46.08 29.23 -9.76
C ALA B 579 47.35 29.53 -10.57
N LYS B 580 47.23 29.65 -11.89
CA LYS B 580 48.39 29.92 -12.74
C LYS B 580 48.47 31.41 -13.10
N VAL B 614 26.80 24.61 24.10
CA VAL B 614 27.55 24.30 22.88
C VAL B 614 27.36 25.42 21.87
N LYS B 615 28.41 25.72 21.11
CA LYS B 615 28.38 26.74 20.08
C LYS B 615 28.66 26.10 18.73
N TYR B 616 27.79 26.37 17.77
CA TYR B 616 27.92 25.82 16.43
C TYR B 616 28.36 26.91 15.45
N PRO B 617 29.07 26.55 14.38
CA PRO B 617 29.43 27.55 13.38
C PRO B 617 28.20 28.04 12.65
N PRO B 618 28.24 29.23 12.06
CA PRO B 618 27.08 29.74 11.32
C PRO B 618 26.69 28.80 10.19
N ILE B 619 25.39 28.67 9.98
CA ILE B 619 24.88 27.72 8.98
C ILE B 619 25.30 28.16 7.58
N VAL B 620 25.16 29.44 7.29
CA VAL B 620 25.49 29.98 5.98
C VAL B 620 26.79 30.76 6.10
N ILE B 621 27.82 30.33 5.38
CA ILE B 621 29.12 30.99 5.37
C ILE B 621 29.14 31.97 4.20
N LYS B 622 29.74 33.14 4.44
CA LYS B 622 29.85 34.15 3.41
C LYS B 622 30.88 33.72 2.38
N THR B 623 30.73 34.23 1.15
CA THR B 623 31.67 33.88 0.09
C THR B 623 33.06 34.45 0.38
N THR B 624 34.05 33.55 0.46
CA THR B 624 35.41 33.93 0.80
C THR B 624 36.30 34.16 -0.40
N PHE B 625 35.80 33.93 -1.60
CA PHE B 625 36.62 34.09 -2.79
C PHE B 625 36.74 35.57 -3.13
N PRO B 626 37.96 36.09 -3.26
CA PRO B 626 38.13 37.53 -3.49
C PRO B 626 37.77 37.92 -4.93
N GLU B 627 37.74 39.23 -5.15
CA GLU B 627 37.44 39.77 -6.47
C GLU B 627 38.46 39.35 -7.52
N GLU B 628 39.70 39.08 -7.11
CA GLU B 628 40.72 38.62 -8.05
C GLU B 628 40.32 37.29 -8.68
N LEU B 629 39.89 36.33 -7.86
CA LEU B 629 39.40 35.06 -8.37
C LEU B 629 38.00 35.17 -8.94
N GLN B 630 37.18 36.06 -8.40
CA GLN B 630 35.80 36.23 -8.87
C GLN B 630 35.72 36.88 -10.24
N ARG B 631 36.83 37.39 -10.77
CA ARG B 631 36.80 38.02 -12.09
C ARG B 631 36.48 37.01 -13.18
N PHE B 632 36.97 35.78 -13.05
CA PHE B 632 36.72 34.71 -14.02
C PHE B 632 35.81 33.69 -13.37
N MET B 633 34.50 33.91 -13.47
CA MET B 633 33.50 33.03 -12.91
C MET B 633 32.35 32.88 -13.88
N PRO B 634 31.64 31.73 -13.85
CA PRO B 634 30.38 31.63 -14.61
C PRO B 634 29.24 32.33 -13.87
N GLN B 635 29.18 33.64 -14.04
CA GLN B 635 28.26 34.47 -13.27
C GLN B 635 26.82 34.14 -13.60
N THR B 636 26.00 34.03 -12.56
CA THR B 636 24.58 33.69 -12.70
C THR B 636 23.73 34.74 -12.01
N GLU B 637 22.44 34.45 -11.82
CA GLU B 637 21.57 35.36 -11.08
C GLU B 637 22.06 35.54 -9.65
N ASN B 638 22.72 34.52 -9.10
CA ASN B 638 23.26 34.54 -7.73
C ASN B 638 22.15 34.87 -6.73
N VAL B 639 21.16 33.98 -6.67
CA VAL B 639 20.04 34.18 -5.75
C VAL B 639 20.57 34.06 -4.33
N HIS B 640 20.27 35.07 -3.51
CA HIS B 640 20.77 35.09 -2.15
C HIS B 640 20.01 34.13 -1.25
N THR B 641 18.73 33.87 -1.53
CA THR B 641 17.95 32.93 -0.74
C THR B 641 17.14 32.05 -1.68
N ILE B 642 16.84 30.85 -1.20
CA ILE B 642 15.78 30.02 -1.77
C ILE B 642 14.84 29.64 -0.64
N ILE B 643 13.54 29.74 -0.90
CA ILE B 643 12.53 29.46 0.11
C ILE B 643 11.67 28.30 -0.38
N LEU B 644 11.45 27.34 0.51
CA LEU B 644 10.71 26.12 0.18
C LEU B 644 9.45 26.11 1.03
N ASP B 645 8.35 26.56 0.46
CA ASP B 645 7.11 26.65 1.23
C ASP B 645 6.58 25.26 1.56
N PHE B 646 6.13 25.09 2.79
CA PHE B 646 5.62 23.82 3.28
C PHE B 646 4.13 23.91 3.57
N THR B 647 3.41 24.78 2.86
CA THR B 647 1.97 24.88 3.06
C THR B 647 1.25 23.64 2.55
N GLN B 648 1.75 23.02 1.49
CA GLN B 648 1.08 21.88 0.88
C GLN B 648 1.52 20.53 1.43
N VAL B 649 2.56 20.48 2.25
CA VAL B 649 2.99 19.21 2.82
C VAL B 649 2.11 18.89 4.01
N ASN B 650 2.00 17.60 4.33
CA ASN B 650 1.20 17.13 5.45
C ASN B 650 2.03 16.70 6.65
N PHE B 651 3.20 16.11 6.42
CA PHE B 651 4.04 15.62 7.50
C PHE B 651 5.47 15.53 6.98
N ILE B 652 6.39 15.24 7.90
CA ILE B 652 7.80 15.04 7.56
C ILE B 652 8.22 13.70 8.14
N ASP B 653 8.88 12.89 7.32
CA ASP B 653 9.43 11.63 7.81
C ASP B 653 10.87 11.86 8.28
N SER B 654 11.42 10.84 8.95
CA SER B 654 12.79 10.94 9.45
C SER B 654 13.79 11.11 8.31
N VAL B 655 13.60 10.33 7.23
CA VAL B 655 14.44 10.50 6.05
C VAL B 655 14.24 11.89 5.46
N GLY B 656 13.00 12.40 5.50
CA GLY B 656 12.75 13.76 5.07
C GLY B 656 13.49 14.78 5.92
N VAL B 657 13.52 14.57 7.23
CA VAL B 657 14.26 15.48 8.12
C VAL B 657 15.75 15.46 7.78
N LYS B 658 16.30 14.26 7.57
CA LYS B 658 17.72 14.16 7.24
C LYS B 658 18.02 14.85 5.91
N THR B 659 17.17 14.64 4.91
CA THR B 659 17.37 15.28 3.61
C THR B 659 17.29 16.79 3.73
N LEU B 660 16.31 17.30 4.49
CA LEU B 660 16.18 18.73 4.67
C LEU B 660 17.40 19.32 5.39
N ALA B 661 17.89 18.61 6.41
CA ALA B 661 19.05 19.09 7.15
C ALA B 661 20.29 19.13 6.27
N VAL B 662 20.53 18.07 5.49
CA VAL B 662 21.70 18.05 4.63
C VAL B 662 21.56 19.08 3.51
N MET B 663 20.33 19.33 3.06
CA MET B 663 20.09 20.36 2.05
C MET B 663 20.43 21.74 2.59
N VAL B 664 19.96 22.04 3.80
CA VAL B 664 20.26 23.32 4.43
C VAL B 664 21.77 23.47 4.64
N LYS B 665 22.42 22.40 5.09
CA LYS B 665 23.87 22.44 5.29
C LYS B 665 24.61 22.70 3.98
N GLU B 666 24.22 22.01 2.90
CA GLU B 666 24.90 22.20 1.62
C GLU B 666 24.69 23.62 1.09
N TYR B 667 23.46 24.13 1.15
CA TYR B 667 23.21 25.48 0.66
C TYR B 667 23.91 26.53 1.51
N GLY B 668 24.03 26.29 2.82
CA GLY B 668 24.81 27.19 3.65
C GLY B 668 26.30 27.14 3.33
N ASP B 669 26.80 25.94 3.03
CA ASP B 669 28.20 25.81 2.64
C ASP B 669 28.48 26.57 1.34
N VAL B 670 27.56 26.49 0.38
CA VAL B 670 27.67 27.32 -0.81
C VAL B 670 27.54 28.79 -0.44
N GLY B 671 26.63 29.11 0.48
CA GLY B 671 26.42 30.48 0.90
C GLY B 671 25.03 30.97 0.58
N ILE B 672 24.06 30.06 0.60
CA ILE B 672 22.69 30.36 0.19
C ILE B 672 21.78 30.14 1.39
N TYR B 673 21.06 31.19 1.79
CA TYR B 673 20.10 31.05 2.88
C TYR B 673 18.89 30.24 2.42
N VAL B 674 18.37 29.41 3.31
CA VAL B 674 17.21 28.59 3.04
C VAL B 674 16.16 28.88 4.11
N TYR B 675 14.95 29.23 3.67
CA TYR B 675 13.85 29.51 4.57
C TYR B 675 12.70 28.56 4.31
N LEU B 676 11.93 28.28 5.36
CA LEU B 676 10.75 27.43 5.28
C LEU B 676 9.51 28.30 5.48
N ALA B 677 8.59 28.24 4.53
CA ALA B 677 7.43 29.12 4.52
C ALA B 677 6.17 28.32 4.80
N GLY B 678 5.37 28.79 5.75
CA GLY B 678 4.05 28.22 6.00
C GLY B 678 4.07 26.78 6.45
N CYS B 679 5.01 26.41 7.32
CA CYS B 679 5.02 25.06 7.87
C CYS B 679 3.83 24.88 8.81
N SER B 680 3.10 23.79 8.62
CA SER B 680 1.97 23.47 9.48
C SER B 680 2.48 23.13 10.88
N PRO B 681 1.64 23.30 11.90
CA PRO B 681 2.07 22.93 13.26
C PRO B 681 2.48 21.47 13.39
N GLN B 682 1.86 20.58 12.61
CA GLN B 682 2.32 19.20 12.58
C GLN B 682 3.72 19.08 11.99
N VAL B 683 4.01 19.88 10.96
CA VAL B 683 5.35 19.86 10.37
C VAL B 683 6.38 20.40 11.34
N VAL B 684 6.05 21.47 12.06
CA VAL B 684 6.96 22.02 13.06
C VAL B 684 7.16 21.02 14.19
N ASN B 685 6.10 20.31 14.57
CA ASN B 685 6.23 19.26 15.58
C ASN B 685 7.13 18.12 15.08
N ASP B 686 7.02 17.79 13.80
CA ASP B 686 7.86 16.72 13.26
C ASP B 686 9.31 17.16 13.12
N LEU B 687 9.53 18.47 12.95
CA LEU B 687 10.89 18.98 12.86
C LEU B 687 11.55 19.03 14.23
N THR B 688 10.86 19.61 15.22
CA THR B 688 11.40 19.61 16.59
C THR B 688 11.40 18.23 17.21
N ARG B 689 10.61 17.31 16.67
CA ARG B 689 10.64 15.91 17.10
C ARG B 689 12.01 15.30 16.88
N ASN B 690 12.58 15.50 15.70
CA ASN B 690 13.90 14.98 15.37
C ASN B 690 14.97 15.93 15.90
N ARG B 691 16.22 15.70 15.51
CA ARG B 691 17.34 16.52 15.93
C ARG B 691 17.59 17.67 14.97
N PHE B 692 16.56 18.09 14.23
CA PHE B 692 16.71 19.21 13.30
C PHE B 692 16.89 20.54 14.02
N PHE B 693 16.26 20.71 15.19
CA PHE B 693 16.34 21.94 15.95
C PHE B 693 17.32 21.86 17.11
N GLU B 694 18.32 20.98 17.01
CA GLU B 694 19.39 20.98 18.00
C GLU B 694 20.16 22.30 17.96
N ASN B 695 20.41 22.81 16.77
CA ASN B 695 21.00 24.13 16.61
C ASN B 695 19.89 25.16 16.78
N PRO B 696 19.95 26.04 17.79
CA PRO B 696 18.87 27.01 17.99
C PRO B 696 18.81 28.09 16.92
N ALA B 697 19.82 28.21 16.07
CA ALA B 697 19.83 29.21 15.00
C ALA B 697 19.15 28.70 13.74
N LEU B 698 18.28 27.69 13.85
CA LEU B 698 17.45 27.26 12.74
C LEU B 698 15.98 27.58 12.93
N LYS B 699 15.59 28.08 14.10
CA LYS B 699 14.20 28.45 14.33
C LYS B 699 13.79 29.69 13.55
N GLU B 700 14.75 30.50 13.11
CA GLU B 700 14.46 31.72 12.38
C GLU B 700 14.40 31.52 10.87
N LEU B 701 14.58 30.28 10.40
CA LEU B 701 14.36 29.94 9.00
C LEU B 701 12.92 29.56 8.72
N LEU B 702 12.05 29.63 9.72
CA LEU B 702 10.66 29.23 9.60
C LEU B 702 9.79 30.48 9.48
N PHE B 703 8.92 30.50 8.49
CA PHE B 703 8.05 31.64 8.25
C PHE B 703 6.61 31.18 8.07
N HIS B 704 5.68 32.04 8.47
CA HIS B 704 4.27 31.68 8.43
C HIS B 704 3.68 31.69 7.03
N SER B 705 4.32 32.38 6.09
CA SER B 705 3.79 32.46 4.74
C SER B 705 4.93 32.74 3.77
N ILE B 706 4.64 32.52 2.49
CA ILE B 706 5.64 32.78 1.46
C ILE B 706 6.00 34.25 1.41
N HIS B 707 4.98 35.12 1.48
CA HIS B 707 5.23 36.55 1.50
C HIS B 707 6.00 36.96 2.74
N ASP B 708 5.72 36.32 3.87
CA ASP B 708 6.48 36.59 5.09
C ASP B 708 7.94 36.24 4.91
N ALA B 709 8.23 35.10 4.29
CA ALA B 709 9.62 34.71 4.05
C ALA B 709 10.30 35.67 3.09
N VAL B 710 9.60 36.10 2.04
CA VAL B 710 10.18 37.04 1.08
C VAL B 710 10.50 38.37 1.76
N LEU B 711 9.57 38.87 2.57
CA LEU B 711 9.80 40.12 3.27
C LEU B 711 10.91 40.00 4.29
N GLY B 712 11.00 38.86 4.98
CA GLY B 712 12.10 38.65 5.91
C GLY B 712 13.45 38.63 5.20
N SER B 713 13.50 37.98 4.03
CA SER B 713 14.73 37.99 3.25
C SER B 713 15.09 39.41 2.81
N HIS B 714 14.09 40.19 2.40
CA HIS B 714 14.35 41.58 2.01
C HIS B 714 14.87 42.40 3.18
N VAL B 715 14.29 42.21 4.37
CA VAL B 715 14.73 42.95 5.55
C VAL B 715 16.15 42.56 5.92
N ARG B 716 16.47 41.26 5.86
CA ARG B 716 17.82 40.82 6.19
C ARG B 716 18.84 41.35 5.18
N GLU B 717 18.47 41.38 3.89
CA GLU B 717 19.36 41.95 2.88
C GLU B 717 19.59 43.44 3.13
N ALA B 718 18.52 44.17 3.46
CA ALA B 718 18.66 45.60 3.75
C ALA B 718 19.53 45.83 4.97
N MET B 719 19.34 45.02 6.01
CA MET B 719 20.17 45.14 7.21
C MET B 719 21.63 44.83 6.93
N ALA B 720 21.90 43.80 6.12
CA ALA B 720 23.27 43.47 5.75
C ALA B 720 23.91 44.61 4.96
N GLU B 721 23.16 45.19 4.02
CA GLU B 721 23.70 46.31 3.25
C GLU B 721 23.96 47.52 4.13
N GLN B 722 23.06 47.80 5.08
CA GLN B 722 23.26 48.92 5.99
C GLN B 722 24.48 48.68 6.88
N GLU B 723 24.66 47.46 7.37
CA GLU B 723 25.83 47.14 8.18
C GLU B 723 27.12 47.27 7.37
N ALA B 724 27.09 46.82 6.11
CA ALA B 724 28.27 46.96 5.25
C ALA B 724 28.60 48.42 4.99
N SER B 725 27.57 49.25 4.75
CA SER B 725 27.80 50.67 4.52
C SER B 725 28.10 51.40 5.82
N ALA B 726 27.17 51.34 6.77
CA ALA B 726 27.33 52.00 8.05
C ALA B 726 27.85 51.03 9.12
#